data_1EW3
# 
_entry.id   1EW3 
# 
_audit_conform.dict_name       mmcif_pdbx.dic 
_audit_conform.dict_version    5.398 
_audit_conform.dict_location   http://mmcif.pdb.org/dictionaries/ascii/mmcif_pdbx.dic 
# 
loop_
_database_2.database_id 
_database_2.database_code 
_database_2.pdbx_database_accession 
_database_2.pdbx_DOI 
PDB   1EW3         pdb_00001ew3 10.2210/pdb1ew3/pdb 
RCSB  RCSB010948   ?            ?                   
WWPDB D_1000010948 ?            ?                   
# 
loop_
_pdbx_audit_revision_history.ordinal 
_pdbx_audit_revision_history.data_content_type 
_pdbx_audit_revision_history.major_revision 
_pdbx_audit_revision_history.minor_revision 
_pdbx_audit_revision_history.revision_date 
1 'Structure model' 1 0 2000-05-03 
2 'Structure model' 1 1 2008-04-27 
3 'Structure model' 1 2 2011-07-13 
4 'Structure model' 1 3 2024-11-13 
# 
_pdbx_audit_revision_details.ordinal             1 
_pdbx_audit_revision_details.revision_ordinal    1 
_pdbx_audit_revision_details.data_content_type   'Structure model' 
_pdbx_audit_revision_details.provider            repository 
_pdbx_audit_revision_details.type                'Initial release' 
_pdbx_audit_revision_details.description         ? 
_pdbx_audit_revision_details.details             ? 
# 
loop_
_pdbx_audit_revision_group.ordinal 
_pdbx_audit_revision_group.revision_ordinal 
_pdbx_audit_revision_group.data_content_type 
_pdbx_audit_revision_group.group 
1 2 'Structure model' 'Version format compliance' 
2 3 'Structure model' 'Version format compliance' 
3 4 'Structure model' 'Data collection'           
4 4 'Structure model' 'Database references'       
5 4 'Structure model' 'Structure summary'         
# 
loop_
_pdbx_audit_revision_category.ordinal 
_pdbx_audit_revision_category.revision_ordinal 
_pdbx_audit_revision_category.data_content_type 
_pdbx_audit_revision_category.category 
1 4 'Structure model' chem_comp_atom            
2 4 'Structure model' chem_comp_bond            
3 4 'Structure model' database_2                
4 4 'Structure model' diffrn_source             
5 4 'Structure model' pdbx_entry_details        
6 4 'Structure model' pdbx_modification_feature 
# 
loop_
_pdbx_audit_revision_item.ordinal 
_pdbx_audit_revision_item.revision_ordinal 
_pdbx_audit_revision_item.data_content_type 
_pdbx_audit_revision_item.item 
1 4 'Structure model' '_database_2.pdbx_DOI'                 
2 4 'Structure model' '_database_2.pdbx_database_accession'  
3 4 'Structure model' '_diffrn_source.pdbx_synchrotron_site' 
# 
_pdbx_database_status.status_code                     REL 
_pdbx_database_status.entry_id                        1EW3 
_pdbx_database_status.recvd_initial_deposition_date   2000-04-21 
_pdbx_database_status.deposit_site                    RCSB 
_pdbx_database_status.process_site                    RCSB 
_pdbx_database_status.SG_entry                        . 
_pdbx_database_status.pdb_format_compatible           Y 
_pdbx_database_status.status_code_mr                  ? 
_pdbx_database_status.status_code_sf                  ? 
_pdbx_database_status.status_code_cs                  ? 
_pdbx_database_status.status_code_nmr_data            ? 
_pdbx_database_status.methods_development_category    ? 
# 
loop_
_audit_author.name 
_audit_author.pdbx_ordinal 
'Lascombe, M.B.'      1  
'Gregoire, C.'        2  
'Poncet, P.'          3  
'Tavares, G.A.'       4  
'Rosinski-Chupin, I.' 5  
'Rabillon, J.'        6  
'Goubran-Botros, H.'  7  
'Mazie, J.C.'         8  
'David, B.'           9  
'Alzari, P.M.'        10 
# 
loop_
_citation.id 
_citation.title 
_citation.journal_abbrev 
_citation.journal_volume 
_citation.page_first 
_citation.page_last 
_citation.year 
_citation.journal_id_ASTM 
_citation.country 
_citation.journal_id_ISSN 
_citation.journal_id_CSD 
_citation.book_publisher 
_citation.pdbx_database_id_PubMed 
_citation.pdbx_database_id_DOI 
primary 'Crystal structure of the allergen Equ c 1. A dimeric lipocalin with restricted IgE-reactive epitopes.' J.Biol.Chem. 275 
21572 21577 2000 JBCHA3 US 0021-9258 0071 ? 10787420 10.1074/jbc.M002854200    
1       'Crystallization and Preliminary Crystallographic Analysis of the Major Horse Allergen Equ c 1'         
'Acta Crystallogr.,Sect.D' 55  880   882   1999 ABCRE6 DK 0907-4449 0766 ? ?        10.1107/S0907444998015510 
# 
loop_
_citation_author.citation_id 
_citation_author.name 
_citation_author.ordinal 
_citation_author.identifier_ORCID 
primary 'Lascombe, M.B.'      1  ? 
primary 'Gregoire, C.'        2  ? 
primary 'Poncet, P.'          3  ? 
primary 'Tavares, G.A.'       4  ? 
primary 'Rosinski-Chupin, I.' 5  ? 
primary 'Rabillon, J.'        6  ? 
primary 'Goubran-Botros, H.'  7  ? 
primary 'Mazie, J.C.'         8  ? 
primary 'David, B.'           9  ? 
primary 'Alzari, P.M.'        10 ? 
1       'Gregoire, C.'        11 ? 
1       'Tavares, G.A.'       12 ? 
1       'Lorenzo, H.K.'       13 ? 
1       'Dandeu, J.P.'        14 ? 
1       'David, B.'           15 ? 
1       'Alzari, P.M.'        16 ? 
# 
loop_
_entity.id 
_entity.type 
_entity.src_method 
_entity.pdbx_description 
_entity.formula_weight 
_entity.pdbx_number_of_molecules 
_entity.pdbx_ec 
_entity.pdbx_mutation 
_entity.pdbx_fragment 
_entity.details 
1 polymer man 'ALLERGEN EQU C 1' 18747.090 1  ? ? ? ? 
2 water   nat water              18.015    79 ? ? ? ? 
# 
_entity_poly.entity_id                      1 
_entity_poly.type                           'polypeptide(L)' 
_entity_poly.nstd_linkage                   no 
_entity_poly.nstd_monomer                   no 
_entity_poly.pdbx_seq_one_letter_code       
;VAIRNFDISKISGEWYSIFLASDVKEKIEENGSMRVFVDVIRALDNSSLYAEYQTKVNGECTEFPMVFDKTEEDGVYSLN
YDGYNVFRISEFENDEHIILYLVNFDKDRPFQLFEFYAREPDVSPEIKEEFVKIVQKRGIVKENIIDLTKIDRCFQLRG
;
_entity_poly.pdbx_seq_one_letter_code_can   
;VAIRNFDISKISGEWYSIFLASDVKEKIEENGSMRVFVDVIRALDNSSLYAEYQTKVNGECTEFPMVFDKTEEDGVYSLN
YDGYNVFRISEFENDEHIILYLVNFDKDRPFQLFEFYAREPDVSPEIKEEFVKIVQKRGIVKENIIDLTKIDRCFQLRG
;
_entity_poly.pdbx_strand_id                 A 
_entity_poly.pdbx_target_identifier         ? 
# 
_pdbx_entity_nonpoly.entity_id   2 
_pdbx_entity_nonpoly.name        water 
_pdbx_entity_nonpoly.comp_id     HOH 
# 
loop_
_entity_poly_seq.entity_id 
_entity_poly_seq.num 
_entity_poly_seq.mon_id 
_entity_poly_seq.hetero 
1 1   VAL n 
1 2   ALA n 
1 3   ILE n 
1 4   ARG n 
1 5   ASN n 
1 6   PHE n 
1 7   ASP n 
1 8   ILE n 
1 9   SER n 
1 10  LYS n 
1 11  ILE n 
1 12  SER n 
1 13  GLY n 
1 14  GLU n 
1 15  TRP n 
1 16  TYR n 
1 17  SER n 
1 18  ILE n 
1 19  PHE n 
1 20  LEU n 
1 21  ALA n 
1 22  SER n 
1 23  ASP n 
1 24  VAL n 
1 25  LYS n 
1 26  GLU n 
1 27  LYS n 
1 28  ILE n 
1 29  GLU n 
1 30  GLU n 
1 31  ASN n 
1 32  GLY n 
1 33  SER n 
1 34  MET n 
1 35  ARG n 
1 36  VAL n 
1 37  PHE n 
1 38  VAL n 
1 39  ASP n 
1 40  VAL n 
1 41  ILE n 
1 42  ARG n 
1 43  ALA n 
1 44  LEU n 
1 45  ASP n 
1 46  ASN n 
1 47  SER n 
1 48  SER n 
1 49  LEU n 
1 50  TYR n 
1 51  ALA n 
1 52  GLU n 
1 53  TYR n 
1 54  GLN n 
1 55  THR n 
1 56  LYS n 
1 57  VAL n 
1 58  ASN n 
1 59  GLY n 
1 60  GLU n 
1 61  CYS n 
1 62  THR n 
1 63  GLU n 
1 64  PHE n 
1 65  PRO n 
1 66  MET n 
1 67  VAL n 
1 68  PHE n 
1 69  ASP n 
1 70  LYS n 
1 71  THR n 
1 72  GLU n 
1 73  GLU n 
1 74  ASP n 
1 75  GLY n 
1 76  VAL n 
1 77  TYR n 
1 78  SER n 
1 79  LEU n 
1 80  ASN n 
1 81  TYR n 
1 82  ASP n 
1 83  GLY n 
1 84  TYR n 
1 85  ASN n 
1 86  VAL n 
1 87  PHE n 
1 88  ARG n 
1 89  ILE n 
1 90  SER n 
1 91  GLU n 
1 92  PHE n 
1 93  GLU n 
1 94  ASN n 
1 95  ASP n 
1 96  GLU n 
1 97  HIS n 
1 98  ILE n 
1 99  ILE n 
1 100 LEU n 
1 101 TYR n 
1 102 LEU n 
1 103 VAL n 
1 104 ASN n 
1 105 PHE n 
1 106 ASP n 
1 107 LYS n 
1 108 ASP n 
1 109 ARG n 
1 110 PRO n 
1 111 PHE n 
1 112 GLN n 
1 113 LEU n 
1 114 PHE n 
1 115 GLU n 
1 116 PHE n 
1 117 TYR n 
1 118 ALA n 
1 119 ARG n 
1 120 GLU n 
1 121 PRO n 
1 122 ASP n 
1 123 VAL n 
1 124 SER n 
1 125 PRO n 
1 126 GLU n 
1 127 ILE n 
1 128 LYS n 
1 129 GLU n 
1 130 GLU n 
1 131 PHE n 
1 132 VAL n 
1 133 LYS n 
1 134 ILE n 
1 135 VAL n 
1 136 GLN n 
1 137 LYS n 
1 138 ARG n 
1 139 GLY n 
1 140 ILE n 
1 141 VAL n 
1 142 LYS n 
1 143 GLU n 
1 144 ASN n 
1 145 ILE n 
1 146 ILE n 
1 147 ASP n 
1 148 LEU n 
1 149 THR n 
1 150 LYS n 
1 151 ILE n 
1 152 ASP n 
1 153 ARG n 
1 154 CYS n 
1 155 PHE n 
1 156 GLN n 
1 157 LEU n 
1 158 ARG n 
1 159 GLY n 
# 
_entity_src_gen.entity_id                          1 
_entity_src_gen.pdbx_src_id                        1 
_entity_src_gen.pdbx_alt_source_flag               sample 
_entity_src_gen.pdbx_seq_type                      ? 
_entity_src_gen.pdbx_beg_seq_num                   ? 
_entity_src_gen.pdbx_end_seq_num                   ? 
_entity_src_gen.gene_src_common_name               horse 
_entity_src_gen.gene_src_genus                     Equus 
_entity_src_gen.pdbx_gene_src_gene                 ? 
_entity_src_gen.gene_src_species                   ? 
_entity_src_gen.gene_src_strain                    ? 
_entity_src_gen.gene_src_tissue                    ? 
_entity_src_gen.gene_src_tissue_fraction           ? 
_entity_src_gen.gene_src_details                   ? 
_entity_src_gen.pdbx_gene_src_fragment             ? 
_entity_src_gen.pdbx_gene_src_scientific_name      'Equus caballus' 
_entity_src_gen.pdbx_gene_src_ncbi_taxonomy_id     9796 
_entity_src_gen.pdbx_gene_src_variant              ? 
_entity_src_gen.pdbx_gene_src_cell_line            ? 
_entity_src_gen.pdbx_gene_src_atcc                 ? 
_entity_src_gen.pdbx_gene_src_organ                'SUBLINGUAL SALIVARY GLAND' 
_entity_src_gen.pdbx_gene_src_organelle            ? 
_entity_src_gen.pdbx_gene_src_cell                 ? 
_entity_src_gen.pdbx_gene_src_cellular_location    ? 
_entity_src_gen.host_org_common_name               ? 
_entity_src_gen.pdbx_host_org_scientific_name      'Escherichia coli' 
_entity_src_gen.pdbx_host_org_ncbi_taxonomy_id     562 
_entity_src_gen.host_org_genus                     Escherichia 
_entity_src_gen.pdbx_host_org_gene                 ? 
_entity_src_gen.pdbx_host_org_organ                ? 
_entity_src_gen.host_org_species                   ? 
_entity_src_gen.pdbx_host_org_tissue               ? 
_entity_src_gen.pdbx_host_org_tissue_fraction      ? 
_entity_src_gen.pdbx_host_org_strain               ? 
_entity_src_gen.pdbx_host_org_variant              ? 
_entity_src_gen.pdbx_host_org_cell_line            ? 
_entity_src_gen.pdbx_host_org_atcc                 ? 
_entity_src_gen.pdbx_host_org_culture_collection   ? 
_entity_src_gen.pdbx_host_org_cell                 ? 
_entity_src_gen.pdbx_host_org_organelle            ? 
_entity_src_gen.pdbx_host_org_cellular_location    ? 
_entity_src_gen.pdbx_host_org_vector_type          ? 
_entity_src_gen.pdbx_host_org_vector               ? 
_entity_src_gen.host_org_details                   ? 
_entity_src_gen.expression_system_id               ? 
_entity_src_gen.plasmid_name                       PET28 
_entity_src_gen.plasmid_details                    ? 
_entity_src_gen.pdbx_description                   ? 
# 
loop_
_chem_comp.id 
_chem_comp.type 
_chem_comp.mon_nstd_flag 
_chem_comp.name 
_chem_comp.pdbx_synonyms 
_chem_comp.formula 
_chem_comp.formula_weight 
ALA 'L-peptide linking' y ALANINE         ? 'C3 H7 N O2'     89.093  
ARG 'L-peptide linking' y ARGININE        ? 'C6 H15 N4 O2 1' 175.209 
ASN 'L-peptide linking' y ASPARAGINE      ? 'C4 H8 N2 O3'    132.118 
ASP 'L-peptide linking' y 'ASPARTIC ACID' ? 'C4 H7 N O4'     133.103 
CYS 'L-peptide linking' y CYSTEINE        ? 'C3 H7 N O2 S'   121.158 
GLN 'L-peptide linking' y GLUTAMINE       ? 'C5 H10 N2 O3'   146.144 
GLU 'L-peptide linking' y 'GLUTAMIC ACID' ? 'C5 H9 N O4'     147.129 
GLY 'peptide linking'   y GLYCINE         ? 'C2 H5 N O2'     75.067  
HIS 'L-peptide linking' y HISTIDINE       ? 'C6 H10 N3 O2 1' 156.162 
HOH non-polymer         . WATER           ? 'H2 O'           18.015  
ILE 'L-peptide linking' y ISOLEUCINE      ? 'C6 H13 N O2'    131.173 
LEU 'L-peptide linking' y LEUCINE         ? 'C6 H13 N O2'    131.173 
LYS 'L-peptide linking' y LYSINE          ? 'C6 H15 N2 O2 1' 147.195 
MET 'L-peptide linking' y METHIONINE      ? 'C5 H11 N O2 S'  149.211 
PHE 'L-peptide linking' y PHENYLALANINE   ? 'C9 H11 N O2'    165.189 
PRO 'L-peptide linking' y PROLINE         ? 'C5 H9 N O2'     115.130 
SER 'L-peptide linking' y SERINE          ? 'C3 H7 N O3'     105.093 
THR 'L-peptide linking' y THREONINE       ? 'C4 H9 N O3'     119.119 
TRP 'L-peptide linking' y TRYPTOPHAN      ? 'C11 H12 N2 O2'  204.225 
TYR 'L-peptide linking' y TYROSINE        ? 'C9 H11 N O3'    181.189 
VAL 'L-peptide linking' y VALINE          ? 'C5 H11 N O2'    117.146 
# 
loop_
_pdbx_poly_seq_scheme.asym_id 
_pdbx_poly_seq_scheme.entity_id 
_pdbx_poly_seq_scheme.seq_id 
_pdbx_poly_seq_scheme.mon_id 
_pdbx_poly_seq_scheme.ndb_seq_num 
_pdbx_poly_seq_scheme.pdb_seq_num 
_pdbx_poly_seq_scheme.auth_seq_num 
_pdbx_poly_seq_scheme.pdb_mon_id 
_pdbx_poly_seq_scheme.auth_mon_id 
_pdbx_poly_seq_scheme.pdb_strand_id 
_pdbx_poly_seq_scheme.pdb_ins_code 
_pdbx_poly_seq_scheme.hetero 
A 1 1   VAL 1   23  23  VAL VAL A . n 
A 1 2   ALA 2   24  24  ALA ALA A . n 
A 1 3   ILE 3   25  25  ILE ILE A . n 
A 1 4   ARG 4   26  26  ARG ARG A . n 
A 1 5   ASN 5   27  27  ASN ASN A . n 
A 1 6   PHE 6   28  28  PHE PHE A . n 
A 1 7   ASP 7   29  29  ASP ASP A . n 
A 1 8   ILE 8   30  30  ILE ILE A . n 
A 1 9   SER 9   31  31  SER SER A . n 
A 1 10  LYS 10  32  32  LYS LYS A . n 
A 1 11  ILE 11  33  33  ILE ILE A . n 
A 1 12  SER 12  34  34  SER SER A . n 
A 1 13  GLY 13  35  35  GLY GLY A . n 
A 1 14  GLU 14  36  36  GLU GLU A . n 
A 1 15  TRP 15  37  37  TRP TRP A . n 
A 1 16  TYR 16  38  38  TYR TYR A . n 
A 1 17  SER 17  39  39  SER SER A . n 
A 1 18  ILE 18  40  40  ILE ILE A . n 
A 1 19  PHE 19  41  41  PHE PHE A . n 
A 1 20  LEU 20  42  42  LEU LEU A . n 
A 1 21  ALA 21  43  43  ALA ALA A . n 
A 1 22  SER 22  44  44  SER SER A . n 
A 1 23  ASP 23  45  45  ASP ASP A . n 
A 1 24  VAL 24  46  46  VAL VAL A . n 
A 1 25  LYS 25  47  47  LYS LYS A . n 
A 1 26  GLU 26  48  48  GLU GLU A . n 
A 1 27  LYS 27  49  49  LYS LYS A . n 
A 1 28  ILE 28  50  50  ILE ILE A . n 
A 1 29  GLU 29  51  51  GLU GLU A . n 
A 1 30  GLU 30  52  52  GLU GLU A . n 
A 1 31  ASN 31  53  53  ASN ASN A . n 
A 1 32  GLY 32  54  54  GLY GLY A . n 
A 1 33  SER 33  55  55  SER SER A . n 
A 1 34  MET 34  56  56  MET MET A . n 
A 1 35  ARG 35  57  57  ARG ARG A . n 
A 1 36  VAL 36  58  58  VAL VAL A . n 
A 1 37  PHE 37  59  59  PHE PHE A . n 
A 1 38  VAL 38  60  60  VAL VAL A . n 
A 1 39  ASP 39  61  61  ASP ASP A . n 
A 1 40  VAL 40  62  62  VAL VAL A . n 
A 1 41  ILE 41  63  63  ILE ILE A . n 
A 1 42  ARG 42  64  64  ARG ARG A . n 
A 1 43  ALA 43  65  65  ALA ALA A . n 
A 1 44  LEU 44  66  66  LEU LEU A . n 
A 1 45  ASP 45  67  67  ASP ASP A . n 
A 1 46  ASN 46  68  68  ASN ASN A . n 
A 1 47  SER 47  69  69  SER SER A . n 
A 1 48  SER 48  70  70  SER SER A . n 
A 1 49  LEU 49  71  71  LEU LEU A . n 
A 1 50  TYR 50  72  72  TYR TYR A . n 
A 1 51  ALA 51  73  73  ALA ALA A . n 
A 1 52  GLU 52  74  74  GLU GLU A . n 
A 1 53  TYR 53  75  75  TYR TYR A . n 
A 1 54  GLN 54  76  76  GLN GLN A . n 
A 1 55  THR 55  77  77  THR THR A . n 
A 1 56  LYS 56  78  78  LYS LYS A . n 
A 1 57  VAL 57  79  79  VAL VAL A . n 
A 1 58  ASN 58  80  80  ASN ASN A . n 
A 1 59  GLY 59  81  81  GLY GLY A . n 
A 1 60  GLU 60  82  82  GLU GLU A . n 
A 1 61  CYS 61  83  83  CYS CYS A . n 
A 1 62  THR 62  84  84  THR THR A . n 
A 1 63  GLU 63  85  85  GLU GLU A . n 
A 1 64  PHE 64  86  86  PHE PHE A . n 
A 1 65  PRO 65  87  87  PRO PRO A . n 
A 1 66  MET 66  88  88  MET MET A . n 
A 1 67  VAL 67  89  89  VAL VAL A . n 
A 1 68  PHE 68  90  90  PHE PHE A . n 
A 1 69  ASP 69  91  91  ASP ASP A . n 
A 1 70  LYS 70  92  92  LYS LYS A . n 
A 1 71  THR 71  93  93  THR THR A . n 
A 1 72  GLU 72  94  94  GLU GLU A . n 
A 1 73  GLU 73  95  95  GLU GLU A . n 
A 1 74  ASP 74  96  96  ASP ASP A . n 
A 1 75  GLY 75  97  97  GLY GLY A . n 
A 1 76  VAL 76  98  98  VAL VAL A . n 
A 1 77  TYR 77  99  99  TYR TYR A . n 
A 1 78  SER 78  100 100 SER SER A . n 
A 1 79  LEU 79  101 101 LEU LEU A . n 
A 1 80  ASN 80  102 102 ASN ASN A . n 
A 1 81  TYR 81  103 103 TYR TYR A . n 
A 1 82  ASP 82  104 104 ASP ASP A . n 
A 1 83  GLY 83  105 105 GLY GLY A . n 
A 1 84  TYR 84  106 106 TYR TYR A . n 
A 1 85  ASN 85  107 107 ASN ASN A . n 
A 1 86  VAL 86  108 108 VAL VAL A . n 
A 1 87  PHE 87  109 109 PHE PHE A . n 
A 1 88  ARG 88  110 110 ARG ARG A . n 
A 1 89  ILE 89  111 111 ILE ILE A . n 
A 1 90  SER 90  112 112 SER SER A . n 
A 1 91  GLU 91  113 113 GLU GLU A . n 
A 1 92  PHE 92  114 114 PHE PHE A . n 
A 1 93  GLU 93  115 115 GLU GLU A . n 
A 1 94  ASN 94  116 116 ASN ASN A . n 
A 1 95  ASP 95  117 117 ASP ASP A . n 
A 1 96  GLU 96  118 118 GLU GLU A . n 
A 1 97  HIS 97  119 119 HIS HIS A . n 
A 1 98  ILE 98  120 120 ILE ILE A . n 
A 1 99  ILE 99  121 121 ILE ILE A . n 
A 1 100 LEU 100 122 122 LEU LEU A . n 
A 1 101 TYR 101 123 123 TYR TYR A . n 
A 1 102 LEU 102 124 124 LEU LEU A . n 
A 1 103 VAL 103 125 125 VAL VAL A . n 
A 1 104 ASN 104 126 126 ASN ASN A . n 
A 1 105 PHE 105 127 127 PHE PHE A . n 
A 1 106 ASP 106 128 128 ASP ASP A . n 
A 1 107 LYS 107 129 129 LYS LYS A . n 
A 1 108 ASP 108 130 130 ASP ASP A . n 
A 1 109 ARG 109 131 131 ARG ALA A . n 
A 1 110 PRO 110 132 132 PRO PRO A . n 
A 1 111 PHE 111 133 133 PHE PHE A . n 
A 1 112 GLN 112 134 134 GLN GLN A . n 
A 1 113 LEU 113 135 135 LEU LEU A . n 
A 1 114 PHE 114 136 136 PHE PHE A . n 
A 1 115 GLU 115 137 137 GLU GLU A . n 
A 1 116 PHE 116 138 138 PHE PHE A . n 
A 1 117 TYR 117 139 139 TYR TYR A . n 
A 1 118 ALA 118 140 140 ALA ALA A . n 
A 1 119 ARG 119 141 141 ARG ARG A . n 
A 1 120 GLU 120 142 142 GLU GLU A . n 
A 1 121 PRO 121 143 143 PRO PRO A . n 
A 1 122 ASP 122 144 144 ASP ASP A . n 
A 1 123 VAL 123 145 145 VAL VAL A . n 
A 1 124 SER 124 146 146 SER SER A . n 
A 1 125 PRO 125 147 147 PRO PRO A . n 
A 1 126 GLU 126 148 148 GLU GLU A . n 
A 1 127 ILE 127 149 149 ILE ILE A . n 
A 1 128 LYS 128 150 150 LYS LYS A . n 
A 1 129 GLU 129 151 151 GLU GLU A . n 
A 1 130 GLU 130 152 152 GLU GLU A . n 
A 1 131 PHE 131 153 153 PHE PHE A . n 
A 1 132 VAL 132 154 154 VAL VAL A . n 
A 1 133 LYS 133 155 155 LYS LYS A . n 
A 1 134 ILE 134 156 156 ILE ILE A . n 
A 1 135 VAL 135 157 157 VAL VAL A . n 
A 1 136 GLN 136 158 158 GLN GLN A . n 
A 1 137 LYS 137 159 159 LYS LYS A . n 
A 1 138 ARG 138 160 160 ARG ARG A . n 
A 1 139 GLY 139 161 161 GLY GLY A . n 
A 1 140 ILE 140 162 162 ILE ILE A . n 
A 1 141 VAL 141 163 163 VAL VAL A . n 
A 1 142 LYS 142 164 164 LYS LYS A . n 
A 1 143 GLU 143 165 165 GLU GLU A . n 
A 1 144 ASN 144 166 166 ASN ASN A . n 
A 1 145 ILE 145 167 167 ILE ILE A . n 
A 1 146 ILE 146 168 168 ILE ILE A . n 
A 1 147 ASP 147 169 169 ASP ASP A . n 
A 1 148 LEU 148 170 170 LEU LEU A . n 
A 1 149 THR 149 171 171 THR THR A . n 
A 1 150 LYS 150 172 172 LYS LYS A . n 
A 1 151 ILE 151 173 173 ILE ILE A . n 
A 1 152 ASP 152 174 174 ASP ASP A . n 
A 1 153 ARG 153 175 175 ARG ARG A . n 
A 1 154 CYS 154 176 176 CYS CYS A . n 
A 1 155 PHE 155 177 177 PHE PHE A . n 
A 1 156 GLN 156 178 178 GLN GLN A . n 
A 1 157 LEU 157 179 179 LEU LEU A . n 
A 1 158 ARG 158 180 180 ARG ARG A . n 
A 1 159 GLY 159 181 181 GLY GLY A . n 
# 
loop_
_pdbx_nonpoly_scheme.asym_id 
_pdbx_nonpoly_scheme.entity_id 
_pdbx_nonpoly_scheme.mon_id 
_pdbx_nonpoly_scheme.ndb_seq_num 
_pdbx_nonpoly_scheme.pdb_seq_num 
_pdbx_nonpoly_scheme.auth_seq_num 
_pdbx_nonpoly_scheme.pdb_mon_id 
_pdbx_nonpoly_scheme.auth_mon_id 
_pdbx_nonpoly_scheme.pdb_strand_id 
_pdbx_nonpoly_scheme.pdb_ins_code 
B 2 HOH 1  182 1  HOH WAT A . 
B 2 HOH 2  183 2  HOH WAT A . 
B 2 HOH 3  184 3  HOH WAT A . 
B 2 HOH 4  185 4  HOH WAT A . 
B 2 HOH 5  186 5  HOH WAT A . 
B 2 HOH 6  187 6  HOH WAT A . 
B 2 HOH 7  188 7  HOH WAT A . 
B 2 HOH 8  189 8  HOH WAT A . 
B 2 HOH 9  190 9  HOH WAT A . 
B 2 HOH 10 191 10 HOH WAT A . 
B 2 HOH 11 192 11 HOH WAT A . 
B 2 HOH 12 193 12 HOH WAT A . 
B 2 HOH 13 194 13 HOH WAT A . 
B 2 HOH 14 195 14 HOH WAT A . 
B 2 HOH 15 196 15 HOH WAT A . 
B 2 HOH 16 197 16 HOH WAT A . 
B 2 HOH 17 198 17 HOH WAT A . 
B 2 HOH 18 199 18 HOH WAT A . 
B 2 HOH 19 200 19 HOH WAT A . 
B 2 HOH 20 201 20 HOH WAT A . 
B 2 HOH 21 202 21 HOH WAT A . 
B 2 HOH 22 203 22 HOH WAT A . 
B 2 HOH 23 204 23 HOH WAT A . 
B 2 HOH 24 205 24 HOH WAT A . 
B 2 HOH 25 206 25 HOH WAT A . 
B 2 HOH 26 207 26 HOH WAT A . 
B 2 HOH 27 208 27 HOH WAT A . 
B 2 HOH 28 209 28 HOH WAT A . 
B 2 HOH 29 210 29 HOH WAT A . 
B 2 HOH 30 211 30 HOH WAT A . 
B 2 HOH 31 212 31 HOH WAT A . 
B 2 HOH 32 213 32 HOH WAT A . 
B 2 HOH 33 214 33 HOH WAT A . 
B 2 HOH 34 215 34 HOH WAT A . 
B 2 HOH 35 216 35 HOH WAT A . 
B 2 HOH 36 217 36 HOH WAT A . 
B 2 HOH 37 218 37 HOH WAT A . 
B 2 HOH 38 219 38 HOH WAT A . 
B 2 HOH 39 220 39 HOH WAT A . 
B 2 HOH 40 221 40 HOH WAT A . 
B 2 HOH 41 222 41 HOH WAT A . 
B 2 HOH 42 223 42 HOH WAT A . 
B 2 HOH 43 224 43 HOH WAT A . 
B 2 HOH 44 225 44 HOH WAT A . 
B 2 HOH 45 226 45 HOH WAT A . 
B 2 HOH 46 227 46 HOH WAT A . 
B 2 HOH 47 228 47 HOH WAT A . 
B 2 HOH 48 229 48 HOH WAT A . 
B 2 HOH 49 230 49 HOH WAT A . 
B 2 HOH 50 231 50 HOH WAT A . 
B 2 HOH 51 232 51 HOH WAT A . 
B 2 HOH 52 233 52 HOH WAT A . 
B 2 HOH 53 234 53 HOH WAT A . 
B 2 HOH 54 235 54 HOH WAT A . 
B 2 HOH 55 236 55 HOH WAT A . 
B 2 HOH 56 237 56 HOH WAT A . 
B 2 HOH 57 238 57 HOH WAT A . 
B 2 HOH 58 239 58 HOH WAT A . 
B 2 HOH 59 240 59 HOH WAT A . 
B 2 HOH 60 241 60 HOH WAT A . 
B 2 HOH 61 242 61 HOH WAT A . 
B 2 HOH 62 243 62 HOH WAT A . 
B 2 HOH 63 244 63 HOH WAT A . 
B 2 HOH 64 245 64 HOH WAT A . 
B 2 HOH 65 246 65 HOH WAT A . 
B 2 HOH 66 247 66 HOH WAT A . 
B 2 HOH 67 248 67 HOH WAT A . 
B 2 HOH 68 249 68 HOH WAT A . 
B 2 HOH 69 250 69 HOH WAT A . 
B 2 HOH 70 251 70 HOH WAT A . 
B 2 HOH 71 252 71 HOH WAT A . 
B 2 HOH 72 253 72 HOH WAT A . 
B 2 HOH 73 254 73 HOH WAT A . 
B 2 HOH 74 255 74 HOH WAT A . 
B 2 HOH 75 256 75 HOH WAT A . 
B 2 HOH 76 257 76 HOH WAT A . 
B 2 HOH 77 258 77 HOH WAT A . 
B 2 HOH 78 259 78 HOH WAT A . 
B 2 HOH 79 260 79 HOH WAT A . 
# 
loop_
_pdbx_unobs_or_zero_occ_atoms.id 
_pdbx_unobs_or_zero_occ_atoms.PDB_model_num 
_pdbx_unobs_or_zero_occ_atoms.polymer_flag 
_pdbx_unobs_or_zero_occ_atoms.occupancy_flag 
_pdbx_unobs_or_zero_occ_atoms.auth_asym_id 
_pdbx_unobs_or_zero_occ_atoms.auth_comp_id 
_pdbx_unobs_or_zero_occ_atoms.auth_seq_id 
_pdbx_unobs_or_zero_occ_atoms.PDB_ins_code 
_pdbx_unobs_or_zero_occ_atoms.auth_atom_id 
_pdbx_unobs_or_zero_occ_atoms.label_alt_id 
_pdbx_unobs_or_zero_occ_atoms.label_asym_id 
_pdbx_unobs_or_zero_occ_atoms.label_comp_id 
_pdbx_unobs_or_zero_occ_atoms.label_seq_id 
_pdbx_unobs_or_zero_occ_atoms.label_atom_id 
1 1 Y 1 A ARG 131 ? CG  ? A ARG 109 CG  
2 1 Y 1 A ARG 131 ? CD  ? A ARG 109 CD  
3 1 Y 1 A ARG 131 ? NE  ? A ARG 109 NE  
4 1 Y 1 A ARG 131 ? CZ  ? A ARG 109 CZ  
5 1 Y 1 A ARG 131 ? NH1 ? A ARG 109 NH1 
6 1 Y 1 A ARG 131 ? NH2 ? A ARG 109 NH2 
# 
loop_
_software.name 
_software.classification 
_software.version 
_software.citation_id 
_software.pdbx_ordinal 
DENZO     'data reduction' . ? 1 
SCALEPACK 'data scaling'   . ? 2 
AMoRE     phasing          . ? 3 
REFMAC    refinement       . ? 4 
# 
_cell.entry_id           1EW3 
_cell.length_a           84.040 
_cell.length_b           84.040 
_cell.length_c           58.480 
_cell.angle_alpha        90.00 
_cell.angle_beta         90.00 
_cell.angle_gamma        90.00 
_cell.Z_PDB              8 
_cell.pdbx_unique_axis   ? 
# 
_symmetry.entry_id                         1EW3 
_symmetry.space_group_name_H-M             'P 41 21 2' 
_symmetry.pdbx_full_space_group_name_H-M   ? 
_symmetry.cell_setting                     ? 
_symmetry.Int_Tables_number                92 
# 
_exptl.entry_id          1EW3 
_exptl.method            'X-RAY DIFFRACTION' 
_exptl.crystals_number   1 
# 
_exptl_crystal.id                    1 
_exptl_crystal.density_meas          ? 
_exptl_crystal.density_percent_sol   55.33 
_exptl_crystal.density_Matthews      2.75 
_exptl_crystal.description           ? 
# 
_exptl_crystal_grow.crystal_id      1 
_exptl_crystal_grow.method          'VAPOR DIFFUSION, HANGING DROP' 
_exptl_crystal_grow.pH              8.5 
_exptl_crystal_grow.temp            291.0 
_exptl_crystal_grow.temp_details    ? 
_exptl_crystal_grow.pdbx_details    'ammonium sulphate, Tris-HCl, pH 8.5, VAPOR DIFFUSION, HANGING DROP, temperature 291.0K' 
_exptl_crystal_grow.pdbx_pH_range   ? 
# 
_diffrn.id                     1 
_diffrn.ambient_temp           100 
_diffrn.ambient_temp_details   ? 
_diffrn.crystal_id             1 
# 
_diffrn_detector.diffrn_id              1 
_diffrn_detector.detector               'IMAGE PLATE' 
_diffrn_detector.type                   MARRESEARCH 
_diffrn_detector.pdbx_collection_date   1998-12-07 
_diffrn_detector.details                ? 
# 
_diffrn_radiation.diffrn_id                        1 
_diffrn_radiation.wavelength_id                    1 
_diffrn_radiation.monochromator                    ? 
_diffrn_radiation.pdbx_monochromatic_or_laue_m_l   M 
_diffrn_radiation.pdbx_diffrn_protocol             'SINGLE WAVELENGTH' 
_diffrn_radiation.pdbx_scattering_type             x-ray 
# 
_diffrn_radiation_wavelength.id           1 
_diffrn_radiation_wavelength.wavelength   1.2 
_diffrn_radiation_wavelength.wt           1.0 
# 
_diffrn_source.diffrn_id                   1 
_diffrn_source.source                      SYNCHROTRON 
_diffrn_source.type                        'EMBL/DESY, HAMBURG BEAMLINE X31' 
_diffrn_source.pdbx_wavelength             1.2 
_diffrn_source.pdbx_synchrotron_site       'EMBL/DESY, HAMBURG' 
_diffrn_source.pdbx_synchrotron_beamline   X31 
_diffrn_source.pdbx_wavelength_list        ? 
# 
_reflns.entry_id                     1EW3 
_reflns.observed_criterion_sigma_I   1 
_reflns.observed_criterion_sigma_F   0 
_reflns.d_resolution_low             20. 
_reflns.d_resolution_high            2.3 
_reflns.number_obs                   9166 
_reflns.number_all                   43339 
_reflns.percent_possible_obs         94.4 
_reflns.pdbx_Rmerge_I_obs            0.082 
_reflns.pdbx_Rsym_value              ? 
_reflns.pdbx_netI_over_sigmaI        13.2 
_reflns.B_iso_Wilson_estimate        48. 
_reflns.pdbx_redundancy              4.7 
_reflns.R_free_details               ? 
_reflns.limit_h_max                  ? 
_reflns.limit_h_min                  ? 
_reflns.limit_k_max                  ? 
_reflns.limit_k_min                  ? 
_reflns.limit_l_max                  ? 
_reflns.limit_l_min                  ? 
_reflns.observed_criterion_F_max     ? 
_reflns.observed_criterion_F_min     ? 
_reflns.pdbx_diffrn_id               1 
_reflns.pdbx_ordinal                 1 
# 
_reflns_shell.d_res_high             2.3 
_reflns_shell.d_res_low              2.4 
_reflns_shell.percent_possible_obs   ? 
_reflns_shell.percent_possible_all   97.7 
_reflns_shell.Rmerge_I_obs           0.431 
_reflns_shell.meanI_over_sigI_obs    ? 
_reflns_shell.pdbx_Rsym_value        ? 
_reflns_shell.pdbx_redundancy        3.8 
_reflns_shell.number_unique_all      ? 
_reflns_shell.pdbx_diffrn_id         ? 
_reflns_shell.pdbx_ordinal           1 
# 
_refine.entry_id                                 1EW3 
_refine.ls_number_reflns_obs                     9128 
_refine.ls_number_reflns_all                     9128 
_refine.pdbx_ls_sigma_I                          0 
_refine.pdbx_ls_sigma_F                          0 
_refine.pdbx_data_cutoff_high_absF               ? 
_refine.pdbx_data_cutoff_low_absF                ? 
_refine.ls_d_res_low                             15.0 
_refine.ls_d_res_high                            2.3 
_refine.ls_percent_reflns_obs                    ? 
_refine.ls_R_factor_obs                          ? 
_refine.ls_R_factor_all                          ? 
_refine.ls_R_factor_R_work                       0.195 
_refine.ls_R_factor_R_free                       0.252 
_refine.ls_R_factor_R_free_error                 ? 
_refine.ls_R_factor_R_free_error_details         ? 
_refine.ls_percent_reflns_R_free                 ? 
_refine.ls_number_reflns_R_free                  438 
_refine.ls_number_parameters                     ? 
_refine.ls_number_restraints                     ? 
_refine.occupancy_min                            ? 
_refine.occupancy_max                            ? 
_refine.B_iso_mean                               ? 
_refine.aniso_B[1][1]                            ? 
_refine.aniso_B[2][2]                            ? 
_refine.aniso_B[3][3]                            ? 
_refine.aniso_B[1][2]                            ? 
_refine.aniso_B[1][3]                            ? 
_refine.aniso_B[2][3]                            ? 
_refine.solvent_model_details                    ? 
_refine.solvent_model_param_ksol                 ? 
_refine.solvent_model_param_bsol                 ? 
_refine.pdbx_ls_cross_valid_method               ? 
_refine.details                                  ? 
_refine.pdbx_starting_model                      ? 
_refine.pdbx_method_to_determine_struct          ? 
_refine.pdbx_isotropic_thermal_model             ? 
_refine.pdbx_stereochemistry_target_values       'Engh & Huber' 
_refine.pdbx_stereochem_target_val_spec_case     ? 
_refine.pdbx_R_Free_selection_details            random 
_refine.pdbx_overall_ESU_R_Free                  ? 
_refine.overall_SU_B                             ? 
_refine.ls_redundancy_reflns_obs                 ? 
_refine.B_iso_min                                ? 
_refine.B_iso_max                                ? 
_refine.overall_SU_ML                            ? 
_refine.pdbx_overall_ESU_R                       ? 
_refine.pdbx_data_cutoff_high_rms_absF           ? 
_refine.pdbx_refine_id                           'X-RAY DIFFRACTION' 
_refine.pdbx_diffrn_id                           1 
_refine.pdbx_TLS_residual_ADP_flag               ? 
_refine.correlation_coeff_Fo_to_Fc               ? 
_refine.correlation_coeff_Fo_to_Fc_free          ? 
_refine.pdbx_solvent_vdw_probe_radii             ? 
_refine.pdbx_solvent_ion_probe_radii             ? 
_refine.pdbx_solvent_shrinkage_radii             ? 
_refine.pdbx_overall_phase_error                 ? 
_refine.overall_SU_R_Cruickshank_DPI             ? 
_refine.pdbx_overall_SU_R_free_Cruickshank_DPI   ? 
_refine.pdbx_overall_SU_R_Blow_DPI               ? 
_refine.pdbx_overall_SU_R_free_Blow_DPI          ? 
# 
_refine_hist.pdbx_refine_id                   'X-RAY DIFFRACTION' 
_refine_hist.cycle_id                         LAST 
_refine_hist.pdbx_number_atoms_protein        1317 
_refine_hist.pdbx_number_atoms_nucleic_acid   0 
_refine_hist.pdbx_number_atoms_ligand         0 
_refine_hist.number_atoms_solvent             79 
_refine_hist.number_atoms_total               1396 
_refine_hist.d_res_high                       2.3 
_refine_hist.d_res_low                        15.0 
# 
loop_
_refine_ls_restr.type 
_refine_ls_restr.dev_ideal 
_refine_ls_restr.dev_ideal_target 
_refine_ls_restr.weight 
_refine_ls_restr.number 
_refine_ls_restr.pdbx_refine_id 
_refine_ls_restr.pdbx_restraint_function 
p_bond_d  0.014 ? ? ? 'X-RAY DIFFRACTION' ? 
p_angle_d 0.037 ? ? ? 'X-RAY DIFFRACTION' ? 
# 
_struct.entry_id                  1EW3 
_struct.title                     'CRYSTAL STRUCTURE OF THE MAJOR HORSE ALLERGEN EQU C 1' 
_struct.pdbx_model_details        ? 
_struct.pdbx_CASP_flag            ? 
_struct.pdbx_model_type_details   ? 
# 
_struct_keywords.entry_id        1EW3 
_struct_keywords.pdbx_keywords   ALLERGEN 
_struct_keywords.text            'lipocalin, beta barrel, ALLERGEN' 
# 
loop_
_struct_asym.id 
_struct_asym.pdbx_blank_PDB_chainid_flag 
_struct_asym.pdbx_modified 
_struct_asym.entity_id 
_struct_asym.details 
A N N 1 ? 
B N N 2 ? 
# 
_struct_ref.id                         1 
_struct_ref.db_code                    ALL1_HORSE 
_struct_ref.db_name                    UNP 
_struct_ref.entity_id                  1 
_struct_ref.pdbx_db_accession          Q95182 
_struct_ref.pdbx_align_begin           23 
_struct_ref.pdbx_seq_one_letter_code   
;VAIRNFDISKISGEWYSIFLASDVKEKIEENGSMRVFVDVIRALDNSSLYAEYQTKVNGECTEFPMVFDKTEEDGVYSLN
YDGYNVFRISEFENDEHIILYLVNFDKDRPFQLFEFYAREPDVSPEIKEEFVKIVQKRGIVKENIIDLTKIDRCFQLRG
;
_struct_ref.pdbx_db_isoform            ? 
# 
_struct_ref_seq.align_id                      1 
_struct_ref_seq.ref_id                        1 
_struct_ref_seq.pdbx_PDB_id_code              1EW3 
_struct_ref_seq.pdbx_strand_id                A 
_struct_ref_seq.seq_align_beg                 1 
_struct_ref_seq.pdbx_seq_align_beg_ins_code   ? 
_struct_ref_seq.seq_align_end                 159 
_struct_ref_seq.pdbx_seq_align_end_ins_code   ? 
_struct_ref_seq.pdbx_db_accession             Q95182 
_struct_ref_seq.db_align_beg                  23 
_struct_ref_seq.pdbx_db_align_beg_ins_code    ? 
_struct_ref_seq.db_align_end                  181 
_struct_ref_seq.pdbx_db_align_end_ins_code    ? 
_struct_ref_seq.pdbx_auth_seq_align_beg       23 
_struct_ref_seq.pdbx_auth_seq_align_end       181 
# 
_pdbx_struct_assembly.id                   1 
_pdbx_struct_assembly.details              author_defined_assembly 
_pdbx_struct_assembly.method_details       ? 
_pdbx_struct_assembly.oligomeric_details   dimeric 
_pdbx_struct_assembly.oligomeric_count     2 
# 
_pdbx_struct_assembly_gen.assembly_id       1 
_pdbx_struct_assembly_gen.oper_expression   1,2 
_pdbx_struct_assembly_gen.asym_id_list      A,B 
# 
loop_
_pdbx_struct_oper_list.id 
_pdbx_struct_oper_list.type 
_pdbx_struct_oper_list.name 
_pdbx_struct_oper_list.symmetry_operation 
_pdbx_struct_oper_list.matrix[1][1] 
_pdbx_struct_oper_list.matrix[1][2] 
_pdbx_struct_oper_list.matrix[1][3] 
_pdbx_struct_oper_list.vector[1] 
_pdbx_struct_oper_list.matrix[2][1] 
_pdbx_struct_oper_list.matrix[2][2] 
_pdbx_struct_oper_list.matrix[2][3] 
_pdbx_struct_oper_list.vector[2] 
_pdbx_struct_oper_list.matrix[3][1] 
_pdbx_struct_oper_list.matrix[3][2] 
_pdbx_struct_oper_list.matrix[3][3] 
_pdbx_struct_oper_list.vector[3] 
1 'identity operation'         1_555 x,y,z            1.0000000000 0.0000000000  0.0000000000 0.0000000000  0.0000000000  1.0000000000  0.0000000000  0.0000000000  0.0000000000 0.0000000000  1.0000000000  0.0000000000 
2 'crystal symmetry operation' 8_665 -y+1,-x+1,-z+1/2 0.2345420720 -0.6557965802 0.7175798645 11.3766325397 -0.6557965802 -0.6516366965 -0.3811829761 26.6279734671 0.7175798645 -0.3811829761 -0.5829053755 4.7626788286 
# 
_struct_biol.id                    1 
_struct_biol.details               
;The biological assembly is probably a dimer constructed from the given coordinates and a symmetry partner generated by the crystallographic two-fold axis
;
_struct_biol.pdbx_parent_biol_id   ? 
# 
loop_
_struct_conf.conf_type_id 
_struct_conf.id 
_struct_conf.pdbx_PDB_helix_id 
_struct_conf.beg_label_comp_id 
_struct_conf.beg_label_asym_id 
_struct_conf.beg_label_seq_id 
_struct_conf.pdbx_beg_PDB_ins_code 
_struct_conf.end_label_comp_id 
_struct_conf.end_label_asym_id 
_struct_conf.end_label_seq_id 
_struct_conf.pdbx_end_PDB_ins_code 
_struct_conf.beg_auth_comp_id 
_struct_conf.beg_auth_asym_id 
_struct_conf.beg_auth_seq_id 
_struct_conf.end_auth_comp_id 
_struct_conf.end_auth_asym_id 
_struct_conf.end_auth_seq_id 
_struct_conf.pdbx_PDB_helix_class 
_struct_conf.details 
_struct_conf.pdbx_PDB_helix_length 
HELX_P HELX_P1 1 ASP A 7   ? ILE A 11  ? ASP A 29  ILE A 33  5 ? 5  
HELX_P HELX_P2 2 VAL A 24  ? ILE A 28  ? VAL A 46  ILE A 50  5 ? 5  
HELX_P HELX_P3 3 SER A 124 ? ARG A 138 ? SER A 146 ARG A 160 1 ? 15 
HELX_P HELX_P4 4 VAL A 141 ? GLU A 143 ? VAL A 163 GLU A 165 5 ? 3  
HELX_P HELX_P5 5 THR A 149 ? ILE A 151 ? THR A 171 ILE A 173 5 ? 3  
HELX_P HELX_P6 6 CYS A 154 ? ARG A 158 ? CYS A 176 ARG A 180 5 ? 5  
# 
_struct_conf_type.id          HELX_P 
_struct_conf_type.criteria    ? 
_struct_conf_type.reference   ? 
# 
_struct_conn.id                            disulf1 
_struct_conn.conn_type_id                  disulf 
_struct_conn.pdbx_leaving_atom_flag        ? 
_struct_conn.pdbx_PDB_id                   ? 
_struct_conn.ptnr1_label_asym_id           A 
_struct_conn.ptnr1_label_comp_id           CYS 
_struct_conn.ptnr1_label_seq_id            61 
_struct_conn.ptnr1_label_atom_id           SG 
_struct_conn.pdbx_ptnr1_label_alt_id       ? 
_struct_conn.pdbx_ptnr1_PDB_ins_code       ? 
_struct_conn.pdbx_ptnr1_standard_comp_id   ? 
_struct_conn.ptnr1_symmetry                1_555 
_struct_conn.ptnr2_label_asym_id           A 
_struct_conn.ptnr2_label_comp_id           CYS 
_struct_conn.ptnr2_label_seq_id            154 
_struct_conn.ptnr2_label_atom_id           SG 
_struct_conn.pdbx_ptnr2_label_alt_id       ? 
_struct_conn.pdbx_ptnr2_PDB_ins_code       ? 
_struct_conn.ptnr1_auth_asym_id            A 
_struct_conn.ptnr1_auth_comp_id            CYS 
_struct_conn.ptnr1_auth_seq_id             83 
_struct_conn.ptnr2_auth_asym_id            A 
_struct_conn.ptnr2_auth_comp_id            CYS 
_struct_conn.ptnr2_auth_seq_id             176 
_struct_conn.ptnr2_symmetry                1_555 
_struct_conn.pdbx_ptnr3_label_atom_id      ? 
_struct_conn.pdbx_ptnr3_label_seq_id       ? 
_struct_conn.pdbx_ptnr3_label_comp_id      ? 
_struct_conn.pdbx_ptnr3_label_asym_id      ? 
_struct_conn.pdbx_ptnr3_label_alt_id       ? 
_struct_conn.pdbx_ptnr3_PDB_ins_code       ? 
_struct_conn.details                       ? 
_struct_conn.pdbx_dist_value               2.050 
_struct_conn.pdbx_value_order              ? 
_struct_conn.pdbx_role                     ? 
# 
_struct_conn_type.id          disulf 
_struct_conn_type.criteria    ? 
_struct_conn_type.reference   ? 
# 
_pdbx_modification_feature.ordinal                            1 
_pdbx_modification_feature.label_comp_id                      CYS 
_pdbx_modification_feature.label_asym_id                      A 
_pdbx_modification_feature.label_seq_id                       61 
_pdbx_modification_feature.label_alt_id                       ? 
_pdbx_modification_feature.modified_residue_label_comp_id     CYS 
_pdbx_modification_feature.modified_residue_label_asym_id     A 
_pdbx_modification_feature.modified_residue_label_seq_id      154 
_pdbx_modification_feature.modified_residue_label_alt_id      ? 
_pdbx_modification_feature.auth_comp_id                       CYS 
_pdbx_modification_feature.auth_asym_id                       A 
_pdbx_modification_feature.auth_seq_id                        83 
_pdbx_modification_feature.PDB_ins_code                       ? 
_pdbx_modification_feature.symmetry                           1_555 
_pdbx_modification_feature.modified_residue_auth_comp_id      CYS 
_pdbx_modification_feature.modified_residue_auth_asym_id      A 
_pdbx_modification_feature.modified_residue_auth_seq_id       176 
_pdbx_modification_feature.modified_residue_PDB_ins_code      ? 
_pdbx_modification_feature.modified_residue_symmetry          1_555 
_pdbx_modification_feature.comp_id_linking_atom               SG 
_pdbx_modification_feature.modified_residue_id_linking_atom   SG 
_pdbx_modification_feature.modified_residue_id                . 
_pdbx_modification_feature.ref_pcm_id                         . 
_pdbx_modification_feature.ref_comp_id                        . 
_pdbx_modification_feature.type                               None 
_pdbx_modification_feature.category                           'Disulfide bridge' 
# 
_struct_sheet.id               A 
_struct_sheet.type             ? 
_struct_sheet.number_strands   12 
_struct_sheet.details          ? 
# 
loop_
_struct_sheet_order.sheet_id 
_struct_sheet_order.range_id_1 
_struct_sheet_order.range_id_2 
_struct_sheet_order.offset 
_struct_sheet_order.sense 
A 1  2  ? anti-parallel 
A 2  3  ? anti-parallel 
A 3  4  ? anti-parallel 
A 4  5  ? anti-parallel 
A 5  6  ? anti-parallel 
A 6  7  ? anti-parallel 
A 7  8  ? anti-parallel 
A 8  9  ? anti-parallel 
A 9  10 ? anti-parallel 
A 10 11 ? anti-parallel 
A 11 12 ? anti-parallel 
# 
loop_
_struct_sheet_range.sheet_id 
_struct_sheet_range.id 
_struct_sheet_range.beg_label_comp_id 
_struct_sheet_range.beg_label_asym_id 
_struct_sheet_range.beg_label_seq_id 
_struct_sheet_range.pdbx_beg_PDB_ins_code 
_struct_sheet_range.end_label_comp_id 
_struct_sheet_range.end_label_asym_id 
_struct_sheet_range.end_label_seq_id 
_struct_sheet_range.pdbx_end_PDB_ins_code 
_struct_sheet_range.beg_auth_comp_id 
_struct_sheet_range.beg_auth_asym_id 
_struct_sheet_range.beg_auth_seq_id 
_struct_sheet_range.end_auth_comp_id 
_struct_sheet_range.end_auth_asym_id 
_struct_sheet_range.end_auth_seq_id 
A 1  ILE A 145 ? ASP A 147 ? ILE A 167 ASP A 169 
A 2  TYR A 16  ? SER A 22  ? TYR A 38  SER A 44  
A 3  PHE A 111 ? ALA A 118 ? PHE A 133 ALA A 140 
A 4  HIS A 97  ? ASN A 104 ? HIS A 119 ASN A 126 
A 5  TYR A 84  ? PHE A 92  ? TYR A 106 PHE A 114 
A 6  ILE A 3   ? ASN A 5   ? ILE A 25  ASN A 27  
A 7  TYR A 84  ? PHE A 92  ? TYR A 106 PHE A 114 
A 8  VAL A 76  ? ASN A 80  ? VAL A 98  ASN A 102 
A 9  GLU A 60  ? LYS A 70  ? GLU A 82  LYS A 92  
A 10 LEU A 49  ? VAL A 57  ? LEU A 71  VAL A 79  
A 11 PHE A 37  ? ALA A 43  ? PHE A 59  ALA A 65  
A 12 GLY A 13  ? GLU A 14  ? GLY A 35  GLU A 36  
# 
loop_
_pdbx_struct_sheet_hbond.sheet_id 
_pdbx_struct_sheet_hbond.range_id_1 
_pdbx_struct_sheet_hbond.range_id_2 
_pdbx_struct_sheet_hbond.range_1_label_atom_id 
_pdbx_struct_sheet_hbond.range_1_label_comp_id 
_pdbx_struct_sheet_hbond.range_1_label_asym_id 
_pdbx_struct_sheet_hbond.range_1_label_seq_id 
_pdbx_struct_sheet_hbond.range_1_PDB_ins_code 
_pdbx_struct_sheet_hbond.range_1_auth_atom_id 
_pdbx_struct_sheet_hbond.range_1_auth_comp_id 
_pdbx_struct_sheet_hbond.range_1_auth_asym_id 
_pdbx_struct_sheet_hbond.range_1_auth_seq_id 
_pdbx_struct_sheet_hbond.range_2_label_atom_id 
_pdbx_struct_sheet_hbond.range_2_label_comp_id 
_pdbx_struct_sheet_hbond.range_2_label_asym_id 
_pdbx_struct_sheet_hbond.range_2_label_seq_id 
_pdbx_struct_sheet_hbond.range_2_PDB_ins_code 
_pdbx_struct_sheet_hbond.range_2_auth_atom_id 
_pdbx_struct_sheet_hbond.range_2_auth_comp_id 
_pdbx_struct_sheet_hbond.range_2_auth_asym_id 
_pdbx_struct_sheet_hbond.range_2_auth_seq_id 
A 1  2  N ILE A 146 ? N ILE A 168 O LEU A 20  ? O LEU A 42  
A 2  3  O ALA A 21  ? O ALA A 43  N PHE A 114 ? N PHE A 136 
A 3  4  N TYR A 117 ? N TYR A 139 O ILE A 98  ? O ILE A 120 
A 4  5  N VAL A 103 ? N VAL A 125 O VAL A 86  ? O VAL A 108 
A 5  6  N GLU A 91  ? N GLU A 113 O ARG A 4   ? O ARG A 26  
A 6  7  O ARG A 4   ? O ARG A 26  N GLU A 91  ? N GLU A 113 
A 7  8  O PHE A 87  ? O PHE A 109 N TYR A 77  ? N TYR A 99  
A 8  9  N SER A 78  ? N SER A 100 O ASP A 69  ? O ASP A 91  
A 9  10 N PHE A 68  ? N PHE A 90  O LEU A 49  ? O LEU A 71  
A 10 11 N GLN A 54  ? N GLN A 76  O PHE A 37  ? O PHE A 59  
A 11 12 O ILE A 41  ? O ILE A 63  N GLY A 13  ? N GLY A 35  
# 
_pdbx_entry_details.entry_id                   1EW3 
_pdbx_entry_details.compound_details           ? 
_pdbx_entry_details.source_details             ? 
_pdbx_entry_details.nonpolymer_details         ? 
_pdbx_entry_details.sequence_details           ? 
_pdbx_entry_details.has_ligand_of_interest     ? 
_pdbx_entry_details.has_protein_modification   Y 
# 
_pdbx_validate_close_contact.id               1 
_pdbx_validate_close_contact.PDB_model_num    1 
_pdbx_validate_close_contact.auth_atom_id_1   ND2 
_pdbx_validate_close_contact.auth_asym_id_1   A 
_pdbx_validate_close_contact.auth_comp_id_1   ASN 
_pdbx_validate_close_contact.auth_seq_id_1    68 
_pdbx_validate_close_contact.PDB_ins_code_1   ? 
_pdbx_validate_close_contact.label_alt_id_1   ? 
_pdbx_validate_close_contact.auth_atom_id_2   O 
_pdbx_validate_close_contact.auth_asym_id_2   A 
_pdbx_validate_close_contact.auth_comp_id_2   HOH 
_pdbx_validate_close_contact.auth_seq_id_2    219 
_pdbx_validate_close_contact.PDB_ins_code_2   ? 
_pdbx_validate_close_contact.label_alt_id_2   ? 
_pdbx_validate_close_contact.dist             2.11 
# 
loop_
_pdbx_validate_rmsd_angle.id 
_pdbx_validate_rmsd_angle.PDB_model_num 
_pdbx_validate_rmsd_angle.auth_atom_id_1 
_pdbx_validate_rmsd_angle.auth_asym_id_1 
_pdbx_validate_rmsd_angle.auth_comp_id_1 
_pdbx_validate_rmsd_angle.auth_seq_id_1 
_pdbx_validate_rmsd_angle.PDB_ins_code_1 
_pdbx_validate_rmsd_angle.label_alt_id_1 
_pdbx_validate_rmsd_angle.auth_atom_id_2 
_pdbx_validate_rmsd_angle.auth_asym_id_2 
_pdbx_validate_rmsd_angle.auth_comp_id_2 
_pdbx_validate_rmsd_angle.auth_seq_id_2 
_pdbx_validate_rmsd_angle.PDB_ins_code_2 
_pdbx_validate_rmsd_angle.label_alt_id_2 
_pdbx_validate_rmsd_angle.auth_atom_id_3 
_pdbx_validate_rmsd_angle.auth_asym_id_3 
_pdbx_validate_rmsd_angle.auth_comp_id_3 
_pdbx_validate_rmsd_angle.auth_seq_id_3 
_pdbx_validate_rmsd_angle.PDB_ins_code_3 
_pdbx_validate_rmsd_angle.label_alt_id_3 
_pdbx_validate_rmsd_angle.angle_value 
_pdbx_validate_rmsd_angle.angle_target_value 
_pdbx_validate_rmsd_angle.angle_deviation 
_pdbx_validate_rmsd_angle.angle_standard_deviation 
_pdbx_validate_rmsd_angle.linker_flag 
1  1 CB A ASP 29  ? ? CG A ASP 29  ? ? OD1 A ASP 29  ? ? 112.35 118.30 -5.95  0.90 N 
2  1 CB A ASP 29  ? ? CG A ASP 29  ? ? OD2 A ASP 29  ? ? 124.08 118.30 5.78   0.90 N 
3  1 CD A ARG 57  ? ? NE A ARG 57  ? ? CZ  A ARG 57  ? ? 135.77 123.60 12.17  1.40 N 
4  1 NE A ARG 57  ? ? CZ A ARG 57  ? ? NH1 A ARG 57  ? ? 125.60 120.30 5.30   0.50 N 
5  1 CB A VAL 60  ? ? CA A VAL 60  ? ? C   A VAL 60  ? ? 98.97  111.40 -12.43 1.90 N 
6  1 N  A THR 84  ? ? CA A THR 84  ? ? CB  A THR 84  ? ? 124.43 110.30 14.13  1.90 N 
7  1 CB A TYR 103 ? ? CG A TYR 103 ? ? CD2 A TYR 103 ? ? 124.87 121.00 3.87   0.60 N 
8  1 CB A TYR 103 ? ? CG A TYR 103 ? ? CD1 A TYR 103 ? ? 116.95 121.00 -4.05  0.60 N 
9  1 C  A ASP 104 ? ? N  A GLY 105 ? ? CA  A GLY 105 ? ? 136.80 122.30 14.50  2.10 Y 
10 1 NE A ARG 110 ? ? CZ A ARG 110 ? ? NH2 A ARG 110 ? ? 124.09 120.30 3.79   0.50 N 
11 1 NE A ARG 160 ? ? CZ A ARG 160 ? ? NH1 A ARG 160 ? ? 114.39 120.30 -5.91  0.50 N 
12 1 NE A ARG 160 ? ? CZ A ARG 160 ? ? NH2 A ARG 160 ? ? 127.09 120.30 6.79   0.50 N 
13 1 CB A ASP 174 ? ? CG A ASP 174 ? ? OD1 A ASP 174 ? ? 123.78 118.30 5.48   0.90 N 
14 1 CD A ARG 175 ? ? NE A ARG 175 ? ? CZ  A ARG 175 ? ? 142.38 123.60 18.78  1.40 N 
15 1 NE A ARG 180 ? ? CZ A ARG 180 ? ? NH1 A ARG 180 ? ? 123.97 120.30 3.67   0.50 N 
16 1 NE A ARG 180 ? ? CZ A ARG 180 ? ? NH2 A ARG 180 ? ? 115.69 120.30 -4.61  0.50 N 
# 
loop_
_pdbx_validate_torsion.id 
_pdbx_validate_torsion.PDB_model_num 
_pdbx_validate_torsion.auth_comp_id 
_pdbx_validate_torsion.auth_asym_id 
_pdbx_validate_torsion.auth_seq_id 
_pdbx_validate_torsion.PDB_ins_code 
_pdbx_validate_torsion.label_alt_id 
_pdbx_validate_torsion.phi 
_pdbx_validate_torsion.psi 
1 1 LYS A 47  ? ? -36.39  -39.26 
2 1 ASP A 61  ? ? -126.86 -73.68 
3 1 ASN A 68  ? ? -88.99  40.19  
4 1 SER A 69  ? ? 77.51   -10.37 
5 1 TYR A 103 ? ? -166.57 113.80 
6 1 GLU A 115 ? ? 71.26   -35.93 
7 1 PHE A 127 ? ? -91.08  39.50  
8 1 THR A 171 ? ? -67.87  0.64   
# 
loop_
_pdbx_validate_main_chain_plane.id 
_pdbx_validate_main_chain_plane.PDB_model_num 
_pdbx_validate_main_chain_plane.auth_comp_id 
_pdbx_validate_main_chain_plane.auth_asym_id 
_pdbx_validate_main_chain_plane.auth_seq_id 
_pdbx_validate_main_chain_plane.PDB_ins_code 
_pdbx_validate_main_chain_plane.label_alt_id 
_pdbx_validate_main_chain_plane.improper_torsion_angle 
1 1 VAL A 60 ? ? -17.75 
2 1 LYS A 92 ? ? 16.07  
# 
loop_
_chem_comp_atom.comp_id 
_chem_comp_atom.atom_id 
_chem_comp_atom.type_symbol 
_chem_comp_atom.pdbx_aromatic_flag 
_chem_comp_atom.pdbx_stereo_config 
_chem_comp_atom.pdbx_ordinal 
ALA N    N N N 1   
ALA CA   C N S 2   
ALA C    C N N 3   
ALA O    O N N 4   
ALA CB   C N N 5   
ALA OXT  O N N 6   
ALA H    H N N 7   
ALA H2   H N N 8   
ALA HA   H N N 9   
ALA HB1  H N N 10  
ALA HB2  H N N 11  
ALA HB3  H N N 12  
ALA HXT  H N N 13  
ARG N    N N N 14  
ARG CA   C N S 15  
ARG C    C N N 16  
ARG O    O N N 17  
ARG CB   C N N 18  
ARG CG   C N N 19  
ARG CD   C N N 20  
ARG NE   N N N 21  
ARG CZ   C N N 22  
ARG NH1  N N N 23  
ARG NH2  N N N 24  
ARG OXT  O N N 25  
ARG H    H N N 26  
ARG H2   H N N 27  
ARG HA   H N N 28  
ARG HB2  H N N 29  
ARG HB3  H N N 30  
ARG HG2  H N N 31  
ARG HG3  H N N 32  
ARG HD2  H N N 33  
ARG HD3  H N N 34  
ARG HE   H N N 35  
ARG HH11 H N N 36  
ARG HH12 H N N 37  
ARG HH21 H N N 38  
ARG HH22 H N N 39  
ARG HXT  H N N 40  
ASN N    N N N 41  
ASN CA   C N S 42  
ASN C    C N N 43  
ASN O    O N N 44  
ASN CB   C N N 45  
ASN CG   C N N 46  
ASN OD1  O N N 47  
ASN ND2  N N N 48  
ASN OXT  O N N 49  
ASN H    H N N 50  
ASN H2   H N N 51  
ASN HA   H N N 52  
ASN HB2  H N N 53  
ASN HB3  H N N 54  
ASN HD21 H N N 55  
ASN HD22 H N N 56  
ASN HXT  H N N 57  
ASP N    N N N 58  
ASP CA   C N S 59  
ASP C    C N N 60  
ASP O    O N N 61  
ASP CB   C N N 62  
ASP CG   C N N 63  
ASP OD1  O N N 64  
ASP OD2  O N N 65  
ASP OXT  O N N 66  
ASP H    H N N 67  
ASP H2   H N N 68  
ASP HA   H N N 69  
ASP HB2  H N N 70  
ASP HB3  H N N 71  
ASP HD2  H N N 72  
ASP HXT  H N N 73  
CYS N    N N N 74  
CYS CA   C N R 75  
CYS C    C N N 76  
CYS O    O N N 77  
CYS CB   C N N 78  
CYS SG   S N N 79  
CYS OXT  O N N 80  
CYS H    H N N 81  
CYS H2   H N N 82  
CYS HA   H N N 83  
CYS HB2  H N N 84  
CYS HB3  H N N 85  
CYS HG   H N N 86  
CYS HXT  H N N 87  
GLN N    N N N 88  
GLN CA   C N S 89  
GLN C    C N N 90  
GLN O    O N N 91  
GLN CB   C N N 92  
GLN CG   C N N 93  
GLN CD   C N N 94  
GLN OE1  O N N 95  
GLN NE2  N N N 96  
GLN OXT  O N N 97  
GLN H    H N N 98  
GLN H2   H N N 99  
GLN HA   H N N 100 
GLN HB2  H N N 101 
GLN HB3  H N N 102 
GLN HG2  H N N 103 
GLN HG3  H N N 104 
GLN HE21 H N N 105 
GLN HE22 H N N 106 
GLN HXT  H N N 107 
GLU N    N N N 108 
GLU CA   C N S 109 
GLU C    C N N 110 
GLU O    O N N 111 
GLU CB   C N N 112 
GLU CG   C N N 113 
GLU CD   C N N 114 
GLU OE1  O N N 115 
GLU OE2  O N N 116 
GLU OXT  O N N 117 
GLU H    H N N 118 
GLU H2   H N N 119 
GLU HA   H N N 120 
GLU HB2  H N N 121 
GLU HB3  H N N 122 
GLU HG2  H N N 123 
GLU HG3  H N N 124 
GLU HE2  H N N 125 
GLU HXT  H N N 126 
GLY N    N N N 127 
GLY CA   C N N 128 
GLY C    C N N 129 
GLY O    O N N 130 
GLY OXT  O N N 131 
GLY H    H N N 132 
GLY H2   H N N 133 
GLY HA2  H N N 134 
GLY HA3  H N N 135 
GLY HXT  H N N 136 
HIS N    N N N 137 
HIS CA   C N S 138 
HIS C    C N N 139 
HIS O    O N N 140 
HIS CB   C N N 141 
HIS CG   C Y N 142 
HIS ND1  N Y N 143 
HIS CD2  C Y N 144 
HIS CE1  C Y N 145 
HIS NE2  N Y N 146 
HIS OXT  O N N 147 
HIS H    H N N 148 
HIS H2   H N N 149 
HIS HA   H N N 150 
HIS HB2  H N N 151 
HIS HB3  H N N 152 
HIS HD1  H N N 153 
HIS HD2  H N N 154 
HIS HE1  H N N 155 
HIS HE2  H N N 156 
HIS HXT  H N N 157 
HOH O    O N N 158 
HOH H1   H N N 159 
HOH H2   H N N 160 
ILE N    N N N 161 
ILE CA   C N S 162 
ILE C    C N N 163 
ILE O    O N N 164 
ILE CB   C N S 165 
ILE CG1  C N N 166 
ILE CG2  C N N 167 
ILE CD1  C N N 168 
ILE OXT  O N N 169 
ILE H    H N N 170 
ILE H2   H N N 171 
ILE HA   H N N 172 
ILE HB   H N N 173 
ILE HG12 H N N 174 
ILE HG13 H N N 175 
ILE HG21 H N N 176 
ILE HG22 H N N 177 
ILE HG23 H N N 178 
ILE HD11 H N N 179 
ILE HD12 H N N 180 
ILE HD13 H N N 181 
ILE HXT  H N N 182 
LEU N    N N N 183 
LEU CA   C N S 184 
LEU C    C N N 185 
LEU O    O N N 186 
LEU CB   C N N 187 
LEU CG   C N N 188 
LEU CD1  C N N 189 
LEU CD2  C N N 190 
LEU OXT  O N N 191 
LEU H    H N N 192 
LEU H2   H N N 193 
LEU HA   H N N 194 
LEU HB2  H N N 195 
LEU HB3  H N N 196 
LEU HG   H N N 197 
LEU HD11 H N N 198 
LEU HD12 H N N 199 
LEU HD13 H N N 200 
LEU HD21 H N N 201 
LEU HD22 H N N 202 
LEU HD23 H N N 203 
LEU HXT  H N N 204 
LYS N    N N N 205 
LYS CA   C N S 206 
LYS C    C N N 207 
LYS O    O N N 208 
LYS CB   C N N 209 
LYS CG   C N N 210 
LYS CD   C N N 211 
LYS CE   C N N 212 
LYS NZ   N N N 213 
LYS OXT  O N N 214 
LYS H    H N N 215 
LYS H2   H N N 216 
LYS HA   H N N 217 
LYS HB2  H N N 218 
LYS HB3  H N N 219 
LYS HG2  H N N 220 
LYS HG3  H N N 221 
LYS HD2  H N N 222 
LYS HD3  H N N 223 
LYS HE2  H N N 224 
LYS HE3  H N N 225 
LYS HZ1  H N N 226 
LYS HZ2  H N N 227 
LYS HZ3  H N N 228 
LYS HXT  H N N 229 
MET N    N N N 230 
MET CA   C N S 231 
MET C    C N N 232 
MET O    O N N 233 
MET CB   C N N 234 
MET CG   C N N 235 
MET SD   S N N 236 
MET CE   C N N 237 
MET OXT  O N N 238 
MET H    H N N 239 
MET H2   H N N 240 
MET HA   H N N 241 
MET HB2  H N N 242 
MET HB3  H N N 243 
MET HG2  H N N 244 
MET HG3  H N N 245 
MET HE1  H N N 246 
MET HE2  H N N 247 
MET HE3  H N N 248 
MET HXT  H N N 249 
PHE N    N N N 250 
PHE CA   C N S 251 
PHE C    C N N 252 
PHE O    O N N 253 
PHE CB   C N N 254 
PHE CG   C Y N 255 
PHE CD1  C Y N 256 
PHE CD2  C Y N 257 
PHE CE1  C Y N 258 
PHE CE2  C Y N 259 
PHE CZ   C Y N 260 
PHE OXT  O N N 261 
PHE H    H N N 262 
PHE H2   H N N 263 
PHE HA   H N N 264 
PHE HB2  H N N 265 
PHE HB3  H N N 266 
PHE HD1  H N N 267 
PHE HD2  H N N 268 
PHE HE1  H N N 269 
PHE HE2  H N N 270 
PHE HZ   H N N 271 
PHE HXT  H N N 272 
PRO N    N N N 273 
PRO CA   C N S 274 
PRO C    C N N 275 
PRO O    O N N 276 
PRO CB   C N N 277 
PRO CG   C N N 278 
PRO CD   C N N 279 
PRO OXT  O N N 280 
PRO H    H N N 281 
PRO HA   H N N 282 
PRO HB2  H N N 283 
PRO HB3  H N N 284 
PRO HG2  H N N 285 
PRO HG3  H N N 286 
PRO HD2  H N N 287 
PRO HD3  H N N 288 
PRO HXT  H N N 289 
SER N    N N N 290 
SER CA   C N S 291 
SER C    C N N 292 
SER O    O N N 293 
SER CB   C N N 294 
SER OG   O N N 295 
SER OXT  O N N 296 
SER H    H N N 297 
SER H2   H N N 298 
SER HA   H N N 299 
SER HB2  H N N 300 
SER HB3  H N N 301 
SER HG   H N N 302 
SER HXT  H N N 303 
THR N    N N N 304 
THR CA   C N S 305 
THR C    C N N 306 
THR O    O N N 307 
THR CB   C N R 308 
THR OG1  O N N 309 
THR CG2  C N N 310 
THR OXT  O N N 311 
THR H    H N N 312 
THR H2   H N N 313 
THR HA   H N N 314 
THR HB   H N N 315 
THR HG1  H N N 316 
THR HG21 H N N 317 
THR HG22 H N N 318 
THR HG23 H N N 319 
THR HXT  H N N 320 
TRP N    N N N 321 
TRP CA   C N S 322 
TRP C    C N N 323 
TRP O    O N N 324 
TRP CB   C N N 325 
TRP CG   C Y N 326 
TRP CD1  C Y N 327 
TRP CD2  C Y N 328 
TRP NE1  N Y N 329 
TRP CE2  C Y N 330 
TRP CE3  C Y N 331 
TRP CZ2  C Y N 332 
TRP CZ3  C Y N 333 
TRP CH2  C Y N 334 
TRP OXT  O N N 335 
TRP H    H N N 336 
TRP H2   H N N 337 
TRP HA   H N N 338 
TRP HB2  H N N 339 
TRP HB3  H N N 340 
TRP HD1  H N N 341 
TRP HE1  H N N 342 
TRP HE3  H N N 343 
TRP HZ2  H N N 344 
TRP HZ3  H N N 345 
TRP HH2  H N N 346 
TRP HXT  H N N 347 
TYR N    N N N 348 
TYR CA   C N S 349 
TYR C    C N N 350 
TYR O    O N N 351 
TYR CB   C N N 352 
TYR CG   C Y N 353 
TYR CD1  C Y N 354 
TYR CD2  C Y N 355 
TYR CE1  C Y N 356 
TYR CE2  C Y N 357 
TYR CZ   C Y N 358 
TYR OH   O N N 359 
TYR OXT  O N N 360 
TYR H    H N N 361 
TYR H2   H N N 362 
TYR HA   H N N 363 
TYR HB2  H N N 364 
TYR HB3  H N N 365 
TYR HD1  H N N 366 
TYR HD2  H N N 367 
TYR HE1  H N N 368 
TYR HE2  H N N 369 
TYR HH   H N N 370 
TYR HXT  H N N 371 
VAL N    N N N 372 
VAL CA   C N S 373 
VAL C    C N N 374 
VAL O    O N N 375 
VAL CB   C N N 376 
VAL CG1  C N N 377 
VAL CG2  C N N 378 
VAL OXT  O N N 379 
VAL H    H N N 380 
VAL H2   H N N 381 
VAL HA   H N N 382 
VAL HB   H N N 383 
VAL HG11 H N N 384 
VAL HG12 H N N 385 
VAL HG13 H N N 386 
VAL HG21 H N N 387 
VAL HG22 H N N 388 
VAL HG23 H N N 389 
VAL HXT  H N N 390 
# 
loop_
_chem_comp_bond.comp_id 
_chem_comp_bond.atom_id_1 
_chem_comp_bond.atom_id_2 
_chem_comp_bond.value_order 
_chem_comp_bond.pdbx_aromatic_flag 
_chem_comp_bond.pdbx_stereo_config 
_chem_comp_bond.pdbx_ordinal 
ALA N   CA   sing N N 1   
ALA N   H    sing N N 2   
ALA N   H2   sing N N 3   
ALA CA  C    sing N N 4   
ALA CA  CB   sing N N 5   
ALA CA  HA   sing N N 6   
ALA C   O    doub N N 7   
ALA C   OXT  sing N N 8   
ALA CB  HB1  sing N N 9   
ALA CB  HB2  sing N N 10  
ALA CB  HB3  sing N N 11  
ALA OXT HXT  sing N N 12  
ARG N   CA   sing N N 13  
ARG N   H    sing N N 14  
ARG N   H2   sing N N 15  
ARG CA  C    sing N N 16  
ARG CA  CB   sing N N 17  
ARG CA  HA   sing N N 18  
ARG C   O    doub N N 19  
ARG C   OXT  sing N N 20  
ARG CB  CG   sing N N 21  
ARG CB  HB2  sing N N 22  
ARG CB  HB3  sing N N 23  
ARG CG  CD   sing N N 24  
ARG CG  HG2  sing N N 25  
ARG CG  HG3  sing N N 26  
ARG CD  NE   sing N N 27  
ARG CD  HD2  sing N N 28  
ARG CD  HD3  sing N N 29  
ARG NE  CZ   sing N N 30  
ARG NE  HE   sing N N 31  
ARG CZ  NH1  sing N N 32  
ARG CZ  NH2  doub N N 33  
ARG NH1 HH11 sing N N 34  
ARG NH1 HH12 sing N N 35  
ARG NH2 HH21 sing N N 36  
ARG NH2 HH22 sing N N 37  
ARG OXT HXT  sing N N 38  
ASN N   CA   sing N N 39  
ASN N   H    sing N N 40  
ASN N   H2   sing N N 41  
ASN CA  C    sing N N 42  
ASN CA  CB   sing N N 43  
ASN CA  HA   sing N N 44  
ASN C   O    doub N N 45  
ASN C   OXT  sing N N 46  
ASN CB  CG   sing N N 47  
ASN CB  HB2  sing N N 48  
ASN CB  HB3  sing N N 49  
ASN CG  OD1  doub N N 50  
ASN CG  ND2  sing N N 51  
ASN ND2 HD21 sing N N 52  
ASN ND2 HD22 sing N N 53  
ASN OXT HXT  sing N N 54  
ASP N   CA   sing N N 55  
ASP N   H    sing N N 56  
ASP N   H2   sing N N 57  
ASP CA  C    sing N N 58  
ASP CA  CB   sing N N 59  
ASP CA  HA   sing N N 60  
ASP C   O    doub N N 61  
ASP C   OXT  sing N N 62  
ASP CB  CG   sing N N 63  
ASP CB  HB2  sing N N 64  
ASP CB  HB3  sing N N 65  
ASP CG  OD1  doub N N 66  
ASP CG  OD2  sing N N 67  
ASP OD2 HD2  sing N N 68  
ASP OXT HXT  sing N N 69  
CYS N   CA   sing N N 70  
CYS N   H    sing N N 71  
CYS N   H2   sing N N 72  
CYS CA  C    sing N N 73  
CYS CA  CB   sing N N 74  
CYS CA  HA   sing N N 75  
CYS C   O    doub N N 76  
CYS C   OXT  sing N N 77  
CYS CB  SG   sing N N 78  
CYS CB  HB2  sing N N 79  
CYS CB  HB3  sing N N 80  
CYS SG  HG   sing N N 81  
CYS OXT HXT  sing N N 82  
GLN N   CA   sing N N 83  
GLN N   H    sing N N 84  
GLN N   H2   sing N N 85  
GLN CA  C    sing N N 86  
GLN CA  CB   sing N N 87  
GLN CA  HA   sing N N 88  
GLN C   O    doub N N 89  
GLN C   OXT  sing N N 90  
GLN CB  CG   sing N N 91  
GLN CB  HB2  sing N N 92  
GLN CB  HB3  sing N N 93  
GLN CG  CD   sing N N 94  
GLN CG  HG2  sing N N 95  
GLN CG  HG3  sing N N 96  
GLN CD  OE1  doub N N 97  
GLN CD  NE2  sing N N 98  
GLN NE2 HE21 sing N N 99  
GLN NE2 HE22 sing N N 100 
GLN OXT HXT  sing N N 101 
GLU N   CA   sing N N 102 
GLU N   H    sing N N 103 
GLU N   H2   sing N N 104 
GLU CA  C    sing N N 105 
GLU CA  CB   sing N N 106 
GLU CA  HA   sing N N 107 
GLU C   O    doub N N 108 
GLU C   OXT  sing N N 109 
GLU CB  CG   sing N N 110 
GLU CB  HB2  sing N N 111 
GLU CB  HB3  sing N N 112 
GLU CG  CD   sing N N 113 
GLU CG  HG2  sing N N 114 
GLU CG  HG3  sing N N 115 
GLU CD  OE1  doub N N 116 
GLU CD  OE2  sing N N 117 
GLU OE2 HE2  sing N N 118 
GLU OXT HXT  sing N N 119 
GLY N   CA   sing N N 120 
GLY N   H    sing N N 121 
GLY N   H2   sing N N 122 
GLY CA  C    sing N N 123 
GLY CA  HA2  sing N N 124 
GLY CA  HA3  sing N N 125 
GLY C   O    doub N N 126 
GLY C   OXT  sing N N 127 
GLY OXT HXT  sing N N 128 
HIS N   CA   sing N N 129 
HIS N   H    sing N N 130 
HIS N   H2   sing N N 131 
HIS CA  C    sing N N 132 
HIS CA  CB   sing N N 133 
HIS CA  HA   sing N N 134 
HIS C   O    doub N N 135 
HIS C   OXT  sing N N 136 
HIS CB  CG   sing N N 137 
HIS CB  HB2  sing N N 138 
HIS CB  HB3  sing N N 139 
HIS CG  ND1  sing Y N 140 
HIS CG  CD2  doub Y N 141 
HIS ND1 CE1  doub Y N 142 
HIS ND1 HD1  sing N N 143 
HIS CD2 NE2  sing Y N 144 
HIS CD2 HD2  sing N N 145 
HIS CE1 NE2  sing Y N 146 
HIS CE1 HE1  sing N N 147 
HIS NE2 HE2  sing N N 148 
HIS OXT HXT  sing N N 149 
HOH O   H1   sing N N 150 
HOH O   H2   sing N N 151 
ILE N   CA   sing N N 152 
ILE N   H    sing N N 153 
ILE N   H2   sing N N 154 
ILE CA  C    sing N N 155 
ILE CA  CB   sing N N 156 
ILE CA  HA   sing N N 157 
ILE C   O    doub N N 158 
ILE C   OXT  sing N N 159 
ILE CB  CG1  sing N N 160 
ILE CB  CG2  sing N N 161 
ILE CB  HB   sing N N 162 
ILE CG1 CD1  sing N N 163 
ILE CG1 HG12 sing N N 164 
ILE CG1 HG13 sing N N 165 
ILE CG2 HG21 sing N N 166 
ILE CG2 HG22 sing N N 167 
ILE CG2 HG23 sing N N 168 
ILE CD1 HD11 sing N N 169 
ILE CD1 HD12 sing N N 170 
ILE CD1 HD13 sing N N 171 
ILE OXT HXT  sing N N 172 
LEU N   CA   sing N N 173 
LEU N   H    sing N N 174 
LEU N   H2   sing N N 175 
LEU CA  C    sing N N 176 
LEU CA  CB   sing N N 177 
LEU CA  HA   sing N N 178 
LEU C   O    doub N N 179 
LEU C   OXT  sing N N 180 
LEU CB  CG   sing N N 181 
LEU CB  HB2  sing N N 182 
LEU CB  HB3  sing N N 183 
LEU CG  CD1  sing N N 184 
LEU CG  CD2  sing N N 185 
LEU CG  HG   sing N N 186 
LEU CD1 HD11 sing N N 187 
LEU CD1 HD12 sing N N 188 
LEU CD1 HD13 sing N N 189 
LEU CD2 HD21 sing N N 190 
LEU CD2 HD22 sing N N 191 
LEU CD2 HD23 sing N N 192 
LEU OXT HXT  sing N N 193 
LYS N   CA   sing N N 194 
LYS N   H    sing N N 195 
LYS N   H2   sing N N 196 
LYS CA  C    sing N N 197 
LYS CA  CB   sing N N 198 
LYS CA  HA   sing N N 199 
LYS C   O    doub N N 200 
LYS C   OXT  sing N N 201 
LYS CB  CG   sing N N 202 
LYS CB  HB2  sing N N 203 
LYS CB  HB3  sing N N 204 
LYS CG  CD   sing N N 205 
LYS CG  HG2  sing N N 206 
LYS CG  HG3  sing N N 207 
LYS CD  CE   sing N N 208 
LYS CD  HD2  sing N N 209 
LYS CD  HD3  sing N N 210 
LYS CE  NZ   sing N N 211 
LYS CE  HE2  sing N N 212 
LYS CE  HE3  sing N N 213 
LYS NZ  HZ1  sing N N 214 
LYS NZ  HZ2  sing N N 215 
LYS NZ  HZ3  sing N N 216 
LYS OXT HXT  sing N N 217 
MET N   CA   sing N N 218 
MET N   H    sing N N 219 
MET N   H2   sing N N 220 
MET CA  C    sing N N 221 
MET CA  CB   sing N N 222 
MET CA  HA   sing N N 223 
MET C   O    doub N N 224 
MET C   OXT  sing N N 225 
MET CB  CG   sing N N 226 
MET CB  HB2  sing N N 227 
MET CB  HB3  sing N N 228 
MET CG  SD   sing N N 229 
MET CG  HG2  sing N N 230 
MET CG  HG3  sing N N 231 
MET SD  CE   sing N N 232 
MET CE  HE1  sing N N 233 
MET CE  HE2  sing N N 234 
MET CE  HE3  sing N N 235 
MET OXT HXT  sing N N 236 
PHE N   CA   sing N N 237 
PHE N   H    sing N N 238 
PHE N   H2   sing N N 239 
PHE CA  C    sing N N 240 
PHE CA  CB   sing N N 241 
PHE CA  HA   sing N N 242 
PHE C   O    doub N N 243 
PHE C   OXT  sing N N 244 
PHE CB  CG   sing N N 245 
PHE CB  HB2  sing N N 246 
PHE CB  HB3  sing N N 247 
PHE CG  CD1  doub Y N 248 
PHE CG  CD2  sing Y N 249 
PHE CD1 CE1  sing Y N 250 
PHE CD1 HD1  sing N N 251 
PHE CD2 CE2  doub Y N 252 
PHE CD2 HD2  sing N N 253 
PHE CE1 CZ   doub Y N 254 
PHE CE1 HE1  sing N N 255 
PHE CE2 CZ   sing Y N 256 
PHE CE2 HE2  sing N N 257 
PHE CZ  HZ   sing N N 258 
PHE OXT HXT  sing N N 259 
PRO N   CA   sing N N 260 
PRO N   CD   sing N N 261 
PRO N   H    sing N N 262 
PRO CA  C    sing N N 263 
PRO CA  CB   sing N N 264 
PRO CA  HA   sing N N 265 
PRO C   O    doub N N 266 
PRO C   OXT  sing N N 267 
PRO CB  CG   sing N N 268 
PRO CB  HB2  sing N N 269 
PRO CB  HB3  sing N N 270 
PRO CG  CD   sing N N 271 
PRO CG  HG2  sing N N 272 
PRO CG  HG3  sing N N 273 
PRO CD  HD2  sing N N 274 
PRO CD  HD3  sing N N 275 
PRO OXT HXT  sing N N 276 
SER N   CA   sing N N 277 
SER N   H    sing N N 278 
SER N   H2   sing N N 279 
SER CA  C    sing N N 280 
SER CA  CB   sing N N 281 
SER CA  HA   sing N N 282 
SER C   O    doub N N 283 
SER C   OXT  sing N N 284 
SER CB  OG   sing N N 285 
SER CB  HB2  sing N N 286 
SER CB  HB3  sing N N 287 
SER OG  HG   sing N N 288 
SER OXT HXT  sing N N 289 
THR N   CA   sing N N 290 
THR N   H    sing N N 291 
THR N   H2   sing N N 292 
THR CA  C    sing N N 293 
THR CA  CB   sing N N 294 
THR CA  HA   sing N N 295 
THR C   O    doub N N 296 
THR C   OXT  sing N N 297 
THR CB  OG1  sing N N 298 
THR CB  CG2  sing N N 299 
THR CB  HB   sing N N 300 
THR OG1 HG1  sing N N 301 
THR CG2 HG21 sing N N 302 
THR CG2 HG22 sing N N 303 
THR CG2 HG23 sing N N 304 
THR OXT HXT  sing N N 305 
TRP N   CA   sing N N 306 
TRP N   H    sing N N 307 
TRP N   H2   sing N N 308 
TRP CA  C    sing N N 309 
TRP CA  CB   sing N N 310 
TRP CA  HA   sing N N 311 
TRP C   O    doub N N 312 
TRP C   OXT  sing N N 313 
TRP CB  CG   sing N N 314 
TRP CB  HB2  sing N N 315 
TRP CB  HB3  sing N N 316 
TRP CG  CD1  doub Y N 317 
TRP CG  CD2  sing Y N 318 
TRP CD1 NE1  sing Y N 319 
TRP CD1 HD1  sing N N 320 
TRP CD2 CE2  doub Y N 321 
TRP CD2 CE3  sing Y N 322 
TRP NE1 CE2  sing Y N 323 
TRP NE1 HE1  sing N N 324 
TRP CE2 CZ2  sing Y N 325 
TRP CE3 CZ3  doub Y N 326 
TRP CE3 HE3  sing N N 327 
TRP CZ2 CH2  doub Y N 328 
TRP CZ2 HZ2  sing N N 329 
TRP CZ3 CH2  sing Y N 330 
TRP CZ3 HZ3  sing N N 331 
TRP CH2 HH2  sing N N 332 
TRP OXT HXT  sing N N 333 
TYR N   CA   sing N N 334 
TYR N   H    sing N N 335 
TYR N   H2   sing N N 336 
TYR CA  C    sing N N 337 
TYR CA  CB   sing N N 338 
TYR CA  HA   sing N N 339 
TYR C   O    doub N N 340 
TYR C   OXT  sing N N 341 
TYR CB  CG   sing N N 342 
TYR CB  HB2  sing N N 343 
TYR CB  HB3  sing N N 344 
TYR CG  CD1  doub Y N 345 
TYR CG  CD2  sing Y N 346 
TYR CD1 CE1  sing Y N 347 
TYR CD1 HD1  sing N N 348 
TYR CD2 CE2  doub Y N 349 
TYR CD2 HD2  sing N N 350 
TYR CE1 CZ   doub Y N 351 
TYR CE1 HE1  sing N N 352 
TYR CE2 CZ   sing Y N 353 
TYR CE2 HE2  sing N N 354 
TYR CZ  OH   sing N N 355 
TYR OH  HH   sing N N 356 
TYR OXT HXT  sing N N 357 
VAL N   CA   sing N N 358 
VAL N   H    sing N N 359 
VAL N   H2   sing N N 360 
VAL CA  C    sing N N 361 
VAL CA  CB   sing N N 362 
VAL CA  HA   sing N N 363 
VAL C   O    doub N N 364 
VAL C   OXT  sing N N 365 
VAL CB  CG1  sing N N 366 
VAL CB  CG2  sing N N 367 
VAL CB  HB   sing N N 368 
VAL CG1 HG11 sing N N 369 
VAL CG1 HG12 sing N N 370 
VAL CG1 HG13 sing N N 371 
VAL CG2 HG21 sing N N 372 
VAL CG2 HG22 sing N N 373 
VAL CG2 HG23 sing N N 374 
VAL OXT HXT  sing N N 375 
# 
_atom_sites.entry_id                    1EW3 
_atom_sites.fract_transf_matrix[1][1]   -0.00691099 
_atom_sites.fract_transf_matrix[1][2]   -0.00294621 
_atom_sites.fract_transf_matrix[1][3]   -0.00922866 
_atom_sites.fract_transf_matrix[2][1]   0.00631110 
_atom_sites.fract_transf_matrix[2][2]   -0.00996987 
_atom_sites.fract_transf_matrix[2][3]   -0.00154330 
_atom_sites.fract_transf_matrix[3][1]   -0.01056136 
_atom_sites.fract_transf_matrix[3][2]   -0.00832101 
_atom_sites.fract_transf_matrix[3][3]   0.01056544 
_atom_sites.fract_transf_vector[1]      0.932461 
_atom_sites.fract_transf_vector[2]      0.268643 
_atom_sites.fract_transf_vector[3]      0.395704 
# 
loop_
_atom_type.symbol 
C 
N 
O 
S 
# 
loop_
_atom_site.group_PDB 
_atom_site.id 
_atom_site.type_symbol 
_atom_site.label_atom_id 
_atom_site.label_alt_id 
_atom_site.label_comp_id 
_atom_site.label_asym_id 
_atom_site.label_entity_id 
_atom_site.label_seq_id 
_atom_site.pdbx_PDB_ins_code 
_atom_site.Cartn_x 
_atom_site.Cartn_y 
_atom_site.Cartn_z 
_atom_site.occupancy 
_atom_site.B_iso_or_equiv 
_atom_site.pdbx_formal_charge 
_atom_site.auth_seq_id 
_atom_site.auth_comp_id 
_atom_site.auth_asym_id 
_atom_site.auth_atom_id 
_atom_site.pdbx_PDB_model_num 
ATOM   1    N N   . VAL A 1 1   ? -13.212 5.436   11.139  1.00 81.31  ? 23  VAL A N   1 
ATOM   2    C CA  . VAL A 1 1   ? -12.744 6.687   11.807  1.00 78.21  ? 23  VAL A CA  1 
ATOM   3    C C   . VAL A 1 1   ? -11.475 6.404   12.620  1.00 75.04  ? 23  VAL A C   1 
ATOM   4    O O   . VAL A 1 1   ? -10.544 7.204   12.648  1.00 76.13  ? 23  VAL A O   1 
ATOM   5    C CB  . VAL A 1 1   ? -13.787 7.195   12.824  1.00 81.53  ? 23  VAL A CB  1 
ATOM   6    C CG1 . VAL A 1 1   ? -13.859 8.715   12.852  1.00 79.31  ? 23  VAL A CG1 1 
ATOM   7    C CG2 . VAL A 1 1   ? -15.123 6.522   12.572  1.00 80.49  ? 23  VAL A CG2 1 
ATOM   8    N N   . ALA A 1 2   ? -11.491 5.249   13.256  1.00 69.26  ? 24  ALA A N   1 
ATOM   9    C CA  . ALA A 1 2   ? -10.443 4.765   14.128  1.00 69.05  ? 24  ALA A CA  1 
ATOM   10   C C   . ALA A 1 2   ? -9.166  4.356   13.397  1.00 70.75  ? 24  ALA A C   1 
ATOM   11   O O   . ALA A 1 2   ? -9.012  3.251   12.890  1.00 68.34  ? 24  ALA A O   1 
ATOM   12   C CB  . ALA A 1 2   ? -11.032 3.619   14.955  1.00 66.66  ? 24  ALA A CB  1 
ATOM   13   N N   . ILE A 1 3   ? -8.208  5.273   13.340  1.00 68.36  ? 25  ILE A N   1 
ATOM   14   C CA  . ILE A 1 3   ? -6.920  5.145   12.694  1.00 65.67  ? 25  ILE A CA  1 
ATOM   15   C C   . ILE A 1 3   ? -5.833  5.224   13.763  1.00 67.88  ? 25  ILE A C   1 
ATOM   16   O O   . ILE A 1 3   ? -5.627  6.295   14.339  1.00 70.07  ? 25  ILE A O   1 
ATOM   17   C CB  . ILE A 1 3   ? -6.666  6.281   11.691  1.00 63.34  ? 25  ILE A CB  1 
ATOM   18   C CG1 . ILE A 1 3   ? -7.424  6.027   10.383  1.00 68.50  ? 25  ILE A CG1 1 
ATOM   19   C CG2 . ILE A 1 3   ? -5.185  6.453   11.465  1.00 56.12  ? 25  ILE A CG2 1 
ATOM   20   C CD1 . ILE A 1 3   ? -7.420  7.201   9.430   1.00 70.00  ? 25  ILE A CD1 1 
ATOM   21   N N   . ARG A 1 4   ? -5.203  4.089   14.034  1.00 65.23  ? 26  ARG A N   1 
ATOM   22   C CA  . ARG A 1 4   ? -4.269  4.006   15.125  1.00 66.84  ? 26  ARG A CA  1 
ATOM   23   C C   . ARG A 1 4   ? -2.971  3.390   14.629  1.00 62.57  ? 26  ARG A C   1 
ATOM   24   O O   . ARG A 1 4   ? -2.930  2.972   13.494  1.00 61.79  ? 26  ARG A O   1 
ATOM   25   C CB  . ARG A 1 4   ? -4.805  3.088   16.228  1.00 73.20  ? 26  ARG A CB  1 
ATOM   26   C CG  . ARG A 1 4   ? -6.312  3.054   16.405  1.00 79.51  ? 26  ARG A CG  1 
ATOM   27   C CD  . ARG A 1 4   ? -6.668  2.500   17.782  1.00 88.48  ? 26  ARG A CD  1 
ATOM   28   N NE  . ARG A 1 4   ? -8.066  2.673   18.142  1.00 96.61  ? 26  ARG A NE  1 
ATOM   29   C CZ  . ARG A 1 4   ? -8.491  2.948   19.378  1.00 104.72 ? 26  ARG A CZ  1 
ATOM   30   N NH1 . ARG A 1 4   ? -7.624  3.098   20.381  1.00 107.67 ? 26  ARG A NH1 1 
ATOM   31   N NH2 . ARG A 1 4   ? -9.790  3.083   19.627  1.00 105.06 ? 26  ARG A NH2 1 
ATOM   32   N N   . ASN A 1 5   ? -2.031  3.259   15.543  1.00 62.49  ? 27  ASN A N   1 
ATOM   33   C CA  . ASN A 1 5   ? -0.759  2.632   15.184  1.00 63.04  ? 27  ASN A CA  1 
ATOM   34   C C   . ASN A 1 5   ? -0.952  1.115   15.112  1.00 60.42  ? 27  ASN A C   1 
ATOM   35   O O   . ASN A 1 5   ? -1.716  0.516   15.873  1.00 59.88  ? 27  ASN A O   1 
ATOM   36   C CB  . ASN A 1 5   ? 0.367   3.052   16.122  1.00 68.93  ? 27  ASN A CB  1 
ATOM   37   C CG  . ASN A 1 5   ? 0.846   4.448   15.747  1.00 75.99  ? 27  ASN A CG  1 
ATOM   38   O OD1 . ASN A 1 5   ? 1.711   4.629   14.893  1.00 77.02  ? 27  ASN A OD1 1 
ATOM   39   N ND2 . ASN A 1 5   ? 0.263   5.468   16.373  1.00 78.86  ? 27  ASN A ND2 1 
ATOM   40   N N   . PHE A 1 6   ? -0.340  0.549   14.079  1.00 57.71  ? 28  PHE A N   1 
ATOM   41   C CA  . PHE A 1 6   ? -0.471  -0.862  13.840  1.00 57.55  ? 28  PHE A CA  1 
ATOM   42   C C   . PHE A 1 6   ? 0.400   -1.577  14.842  1.00 56.39  ? 28  PHE A C   1 
ATOM   43   O O   . PHE A 1 6   ? 1.563   -1.196  14.996  1.00 57.95  ? 28  PHE A O   1 
ATOM   44   C CB  . PHE A 1 6   ? -0.077  -1.234  12.374  1.00 57.26  ? 28  PHE A CB  1 
ATOM   45   C CG  . PHE A 1 6   ? -0.706  -2.579  12.078  1.00 56.23  ? 28  PHE A CG  1 
ATOM   46   C CD1 . PHE A 1 6   ? -2.022  -2.663  11.651  1.00 54.28  ? 28  PHE A CD1 1 
ATOM   47   C CD2 . PHE A 1 6   ? 0.007   -3.755  12.267  1.00 52.41  ? 28  PHE A CD2 1 
ATOM   48   C CE1 . PHE A 1 6   ? -2.611  -3.894  11.412  1.00 51.97  ? 28  PHE A CE1 1 
ATOM   49   C CE2 . PHE A 1 6   ? -0.590  -4.984  12.042  1.00 47.30  ? 28  PHE A CE2 1 
ATOM   50   C CZ  . PHE A 1 6   ? -1.894  -5.071  11.621  1.00 47.59  ? 28  PHE A CZ  1 
ATOM   51   N N   . ASP A 1 7   ? -0.026  -2.713  15.371  1.00 58.10  ? 29  ASP A N   1 
ATOM   52   C CA  . ASP A 1 7   ? 0.944   -3.420  16.231  1.00 56.20  ? 29  ASP A CA  1 
ATOM   53   C C   . ASP A 1 7   ? 1.738   -4.354  15.353  1.00 51.67  ? 29  ASP A C   1 
ATOM   54   O O   . ASP A 1 7   ? 1.236   -5.375  14.886  1.00 52.35  ? 29  ASP A O   1 
ATOM   55   C CB  . ASP A 1 7   ? 0.272   -4.055  17.418  1.00 58.45  ? 29  ASP A CB  1 
ATOM   56   C CG  . ASP A 1 7   ? 1.072   -5.154  18.088  1.00 64.40  ? 29  ASP A CG  1 
ATOM   57   O OD1 . ASP A 1 7   ? 0.370   -5.856  18.856  1.00 69.13  ? 29  ASP A OD1 1 
ATOM   58   O OD2 . ASP A 1 7   ? 2.288   -5.378  17.860  1.00 62.35  ? 29  ASP A OD2 1 
ATOM   59   N N   . ILE A 1 8   ? 3.009   -4.084  15.161  1.00 51.08  ? 30  ILE A N   1 
ATOM   60   C CA  . ILE A 1 8   ? 3.870   -4.852  14.294  1.00 53.37  ? 30  ILE A CA  1 
ATOM   61   C C   . ILE A 1 8   ? 4.021   -6.313  14.615  1.00 55.50  ? 30  ILE A C   1 
ATOM   62   O O   . ILE A 1 8   ? 4.431   -7.084  13.742  1.00 61.09  ? 30  ILE A O   1 
ATOM   63   C CB  . ILE A 1 8   ? 5.242   -4.201  14.073  1.00 54.44  ? 30  ILE A CB  1 
ATOM   64   C CG1 . ILE A 1 8   ? 5.104   -2.890  13.337  1.00 58.58  ? 30  ILE A CG1 1 
ATOM   65   C CG2 . ILE A 1 8   ? 6.126   -5.150  13.289  1.00 58.14  ? 30  ILE A CG2 1 
ATOM   66   C CD1 . ILE A 1 8   ? 4.698   -2.977  11.880  1.00 54.19  ? 30  ILE A CD1 1 
ATOM   67   N N   . SER A 1 9   ? 3.634   -6.807  15.770  1.00 56.82  ? 31  SER A N   1 
ATOM   68   C CA  . SER A 1 9   ? 3.703   -8.233  16.062  1.00 55.92  ? 31  SER A CA  1 
ATOM   69   C C   . SER A 1 9   ? 2.505   -8.899  15.406  1.00 55.52  ? 31  SER A C   1 
ATOM   70   O O   . SER A 1 9   ? 2.395   -10.112 15.295  1.00 57.24  ? 31  SER A O   1 
ATOM   71   C CB  . SER A 1 9   ? 3.672   -8.459  17.583  1.00 61.80  ? 31  SER A CB  1 
ATOM   72   O OG  . SER A 1 9   ? 2.370   -8.204  18.101  1.00 64.83  ? 31  SER A OG  1 
ATOM   73   N N   . LYS A 1 10  ? 1.581   -8.089  14.901  1.00 55.35  ? 32  LYS A N   1 
ATOM   74   C CA  . LYS A 1 10  ? 0.361   -8.666  14.300  1.00 55.82  ? 32  LYS A CA  1 
ATOM   75   C C   . LYS A 1 10  ? 0.380   -8.619  12.778  1.00 54.76  ? 32  LYS A C   1 
ATOM   76   O O   . LYS A 1 10  ? -0.507  -9.133  12.088  1.00 57.87  ? 32  LYS A O   1 
ATOM   77   C CB  . LYS A 1 10  ? -0.752  -7.796  14.919  1.00 60.19  ? 32  LYS A CB  1 
ATOM   78   C CG  . LYS A 1 10  ? -1.518  -8.426  16.051  1.00 67.51  ? 32  LYS A CG  1 
ATOM   79   C CD  . LYS A 1 10  ? -2.204  -7.554  17.059  1.00 69.84  ? 32  LYS A CD  1 
ATOM   80   C CE  . LYS A 1 10  ? -3.016  -6.392  16.539  1.00 75.63  ? 32  LYS A CE  1 
ATOM   81   N NZ  . LYS A 1 10  ? -3.860  -5.771  17.624  1.00 76.97  ? 32  LYS A NZ  1 
ATOM   82   N N   . ILE A 1 11  ? 1.408   -8.044  12.161  1.00 50.95  ? 33  ILE A N   1 
ATOM   83   C CA  . ILE A 1 11  ? 1.468   -7.691  10.777  1.00 49.26  ? 33  ILE A CA  1 
ATOM   84   C C   . ILE A 1 11  ? 1.798   -8.789  9.797   1.00 51.69  ? 33  ILE A C   1 
ATOM   85   O O   . ILE A 1 11  ? 1.458   -8.722  8.615   1.00 50.36  ? 33  ILE A O   1 
ATOM   86   C CB  . ILE A 1 11  ? 2.464   -6.519  10.528  1.00 48.78  ? 33  ILE A CB  1 
ATOM   87   C CG1 . ILE A 1 11  ? 2.114   -5.831  9.217   1.00 47.33  ? 33  ILE A CG1 1 
ATOM   88   C CG2 . ILE A 1 11  ? 3.910   -7.036  10.481  1.00 48.38  ? 33  ILE A CG2 1 
ATOM   89   C CD1 . ILE A 1 11  ? 2.287   -4.359  9.083   1.00 42.33  ? 33  ILE A CD1 1 
ATOM   90   N N   . SER A 1 12  ? 2.446   -9.844  10.261  1.00 49.01  ? 34  SER A N   1 
ATOM   91   C CA  . SER A 1 12  ? 3.036   -10.793 9.335   1.00 49.56  ? 34  SER A CA  1 
ATOM   92   C C   . SER A 1 12  ? 1.997   -11.671 8.665   1.00 45.29  ? 34  SER A C   1 
ATOM   93   O O   . SER A 1 12  ? 0.912   -11.851 9.199   1.00 43.01  ? 34  SER A O   1 
ATOM   94   C CB  . SER A 1 12  ? 4.149   -11.586 10.050  1.00 53.60  ? 34  SER A CB  1 
ATOM   95   O OG  . SER A 1 12  ? 3.618   -12.812 10.534  1.00 58.79  ? 34  SER A OG  1 
ATOM   96   N N   . GLY A 1 13  ? 2.392   -12.242 7.518   1.00 40.99  ? 35  GLY A N   1 
ATOM   97   C CA  . GLY A 1 13  ? 1.380   -13.140 6.925   1.00 46.47  ? 35  GLY A CA  1 
ATOM   98   C C   . GLY A 1 13  ? 0.902   -12.498 5.609   1.00 47.49  ? 35  GLY A C   1 
ATOM   99   O O   . GLY A 1 13  ? 1.485   -11.561 5.057   1.00 49.98  ? 35  GLY A O   1 
ATOM   100  N N   . GLU A 1 14  ? -0.208  -12.999 5.159   1.00 45.16  ? 36  GLU A N   1 
ATOM   101  C CA  . GLU A 1 14  ? -0.789  -12.688 3.868   1.00 48.67  ? 36  GLU A CA  1 
ATOM   102  C C   . GLU A 1 14  ? -1.730  -11.482 3.900   1.00 41.60  ? 36  GLU A C   1 
ATOM   103  O O   . GLU A 1 14  ? -2.556  -11.403 4.805   1.00 40.29  ? 36  GLU A O   1 
ATOM   104  C CB  . GLU A 1 14  ? -1.644  -13.906 3.418   1.00 52.59  ? 36  GLU A CB  1 
ATOM   105  C CG  . GLU A 1 14  ? -0.824  -14.921 2.659   1.00 64.60  ? 36  GLU A CG  1 
ATOM   106  C CD  . GLU A 1 14  ? -1.661  -15.900 1.852   1.00 72.57  ? 36  GLU A CD  1 
ATOM   107  O OE1 . GLU A 1 14  ? -2.428  -15.507 0.942   1.00 70.53  ? 36  GLU A OE1 1 
ATOM   108  O OE2 . GLU A 1 14  ? -1.501  -17.099 2.155   1.00 77.10  ? 36  GLU A OE2 1 
ATOM   109  N N   . TRP A 1 15  ? -1.549  -10.641 2.908   1.00 37.68  ? 37  TRP A N   1 
ATOM   110  C CA  . TRP A 1 15  ? -2.468  -9.499  2.818   1.00 41.99  ? 37  TRP A CA  1 
ATOM   111  C C   . TRP A 1 15  ? -2.936  -9.392  1.350   1.00 40.71  ? 37  TRP A C   1 
ATOM   112  O O   . TRP A 1 15  ? -2.272  -9.925  0.460   1.00 37.63  ? 37  TRP A O   1 
ATOM   113  C CB  . TRP A 1 15  ? -1.806  -8.175  3.222   1.00 38.77  ? 37  TRP A CB  1 
ATOM   114  C CG  . TRP A 1 15  ? -1.516  -8.085  4.679   1.00 46.37  ? 37  TRP A CG  1 
ATOM   115  C CD1 . TRP A 1 15  ? -0.389  -8.630  5.280   1.00 41.04  ? 37  TRP A CD1 1 
ATOM   116  C CD2 . TRP A 1 15  ? -2.311  -7.476  5.711   1.00 43.78  ? 37  TRP A CD2 1 
ATOM   117  N NE1 . TRP A 1 15  ? -0.490  -8.377  6.611   1.00 40.26  ? 37  TRP A NE1 1 
ATOM   118  C CE2 . TRP A 1 15  ? -1.623  -7.678  6.922   1.00 42.19  ? 37  TRP A CE2 1 
ATOM   119  C CE3 . TRP A 1 15  ? -3.530  -6.799  5.753   1.00 44.54  ? 37  TRP A CE3 1 
ATOM   120  C CZ2 . TRP A 1 15  ? -2.126  -7.225  8.141   1.00 46.87  ? 37  TRP A CZ2 1 
ATOM   121  C CZ3 . TRP A 1 15  ? -4.046  -6.339  6.950   1.00 46.02  ? 37  TRP A CZ3 1 
ATOM   122  C CH2 . TRP A 1 15  ? -3.334  -6.562  8.151   1.00 48.07  ? 37  TRP A CH2 1 
ATOM   123  N N   . TYR A 1 16  ? -3.964  -8.558  1.150   1.00 38.27  ? 38  TYR A N   1 
ATOM   124  C CA  . TYR A 1 16  ? -4.340  -8.181  -0.205  1.00 40.97  ? 38  TYR A CA  1 
ATOM   125  C C   . TYR A 1 16  ? -4.415  -6.676  -0.416  1.00 38.76  ? 38  TYR A C   1 
ATOM   126  O O   . TYR A 1 16  ? -4.868  -5.892  0.441   1.00 37.99  ? 38  TYR A O   1 
ATOM   127  C CB  . TYR A 1 16  ? -5.727  -8.755  -0.537  1.00 36.27  ? 38  TYR A CB  1 
ATOM   128  C CG  . TYR A 1 16  ? -5.826  -10.256 -0.499  1.00 33.35  ? 38  TYR A CG  1 
ATOM   129  C CD1 . TYR A 1 16  ? -6.208  -10.903 0.644   1.00 34.87  ? 38  TYR A CD1 1 
ATOM   130  C CD2 . TYR A 1 16  ? -5.561  -11.034 -1.643  1.00 38.62  ? 38  TYR A CD2 1 
ATOM   131  C CE1 . TYR A 1 16  ? -6.338  -12.271 0.684   1.00 39.03  ? 38  TYR A CE1 1 
ATOM   132  C CE2 . TYR A 1 16  ? -5.701  -12.412 -1.633  1.00 39.50  ? 38  TYR A CE2 1 
ATOM   133  C CZ  . TYR A 1 16  ? -6.099  -13.006 -0.462  1.00 43.26  ? 38  TYR A CZ  1 
ATOM   134  O OH  . TYR A 1 16  ? -6.235  -14.380 -0.375  1.00 51.91  ? 38  TYR A OH  1 
ATOM   135  N N   . SER A 1 17  ? -4.070  -6.258  -1.631  1.00 36.32  ? 39  SER A N   1 
ATOM   136  C CA  . SER A 1 17  ? -4.195  -4.841  -1.957  1.00 38.67  ? 39  SER A CA  1 
ATOM   137  C C   . SER A 1 17  ? -5.623  -4.549  -2.443  1.00 42.02  ? 39  SER A C   1 
ATOM   138  O O   . SER A 1 17  ? -6.077  -5.191  -3.398  1.00 41.71  ? 39  SER A O   1 
ATOM   139  C CB  . SER A 1 17  ? -3.210  -4.423  -3.034  1.00 36.25  ? 39  SER A CB  1 
ATOM   140  O OG  . SER A 1 17  ? -1.884  -4.527  -2.580  1.00 37.08  ? 39  SER A OG  1 
ATOM   141  N N   . ILE A 1 18  ? -6.287  -3.620  -1.797  1.00 40.73  ? 40  ILE A N   1 
ATOM   142  C CA  . ILE A 1 18  ? -7.629  -3.165  -2.056  1.00 43.30  ? 40  ILE A CA  1 
ATOM   143  C C   . ILE A 1 18  ? -7.689  -1.897  -2.878  1.00 46.39  ? 40  ILE A C   1 
ATOM   144  O O   . ILE A 1 18  ? -8.439  -1.895  -3.872  1.00 50.33  ? 40  ILE A O   1 
ATOM   145  C CB  . ILE A 1 18  ? -8.438  -2.931  -0.763  1.00 48.44  ? 40  ILE A CB  1 
ATOM   146  C CG1 . ILE A 1 18  ? -8.252  -4.112  0.188   1.00 45.83  ? 40  ILE A CG1 1 
ATOM   147  C CG2 . ILE A 1 18  ? -9.897  -2.703  -1.102  1.00 47.80  ? 40  ILE A CG2 1 
ATOM   148  C CD1 . ILE A 1 18  ? -8.758  -5.431  -0.400  1.00 43.74  ? 40  ILE A CD1 1 
ATOM   149  N N   . PHE A 1 19  ? -7.055  -0.801  -2.471  1.00 46.90  ? 41  PHE A N   1 
ATOM   150  C CA  . PHE A 1 19  ? -7.025  0.429   -3.265  1.00 40.96  ? 41  PHE A CA  1 
ATOM   151  C C   . PHE A 1 19  ? -5.608  0.993   -3.369  1.00 41.66  ? 41  PHE A C   1 
ATOM   152  O O   . PHE A 1 19  ? -4.776  0.710   -2.496  1.00 42.81  ? 41  PHE A O   1 
ATOM   153  C CB  . PHE A 1 19  ? -7.765  1.601   -2.564  1.00 42.66  ? 41  PHE A CB  1 
ATOM   154  C CG  . PHE A 1 19  ? -9.129  1.192   -2.114  1.00 45.75  ? 41  PHE A CG  1 
ATOM   155  C CD1 . PHE A 1 19  ? -9.387  0.796   -0.831  1.00 45.33  ? 41  PHE A CD1 1 
ATOM   156  C CD2 . PHE A 1 19  ? -10.148 1.169   -3.068  1.00 52.75  ? 41  PHE A CD2 1 
ATOM   157  C CE1 . PHE A 1 19  ? -10.659 0.391   -0.480  1.00 52.37  ? 41  PHE A CE1 1 
ATOM   158  C CE2 . PHE A 1 19  ? -11.418 0.734   -2.716  1.00 57.39  ? 41  PHE A CE2 1 
ATOM   159  C CZ  . PHE A 1 19  ? -11.673 0.338   -1.417  1.00 53.90  ? 41  PHE A CZ  1 
ATOM   160  N N   . LEU A 1 20  ? -5.442  1.797   -4.372  1.00 36.99  ? 42  LEU A N   1 
ATOM   161  C CA  . LEU A 1 20  ? -4.360  2.684   -4.644  1.00 42.40  ? 42  LEU A CA  1 
ATOM   162  C C   . LEU A 1 20  ? -4.925  4.092   -4.936  1.00 47.32  ? 42  LEU A C   1 
ATOM   163  O O   . LEU A 1 20  ? -6.058  4.204   -5.457  1.00 47.61  ? 42  LEU A O   1 
ATOM   164  C CB  . LEU A 1 20  ? -3.542  2.246   -5.821  1.00 44.85  ? 42  LEU A CB  1 
ATOM   165  C CG  . LEU A 1 20  ? -2.688  1.011   -5.487  1.00 51.85  ? 42  LEU A CG  1 
ATOM   166  C CD1 . LEU A 1 20  ? -2.212  0.468   -6.811  1.00 48.77  ? 42  LEU A CD1 1 
ATOM   167  C CD2 . LEU A 1 20  ? -1.584  1.442   -4.500  1.00 46.91  ? 42  LEU A CD2 1 
ATOM   168  N N   . ALA A 1 21  ? -4.304  5.110   -4.370  1.00 46.73  ? 43  ALA A N   1 
ATOM   169  C CA  . ALA A 1 21  ? -4.758  6.504   -4.592  1.00 45.79  ? 43  ALA A CA  1 
ATOM   170  C C   . ALA A 1 21  ? -3.532  7.385   -4.637  1.00 45.57  ? 43  ALA A C   1 
ATOM   171  O O   . ALA A 1 21  ? -2.525  7.148   -3.937  1.00 51.18  ? 43  ALA A O   1 
ATOM   172  C CB  . ALA A 1 21  ? -5.779  6.937   -3.563  1.00 45.62  ? 43  ALA A CB  1 
ATOM   173  N N   . SER A 1 22  ? -3.482  8.328   -5.565  1.00 44.38  ? 44  SER A N   1 
ATOM   174  C CA  . SER A 1 22  ? -2.296  9.163   -5.694  1.00 42.15  ? 44  SER A CA  1 
ATOM   175  C C   . SER A 1 22  ? -2.553  10.475  -6.416  1.00 49.99  ? 44  SER A C   1 
ATOM   176  O O   . SER A 1 22  ? -3.451  10.522  -7.252  1.00 49.36  ? 44  SER A O   1 
ATOM   177  C CB  . SER A 1 22  ? -1.259  8.356   -6.399  1.00 38.92  ? 44  SER A CB  1 
ATOM   178  O OG  . SER A 1 22  ? -0.164  9.070   -6.928  1.00 45.25  ? 44  SER A OG  1 
ATOM   179  N N   . ASP A 1 23  ? -1.741  11.502  -6.119  1.00 49.18  ? 45  ASP A N   1 
ATOM   180  C CA  . ASP A 1 23  ? -2.047  12.786  -6.778  1.00 52.92  ? 45  ASP A CA  1 
ATOM   181  C C   . ASP A 1 23  ? -1.295  12.789  -8.084  1.00 53.35  ? 45  ASP A C   1 
ATOM   182  O O   . ASP A 1 23  ? -1.341  13.746  -8.827  1.00 57.96  ? 45  ASP A O   1 
ATOM   183  C CB  . ASP A 1 23  ? -1.793  13.996  -5.896  1.00 54.71  ? 45  ASP A CB  1 
ATOM   184  C CG  . ASP A 1 23  ? -0.486  13.901  -5.097  1.00 54.04  ? 45  ASP A CG  1 
ATOM   185  O OD1 . ASP A 1 23  ? -0.463  14.497  -3.990  1.00 54.91  ? 45  ASP A OD1 1 
ATOM   186  O OD2 . ASP A 1 23  ? 0.444   13.226  -5.589  1.00 42.42  ? 45  ASP A OD2 1 
ATOM   187  N N   . VAL A 1 24  ? -0.590  11.692  -8.380  1.00 50.18  ? 46  VAL A N   1 
ATOM   188  C CA  . VAL A 1 24  ? 0.080   11.570  -9.676  1.00 46.75  ? 46  VAL A CA  1 
ATOM   189  C C   . VAL A 1 24  ? -0.304  10.197  -10.226 1.00 50.61  ? 46  VAL A C   1 
ATOM   190  O O   . VAL A 1 24  ? 0.310   9.138   -10.008 1.00 48.68  ? 46  VAL A O   1 
ATOM   191  C CB  . VAL A 1 24  ? 1.577   11.765  -9.560  1.00 50.36  ? 46  VAL A CB  1 
ATOM   192  C CG1 . VAL A 1 24  ? 2.269   11.554  -10.905 1.00 51.19  ? 46  VAL A CG1 1 
ATOM   193  C CG2 . VAL A 1 24  ? 1.953   13.117  -8.969  1.00 50.95  ? 46  VAL A CG2 1 
ATOM   194  N N   . LYS A 1 25  ? -1.511  10.164  -10.777 1.00 53.03  ? 47  LYS A N   1 
ATOM   195  C CA  . LYS A 1 25  ? -2.215  9.039   -11.344 1.00 54.37  ? 47  LYS A CA  1 
ATOM   196  C C   . LYS A 1 25  ? -1.361  8.021   -12.095 1.00 49.32  ? 47  LYS A C   1 
ATOM   197  O O   . LYS A 1 25  ? -1.535  6.821   -11.960 1.00 51.30  ? 47  LYS A O   1 
ATOM   198  C CB  . LYS A 1 25  ? -3.282  9.502   -12.359 1.00 63.37  ? 47  LYS A CB  1 
ATOM   199  C CG  . LYS A 1 25  ? -4.699  9.465   -11.804 1.00 71.17  ? 47  LYS A CG  1 
ATOM   200  C CD  . LYS A 1 25  ? -5.181  8.057   -11.496 1.00 74.69  ? 47  LYS A CD  1 
ATOM   201  C CE  . LYS A 1 25  ? -6.043  7.500   -12.627 1.00 83.32  ? 47  LYS A CE  1 
ATOM   202  N NZ  . LYS A 1 25  ? -7.404  7.038   -12.174 1.00 82.94  ? 47  LYS A NZ  1 
ATOM   203  N N   . GLU A 1 26  ? -0.406  8.522   -12.822 1.00 44.16  ? 48  GLU A N   1 
ATOM   204  C CA  . GLU A 1 26  ? 0.398   7.717   -13.712 1.00 51.13  ? 48  GLU A CA  1 
ATOM   205  C C   . GLU A 1 26  ? 1.211   6.712   -12.928 1.00 55.05  ? 48  GLU A C   1 
ATOM   206  O O   . GLU A 1 26  ? 1.661   5.692   -13.443 1.00 59.11  ? 48  GLU A O   1 
ATOM   207  C CB  . GLU A 1 26  ? 1.259   8.712   -14.477 1.00 56.95  ? 48  GLU A CB  1 
ATOM   208  C CG  . GLU A 1 26  ? 2.129   8.283   -15.607 1.00 69.56  ? 48  GLU A CG  1 
ATOM   209  C CD  . GLU A 1 26  ? 2.933   9.465   -16.145 1.00 83.02  ? 48  GLU A CD  1 
ATOM   210  O OE1 . GLU A 1 26  ? 2.284   10.454  -16.569 1.00 88.31  ? 48  GLU A OE1 1 
ATOM   211  O OE2 . GLU A 1 26  ? 4.187   9.440   -16.157 1.00 87.68  ? 48  GLU A OE2 1 
ATOM   212  N N   . LYS A 1 27  ? 1.504   7.019   -11.675 1.00 54.43  ? 49  LYS A N   1 
ATOM   213  C CA  . LYS A 1 27  ? 2.253   6.120   -10.809 1.00 50.99  ? 49  LYS A CA  1 
ATOM   214  C C   . LYS A 1 27  ? 1.385   4.915   -10.499 1.00 50.70  ? 49  LYS A C   1 
ATOM   215  O O   . LYS A 1 27  ? 2.008   3.882   -10.248 1.00 52.90  ? 49  LYS A O   1 
ATOM   216  C CB  . LYS A 1 27  ? 2.639   6.900   -9.540  1.00 53.12  ? 49  LYS A CB  1 
ATOM   217  C CG  . LYS A 1 27  ? 3.755   7.935   -9.802  1.00 49.47  ? 49  LYS A CG  1 
ATOM   218  C CD  . LYS A 1 27  ? 4.974   7.117   -10.226 1.00 50.19  ? 49  LYS A CD  1 
ATOM   219  C CE  . LYS A 1 27  ? 6.153   7.932   -10.654 1.00 53.60  ? 49  LYS A CE  1 
ATOM   220  N NZ  . LYS A 1 27  ? 7.270   7.065   -11.150 1.00 57.64  ? 49  LYS A NZ  1 
ATOM   221  N N   . ILE A 1 28  ? 0.050   5.053   -10.387 1.00 45.22  ? 50  ILE A N   1 
ATOM   222  C CA  . ILE A 1 28  ? -0.716  3.849   -10.090 1.00 48.97  ? 50  ILE A CA  1 
ATOM   223  C C   . ILE A 1 28  ? -1.513  3.220   -11.246 1.00 52.85  ? 50  ILE A C   1 
ATOM   224  O O   . ILE A 1 28  ? -2.346  2.334   -10.996 1.00 48.05  ? 50  ILE A O   1 
ATOM   225  C CB  . ILE A 1 28  ? -1.684  4.083   -8.927  1.00 49.66  ? 50  ILE A CB  1 
ATOM   226  C CG1 . ILE A 1 28  ? -2.442  5.382   -9.204  1.00 53.20  ? 50  ILE A CG1 1 
ATOM   227  C CG2 . ILE A 1 28  ? -0.833  4.136   -7.660  1.00 50.60  ? 50  ILE A CG2 1 
ATOM   228  C CD1 . ILE A 1 28  ? -3.596  5.620   -8.251  1.00 48.41  ? 50  ILE A CD1 1 
ATOM   229  N N   . GLU A 1 29  ? -1.238  3.670   -12.472 1.00 51.39  ? 51  GLU A N   1 
ATOM   230  C CA  . GLU A 1 29  ? -1.906  3.180   -13.649 1.00 55.85  ? 51  GLU A CA  1 
ATOM   231  C C   . GLU A 1 29  ? -1.053  2.082   -14.293 1.00 57.48  ? 51  GLU A C   1 
ATOM   232  O O   . GLU A 1 29  ? 0.130   1.862   -13.964 1.00 54.16  ? 51  GLU A O   1 
ATOM   233  C CB  . GLU A 1 29  ? -2.177  4.309   -14.654 1.00 60.38  ? 51  GLU A CB  1 
ATOM   234  C CG  . GLU A 1 29  ? -3.473  5.073   -14.430 1.00 59.93  ? 51  GLU A CG  1 
ATOM   235  C CD  . GLU A 1 29  ? -3.602  6.297   -15.323 1.00 75.01  ? 51  GLU A CD  1 
ATOM   236  O OE1 . GLU A 1 29  ? -4.742  6.819   -15.439 1.00 81.07  ? 51  GLU A OE1 1 
ATOM   237  O OE2 . GLU A 1 29  ? -2.614  6.771   -15.930 1.00 78.86  ? 51  GLU A OE2 1 
ATOM   238  N N   . GLU A 1 30  ? -1.658  1.474   -15.300 1.00 55.30  ? 52  GLU A N   1 
ATOM   239  C CA  . GLU A 1 30  ? -1.009  0.389   -16.021 1.00 56.85  ? 52  GLU A CA  1 
ATOM   240  C C   . GLU A 1 30  ? 0.418   0.737   -16.344 1.00 55.45  ? 52  GLU A C   1 
ATOM   241  O O   . GLU A 1 30  ? 0.805   1.738   -16.918 1.00 58.03  ? 52  GLU A O   1 
ATOM   242  C CB  . GLU A 1 30  ? -1.886  -0.023  -17.187 1.00 69.25  ? 52  GLU A CB  1 
ATOM   243  C CG  . GLU A 1 30  ? -2.003  -1.479  -17.542 1.00 77.85  ? 52  GLU A CG  1 
ATOM   244  C CD  . GLU A 1 30  ? -2.097  -2.518  -16.456 1.00 83.50  ? 52  GLU A CD  1 
ATOM   245  O OE1 . GLU A 1 30  ? -1.099  -2.784  -15.748 1.00 84.24  ? 52  GLU A OE1 1 
ATOM   246  O OE2 . GLU A 1 30  ? -3.181  -3.140  -16.326 1.00 83.81  ? 52  GLU A OE2 1 
ATOM   247  N N   . ASN A 1 31  ? 1.337   -0.115  -15.922 1.00 56.28  ? 53  ASN A N   1 
ATOM   248  C CA  . ASN A 1 31  ? 2.764   0.022   -15.928 1.00 57.27  ? 53  ASN A CA  1 
ATOM   249  C C   . ASN A 1 31  ? 3.301   1.129   -15.019 1.00 54.89  ? 53  ASN A C   1 
ATOM   250  O O   . ASN A 1 31  ? 4.534   1.329   -15.032 1.00 55.27  ? 53  ASN A O   1 
ATOM   251  C CB  . ASN A 1 31  ? 3.431   0.074   -17.281 1.00 64.99  ? 53  ASN A CB  1 
ATOM   252  C CG  . ASN A 1 31  ? 3.229   -1.113  -18.196 1.00 67.83  ? 53  ASN A CG  1 
ATOM   253  O OD1 . ASN A 1 31  ? 3.411   -2.273  -17.816 1.00 68.14  ? 53  ASN A OD1 1 
ATOM   254  N ND2 . ASN A 1 31  ? 2.828   -0.769  -19.430 1.00 62.43  ? 53  ASN A ND2 1 
ATOM   255  N N   . GLY A 1 32  ? 2.495   1.773   -14.163 1.00 55.60  ? 54  GLY A N   1 
ATOM   256  C CA  . GLY A 1 32  ? 3.150   2.722   -13.216 1.00 55.20  ? 54  GLY A CA  1 
ATOM   257  C C   . GLY A 1 32  ? 4.024   1.968   -12.212 1.00 52.15  ? 54  GLY A C   1 
ATOM   258  O O   . GLY A 1 32  ? 3.670   0.850   -11.830 1.00 52.52  ? 54  GLY A O   1 
ATOM   259  N N   . SER A 1 33  ? 5.108   2.520   -11.686 1.00 51.27  ? 55  SER A N   1 
ATOM   260  C CA  . SER A 1 33  ? 5.899   1.887   -10.643 1.00 49.40  ? 55  SER A CA  1 
ATOM   261  C C   . SER A 1 33  ? 5.111   1.524   -9.386  1.00 46.21  ? 55  SER A C   1 
ATOM   262  O O   . SER A 1 33  ? 5.473   0.572   -8.700  1.00 42.60  ? 55  SER A O   1 
ATOM   263  C CB  . SER A 1 33  ? 7.084   2.775   -10.259 1.00 58.66  ? 55  SER A CB  1 
ATOM   264  O OG  . SER A 1 33  ? 6.648   3.966   -9.591  1.00 57.51  ? 55  SER A OG  1 
ATOM   265  N N   . MET A 1 34  ? 3.979   2.154   -9.048  1.00 42.64  ? 56  MET A N   1 
ATOM   266  C CA  . MET A 1 34  ? 3.358   1.829   -7.748  1.00 42.80  ? 56  MET A CA  1 
ATOM   267  C C   . MET A 1 34  ? 2.106   0.992   -7.864  1.00 44.28  ? 56  MET A C   1 
ATOM   268  O O   . MET A 1 34  ? 1.358   0.802   -6.897  1.00 42.28  ? 56  MET A O   1 
ATOM   269  C CB  . MET A 1 34  ? 3.043   3.177   -6.989  1.00 39.57  ? 56  MET A CB  1 
ATOM   270  C CG  . MET A 1 34  ? 4.351   3.997   -6.872  1.00 48.51  ? 56  MET A CG  1 
ATOM   271  S SD  . MET A 1 34  ? 5.366   3.309   -5.524  1.00 48.16  ? 56  MET A SD  1 
ATOM   272  C CE  . MET A 1 34  ? 6.791   4.359   -5.545  1.00 56.45  ? 56  MET A CE  1 
ATOM   273  N N   . ARG A 1 35  ? 1.812   0.534   -9.079  1.00 45.48  ? 57  ARG A N   1 
ATOM   274  C CA  . ARG A 1 35  ? 0.700   -0.392  -9.308  1.00 47.36  ? 57  ARG A CA  1 
ATOM   275  C C   . ARG A 1 35  ? 1.211   -1.803  -8.950  1.00 45.09  ? 57  ARG A C   1 
ATOM   276  O O   . ARG A 1 35  ? 1.480   -2.665  -9.826  1.00 44.13  ? 57  ARG A O   1 
ATOM   277  C CB  . ARG A 1 35  ? 0.217   -0.391  -10.753 1.00 43.34  ? 57  ARG A CB  1 
ATOM   278  C CG  . ARG A 1 35  ? -1.177  -0.936  -10.946 1.00 48.55  ? 57  ARG A CG  1 
ATOM   279  C CD  . ARG A 1 35  ? -1.445  -0.953  -12.457 1.00 53.35  ? 57  ARG A CD  1 
ATOM   280  N NE  . ARG A 1 35  ? -2.836  -1.260  -12.722 1.00 53.80  ? 57  ARG A NE  1 
ATOM   281  C CZ  . ARG A 1 35  ? -3.953  -0.587  -12.745 1.00 55.83  ? 57  ARG A CZ  1 
ATOM   282  N NH1 . ARG A 1 35  ? -4.081  0.686   -12.473 1.00 52.29  ? 57  ARG A NH1 1 
ATOM   283  N NH2 . ARG A 1 35  ? -5.098  -1.218  -13.035 1.00 64.13  ? 57  ARG A NH2 1 
ATOM   284  N N   . VAL A 1 36  ? 1.189   -2.035  -7.640  1.00 37.93  ? 58  VAL A N   1 
ATOM   285  C CA  . VAL A 1 36  ? 1.746   -3.265  -7.093  1.00 36.85  ? 58  VAL A CA  1 
ATOM   286  C C   . VAL A 1 36  ? 0.793   -3.871  -6.115  1.00 35.17  ? 58  VAL A C   1 
ATOM   287  O O   . VAL A 1 36  ? -0.041  -3.118  -5.644  1.00 40.01  ? 58  VAL A O   1 
ATOM   288  C CB  . VAL A 1 36  ? 3.124   -3.093  -6.422  1.00 43.28  ? 58  VAL A CB  1 
ATOM   289  C CG1 . VAL A 1 36  ? 4.155   -2.705  -7.457  1.00 38.04  ? 58  VAL A CG1 1 
ATOM   290  C CG2 . VAL A 1 36  ? 3.030   -2.209  -5.199  1.00 36.78  ? 58  VAL A CG2 1 
ATOM   291  N N   . PHE A 1 37  ? 0.766   -5.196  -5.949  1.00 38.49  ? 59  PHE A N   1 
ATOM   292  C CA  . PHE A 1 37  ? -0.241  -5.802  -5.102  1.00 38.99  ? 59  PHE A CA  1 
ATOM   293  C C   . PHE A 1 37  ? 0.493   -6.634  -4.036  1.00 43.72  ? 59  PHE A C   1 
ATOM   294  O O   . PHE A 1 37  ? 1.336   -7.486  -4.392  1.00 46.70  ? 59  PHE A O   1 
ATOM   295  C CB  . PHE A 1 37  ? -1.173  -6.771  -5.889  1.00 45.12  ? 59  PHE A CB  1 
ATOM   296  C CG  . PHE A 1 37  ? -1.428  -6.350  -7.299  1.00 46.22  ? 59  PHE A CG  1 
ATOM   297  C CD1 . PHE A 1 37  ? -0.924  -7.095  -8.353  1.00 47.09  ? 59  PHE A CD1 1 
ATOM   298  C CD2 . PHE A 1 37  ? -2.152  -5.183  -7.558  1.00 43.56  ? 59  PHE A CD2 1 
ATOM   299  C CE1 . PHE A 1 37  ? -1.160  -6.653  -9.652  1.00 50.57  ? 59  PHE A CE1 1 
ATOM   300  C CE2 . PHE A 1 37  ? -2.372  -4.747  -8.839  1.00 50.86  ? 59  PHE A CE2 1 
ATOM   301  C CZ  . PHE A 1 37  ? -1.878  -5.496  -9.894  1.00 53.43  ? 59  PHE A CZ  1 
ATOM   302  N N   . VAL A 1 38  ? 0.215   -6.367  -2.766  1.00 41.55  ? 60  VAL A N   1 
ATOM   303  C CA  . VAL A 1 38  ? 0.930   -7.068  -1.738  1.00 43.97  ? 60  VAL A CA  1 
ATOM   304  C C   . VAL A 1 38  ? 0.520   -8.566  -1.796  1.00 41.97  ? 60  VAL A C   1 
ATOM   305  O O   . VAL A 1 38  ? -0.679  -8.859  -1.720  1.00 39.53  ? 60  VAL A O   1 
ATOM   306  C CB  . VAL A 1 38  ? 0.523   -6.762  -0.265  1.00 48.44  ? 60  VAL A CB  1 
ATOM   307  C CG1 . VAL A 1 38  ? 1.695   -6.297  0.542   1.00 46.15  ? 60  VAL A CG1 1 
ATOM   308  C CG2 . VAL A 1 38  ? -0.796  -6.089  -0.045  1.00 42.16  ? 60  VAL A CG2 1 
ATOM   309  N N   . ASP A 1 39  ? 1.409   -9.354  -1.243  1.00 39.42  ? 61  ASP A N   1 
ATOM   310  C CA  . ASP A 1 39  ? 1.161   -10.771 -1.011  1.00 40.96  ? 61  ASP A CA  1 
ATOM   311  C C   . ASP A 1 39  ? 1.437   -11.062 0.444   1.00 39.19  ? 61  ASP A C   1 
ATOM   312  O O   . ASP A 1 39  ? 0.618   -11.281 1.307   1.00 44.47  ? 61  ASP A O   1 
ATOM   313  C CB  . ASP A 1 39  ? 2.118   -11.528 -1.953  1.00 43.92  ? 61  ASP A CB  1 
ATOM   314  C CG  . ASP A 1 39  ? 1.937   -13.038 -1.915  1.00 41.70  ? 61  ASP A CG  1 
ATOM   315  O OD1 . ASP A 1 39  ? 1.183   -13.542 -1.089  1.00 45.05  ? 61  ASP A OD1 1 
ATOM   316  O OD2 . ASP A 1 39  ? 2.571   -13.710 -2.747  1.00 51.39  ? 61  ASP A OD2 1 
ATOM   317  N N   . VAL A 1 40  ? 2.721   -11.082 0.784   1.00 43.40  ? 62  VAL A N   1 
ATOM   318  C CA  . VAL A 1 40  ? 3.061   -11.376 2.170   1.00 45.36  ? 62  VAL A CA  1 
ATOM   319  C C   . VAL A 1 40  ? 3.977   -10.349 2.776   1.00 40.50  ? 62  VAL A C   1 
ATOM   320  O O   . VAL A 1 40  ? 4.822   -9.710  2.155   1.00 40.13  ? 62  VAL A O   1 
ATOM   321  C CB  . VAL A 1 40  ? 3.657   -12.817 2.271   1.00 53.85  ? 62  VAL A CB  1 
ATOM   322  C CG1 . VAL A 1 40  ? 4.940   -12.959 1.485   1.00 52.71  ? 62  VAL A CG1 1 
ATOM   323  C CG2 . VAL A 1 40  ? 3.905   -13.110 3.742   1.00 58.45  ? 62  VAL A CG2 1 
ATOM   324  N N   . ILE A 1 41  ? 3.778   -10.167 4.061   1.00 41.59  ? 63  ILE A N   1 
ATOM   325  C CA  . ILE A 1 41  ? 4.706   -9.350  4.847   1.00 43.18  ? 63  ILE A CA  1 
ATOM   326  C C   . ILE A 1 41  ? 5.342   -10.265 5.914   1.00 45.15  ? 63  ILE A C   1 
ATOM   327  O O   . ILE A 1 41  ? 4.633   -11.021 6.614   1.00 42.13  ? 63  ILE A O   1 
ATOM   328  C CB  . ILE A 1 41  ? 3.906   -8.220  5.534   1.00 42.02  ? 63  ILE A CB  1 
ATOM   329  C CG1 . ILE A 1 41  ? 3.237   -7.322  4.472   1.00 44.40  ? 63  ILE A CG1 1 
ATOM   330  C CG2 . ILE A 1 41  ? 4.820   -7.376  6.387   1.00 43.39  ? 63  ILE A CG2 1 
ATOM   331  C CD1 . ILE A 1 41  ? 2.297   -6.281  5.016   1.00 39.26  ? 63  ILE A CD1 1 
ATOM   332  N N   . ARG A 1 42  ? 6.642   -10.059 6.147   1.00 45.62  ? 64  ARG A N   1 
ATOM   333  C CA  . ARG A 1 42  ? 7.311   -10.725 7.263   1.00 48.26  ? 64  ARG A CA  1 
ATOM   334  C C   . ARG A 1 42  ? 8.165   -9.671  7.991   1.00 47.07  ? 64  ARG A C   1 
ATOM   335  O O   . ARG A 1 42  ? 8.965   -8.947  7.419   1.00 46.61  ? 64  ARG A O   1 
ATOM   336  C CB  . ARG A 1 42  ? 8.232   -11.911 7.016   1.00 52.27  ? 64  ARG A CB  1 
ATOM   337  C CG  . ARG A 1 42  ? 7.958   -12.973 5.988   1.00 63.17  ? 64  ARG A CG  1 
ATOM   338  C CD  . ARG A 1 42  ? 9.050   -14.022 5.805   1.00 64.40  ? 64  ARG A CD  1 
ATOM   339  N NE  . ARG A 1 42  ? 10.118  -13.577 4.904   1.00 75.14  ? 64  ARG A NE  1 
ATOM   340  C CZ  . ARG A 1 42  ? 11.406  -13.430 5.238   1.00 78.48  ? 64  ARG A CZ  1 
ATOM   341  N NH1 . ARG A 1 42  ? 11.823  -13.714 6.474   1.00 78.98  ? 64  ARG A NH1 1 
ATOM   342  N NH2 . ARG A 1 42  ? 12.317  -12.999 4.364   1.00 76.12  ? 64  ARG A NH2 1 
ATOM   343  N N   . ALA A 1 43  ? 8.161   -9.809  9.294   1.00 50.16  ? 65  ALA A N   1 
ATOM   344  C CA  . ALA A 1 43  ? 9.001   -9.043  10.199  1.00 51.50  ? 65  ALA A CA  1 
ATOM   345  C C   . ALA A 1 43  ? 10.428  -9.558  10.142  1.00 47.29  ? 65  ALA A C   1 
ATOM   346  O O   . ALA A 1 43  ? 10.602  -10.754 10.221  1.00 52.52  ? 65  ALA A O   1 
ATOM   347  C CB  . ALA A 1 43  ? 8.476   -9.276  11.621  1.00 53.75  ? 65  ALA A CB  1 
ATOM   348  N N   . LEU A 1 44  ? 11.446  -8.798  9.826   1.00 51.84  ? 66  LEU A N   1 
ATOM   349  C CA  . LEU A 1 44  ? 12.816  -9.298  9.845   1.00 57.33  ? 66  LEU A CA  1 
ATOM   350  C C   . LEU A 1 44  ? 13.420  -9.020  11.217  1.00 65.13  ? 66  LEU A C   1 
ATOM   351  O O   . LEU A 1 44  ? 12.772  -8.456  12.103  1.00 66.30  ? 66  LEU A O   1 
ATOM   352  C CB  . LEU A 1 44  ? 13.732  -8.628  8.795   1.00 53.68  ? 66  LEU A CB  1 
ATOM   353  C CG  . LEU A 1 44  ? 13.059  -8.830  7.405   1.00 55.23  ? 66  LEU A CG  1 
ATOM   354  C CD1 . LEU A 1 44  ? 13.628  -7.892  6.390   1.00 49.84  ? 66  LEU A CD1 1 
ATOM   355  C CD2 . LEU A 1 44  ? 13.126  -10.311 7.035   1.00 53.40  ? 66  LEU A CD2 1 
ATOM   356  N N   . ASP A 1 45  ? 14.703  -9.363  11.281  1.00 71.12  ? 67  ASP A N   1 
ATOM   357  C CA  . ASP A 1 45  ? 15.522  -9.186  12.453  1.00 73.73  ? 67  ASP A CA  1 
ATOM   358  C C   . ASP A 1 45  ? 15.673  -7.822  13.074  1.00 70.97  ? 67  ASP A C   1 
ATOM   359  O O   . ASP A 1 45  ? 15.324  -7.676  14.261  1.00 75.54  ? 67  ASP A O   1 
ATOM   360  C CB  . ASP A 1 45  ? 16.922  -9.762  12.191  1.00 81.48  ? 67  ASP A CB  1 
ATOM   361  C CG  . ASP A 1 45  ? 17.184  -10.791 13.276  1.00 87.78  ? 67  ASP A CG  1 
ATOM   362  O OD1 . ASP A 1 45  ? 16.445  -10.728 14.286  1.00 89.84  ? 67  ASP A OD1 1 
ATOM   363  O OD2 . ASP A 1 45  ? 18.106  -11.617 13.094  1.00 95.17  ? 67  ASP A OD2 1 
ATOM   364  N N   . ASN A 1 46  ? 16.195  -6.817  12.402  1.00 68.28  ? 68  ASN A N   1 
ATOM   365  C CA  . ASN A 1 46  ? 16.422  -5.509  13.025  1.00 62.32  ? 68  ASN A CA  1 
ATOM   366  C C   . ASN A 1 46  ? 15.239  -4.561  12.924  1.00 61.43  ? 68  ASN A C   1 
ATOM   367  O O   . ASN A 1 46  ? 15.395  -3.362  12.557  1.00 61.27  ? 68  ASN A O   1 
ATOM   368  C CB  . ASN A 1 46  ? 17.679  -4.905  12.406  1.00 68.84  ? 68  ASN A CB  1 
ATOM   369  C CG  . ASN A 1 46  ? 17.682  -4.616  10.928  1.00 75.68  ? 68  ASN A CG  1 
ATOM   370  O OD1 . ASN A 1 46  ? 18.417  -3.727  10.441  1.00 77.29  ? 68  ASN A OD1 1 
ATOM   371  N ND2 . ASN A 1 46  ? 16.889  -5.321  10.130  1.00 72.52  ? 68  ASN A ND2 1 
ATOM   372  N N   . SER A 1 47  ? 14.018  -5.081  13.100  1.00 52.88  ? 69  SER A N   1 
ATOM   373  C CA  . SER A 1 47  ? 12.874  -4.169  12.977  1.00 54.20  ? 69  SER A CA  1 
ATOM   374  C C   . SER A 1 47  ? 12.491  -3.818  11.532  1.00 45.02  ? 69  SER A C   1 
ATOM   375  O O   . SER A 1 47  ? 11.625  -2.978  11.301  1.00 47.03  ? 69  SER A O   1 
ATOM   376  C CB  . SER A 1 47  ? 13.119  -2.945  13.873  1.00 54.55  ? 69  SER A CB  1 
ATOM   377  O OG  . SER A 1 47  ? 13.910  -1.977  13.184  1.00 62.05  ? 69  SER A OG  1 
ATOM   378  N N   . SER A 1 48  ? 13.261  -4.140  10.530  1.00 41.00  ? 70  SER A N   1 
ATOM   379  C CA  . SER A 1 48  ? 12.933  -4.085  9.125   1.00 42.63  ? 70  SER A CA  1 
ATOM   380  C C   . SER A 1 48  ? 11.754  -5.032  8.807   1.00 45.73  ? 70  SER A C   1 
ATOM   381  O O   . SER A 1 48  ? 11.418  -6.032  9.459   1.00 45.07  ? 70  SER A O   1 
ATOM   382  C CB  . SER A 1 48  ? 14.106  -4.584  8.257   1.00 37.52  ? 70  SER A CB  1 
ATOM   383  O OG  . SER A 1 48  ? 14.988  -3.461  8.214   1.00 44.98  ? 70  SER A OG  1 
ATOM   384  N N   . LEU A 1 49  ? 11.029  -4.639  7.765   1.00 45.10  ? 71  LEU A N   1 
ATOM   385  C CA  . LEU A 1 49  ? 9.890   -5.394  7.279   1.00 42.51  ? 71  LEU A CA  1 
ATOM   386  C C   . LEU A 1 49  ? 10.222  -5.811  5.859   1.00 37.73  ? 71  LEU A C   1 
ATOM   387  O O   . LEU A 1 49  ? 10.756  -5.068  5.045   1.00 39.04  ? 71  LEU A O   1 
ATOM   388  C CB  . LEU A 1 49  ? 8.572   -4.578  7.313   1.00 36.94  ? 71  LEU A CB  1 
ATOM   389  C CG  . LEU A 1 49  ? 7.972   -4.421  8.696   1.00 45.06  ? 71  LEU A CG  1 
ATOM   390  C CD1 . LEU A 1 49  ? 6.712   -3.569  8.680   1.00 48.49  ? 71  LEU A CD1 1 
ATOM   391  C CD2 . LEU A 1 49  ? 7.665   -5.716  9.416   1.00 42.72  ? 71  LEU A CD2 1 
ATOM   392  N N   . TYR A 1 50  ? 9.750   -7.004  5.550   1.00 42.70  ? 72  TYR A N   1 
ATOM   393  C CA  . TYR A 1 50  ? 9.932   -7.641  4.247   1.00 42.82  ? 72  TYR A CA  1 
ATOM   394  C C   . TYR A 1 50  ? 8.531   -7.836  3.649   1.00 43.45  ? 72  TYR A C   1 
ATOM   395  O O   . TYR A 1 50  ? 7.596   -8.160  4.347   1.00 45.64  ? 72  TYR A O   1 
ATOM   396  C CB  . TYR A 1 50  ? 10.558  -9.023  4.472   1.00 40.74  ? 72  TYR A CB  1 
ATOM   397  C CG  . TYR A 1 50  ? 10.683  -9.883  3.225   1.00 40.94  ? 72  TYR A CG  1 
ATOM   398  C CD1 . TYR A 1 50  ? 11.693  -9.692  2.294   1.00 41.22  ? 72  TYR A CD1 1 
ATOM   399  C CD2 . TYR A 1 50  ? 9.752   -10.868 2.957   1.00 40.73  ? 72  TYR A CD2 1 
ATOM   400  C CE1 . TYR A 1 50  ? 11.813  -10.468 1.168   1.00 41.73  ? 72  TYR A CE1 1 
ATOM   401  C CE2 . TYR A 1 50  ? 9.874   -11.668 1.844   1.00 39.89  ? 72  TYR A CE2 1 
ATOM   402  C CZ  . TYR A 1 50  ? 10.878  -11.454 0.947   1.00 42.18  ? 72  TYR A CZ  1 
ATOM   403  O OH  . TYR A 1 50  ? 10.921  -12.233 -0.206  1.00 47.35  ? 72  TYR A OH  1 
ATOM   404  N N   . ALA A 1 51  ? 8.399   -7.699  2.348   1.00 43.32  ? 73  ALA A N   1 
ATOM   405  C CA  . ALA A 1 51  ? 7.126   -7.896  1.682   1.00 42.16  ? 73  ALA A CA  1 
ATOM   406  C C   . ALA A 1 51  ? 7.407   -8.358  0.259   1.00 36.09  ? 73  ALA A C   1 
ATOM   407  O O   . ALA A 1 51  ? 8.256   -7.847  -0.472  1.00 39.99  ? 73  ALA A O   1 
ATOM   408  C CB  . ALA A 1 51  ? 6.284   -6.604  1.615   1.00 41.21  ? 73  ALA A CB  1 
ATOM   409  N N   . GLU A 1 52  ? 6.443   -9.128  -0.186  1.00 37.19  ? 74  GLU A N   1 
ATOM   410  C CA  . GLU A 1 52  ? 6.489   -9.591  -1.582  1.00 40.25  ? 74  GLU A CA  1 
ATOM   411  C C   . GLU A 1 52  ? 5.283   -8.970  -2.292  1.00 36.87  ? 74  GLU A C   1 
ATOM   412  O O   . GLU A 1 52  ? 4.239   -8.975  -1.680  1.00 35.67  ? 74  GLU A O   1 
ATOM   413  C CB  . GLU A 1 52  ? 6.504   -11.128 -1.563  1.00 35.04  ? 74  GLU A CB  1 
ATOM   414  C CG  . GLU A 1 52  ? 7.973   -11.571 -1.356  1.00 45.78  ? 74  GLU A CG  1 
ATOM   415  C CD  . GLU A 1 52  ? 7.996   -13.094 -1.111  1.00 55.58  ? 74  GLU A CD  1 
ATOM   416  O OE1 . GLU A 1 52  ? 6.971   -13.742 -1.408  1.00 46.29  ? 74  GLU A OE1 1 
ATOM   417  O OE2 . GLU A 1 52  ? 9.024   -13.619 -0.607  1.00 55.09  ? 74  GLU A OE2 1 
ATOM   418  N N   . TYR A 1 53  ? 5.473   -8.550  -3.504  1.00 36.61  ? 75  TYR A N   1 
ATOM   419  C CA  . TYR A 1 53  ? 4.520   -7.908  -4.354  1.00 42.80  ? 75  TYR A CA  1 
ATOM   420  C C   . TYR A 1 53  ? 4.418   -8.572  -5.746  1.00 44.56  ? 75  TYR A C   1 
ATOM   421  O O   . TYR A 1 53  ? 5.428   -8.921  -6.398  1.00 44.61  ? 75  TYR A O   1 
ATOM   422  C CB  . TYR A 1 53  ? 4.881   -6.423  -4.629  1.00 37.72  ? 75  TYR A CB  1 
ATOM   423  C CG  . TYR A 1 53  ? 4.598   -5.578  -3.380  1.00 45.84  ? 75  TYR A CG  1 
ATOM   424  C CD1 . TYR A 1 53  ? 5.616   -5.455  -2.417  1.00 43.80  ? 75  TYR A CD1 1 
ATOM   425  C CD2 . TYR A 1 53  ? 3.388   -4.945  -3.124  1.00 42.32  ? 75  TYR A CD2 1 
ATOM   426  C CE1 . TYR A 1 53  ? 5.402   -4.731  -1.271  1.00 40.36  ? 75  TYR A CE1 1 
ATOM   427  C CE2 . TYR A 1 53  ? 3.167   -4.196  -1.982  1.00 40.27  ? 75  TYR A CE2 1 
ATOM   428  C CZ  . TYR A 1 53  ? 4.207   -4.081  -1.055  1.00 39.04  ? 75  TYR A CZ  1 
ATOM   429  O OH  . TYR A 1 53  ? 4.066   -3.362  0.110   1.00 38.83  ? 75  TYR A OH  1 
ATOM   430  N N   . GLN A 1 54  ? 3.159   -8.637  -6.167  1.00 41.94  ? 76  GLN A N   1 
ATOM   431  C CA  . GLN A 1 54  ? 2.976   -9.033  -7.581  1.00 46.32  ? 76  GLN A CA  1 
ATOM   432  C C   . GLN A 1 54  ? 2.809   -7.714  -8.321  1.00 43.43  ? 76  GLN A C   1 
ATOM   433  O O   . GLN A 1 54  ? 2.438   -6.742  -7.653  1.00 47.23  ? 76  GLN A O   1 
ATOM   434  C CB  . GLN A 1 54  ? 1.739   -9.884  -7.895  1.00 44.88  ? 76  GLN A CB  1 
ATOM   435  C CG  . GLN A 1 54  ? 1.770   -11.321 -7.506  1.00 43.52  ? 76  GLN A CG  1 
ATOM   436  C CD  . GLN A 1 54  ? 1.771   -11.568 -6.000  1.00 48.89  ? 76  GLN A CD  1 
ATOM   437  O OE1 . GLN A 1 54  ? 0.879   -11.068 -5.308  1.00 41.60  ? 76  GLN A OE1 1 
ATOM   438  N NE2 . GLN A 1 54  ? 2.698   -12.391 -5.512  1.00 40.28  ? 76  GLN A NE2 1 
ATOM   439  N N   . THR A 1 55  ? 3.072   -7.729  -9.602  1.00 44.45  ? 77  THR A N   1 
ATOM   440  C CA  . THR A 1 55  ? 2.804   -6.597  -10.462 1.00 46.61  ? 77  THR A CA  1 
ATOM   441  C C   . THR A 1 55  ? 2.764   -7.143  -11.904 1.00 51.82  ? 77  THR A C   1 
ATOM   442  O O   . THR A 1 55  ? 3.202   -8.256  -12.194 1.00 51.41  ? 77  THR A O   1 
ATOM   443  C CB  . THR A 1 55  ? 3.803   -5.461  -10.299 1.00 43.87  ? 77  THR A CB  1 
ATOM   444  O OG1 . THR A 1 55  ? 3.333   -4.285  -10.961 1.00 46.03  ? 77  THR A OG1 1 
ATOM   445  C CG2 . THR A 1 55  ? 5.176   -5.758  -10.900 1.00 43.38  ? 77  THR A CG2 1 
ATOM   446  N N   . LYS A 1 56  ? 2.181   -6.390  -12.806 1.00 54.18  ? 78  LYS A N   1 
ATOM   447  C CA  . LYS A 1 56  ? 2.043   -6.744  -14.208 1.00 59.05  ? 78  LYS A CA  1 
ATOM   448  C C   . LYS A 1 56  ? 2.914   -5.827  -15.046 1.00 62.38  ? 78  LYS A C   1 
ATOM   449  O O   . LYS A 1 56  ? 2.672   -4.617  -14.986 1.00 67.47  ? 78  LYS A O   1 
ATOM   450  C CB  . LYS A 1 56  ? 0.625   -6.451  -14.728 1.00 54.95  ? 78  LYS A CB  1 
ATOM   451  C CG  . LYS A 1 56  ? -0.050  -7.650  -15.343 1.00 58.30  ? 78  LYS A CG  1 
ATOM   452  C CD  . LYS A 1 56  ? -1.464  -7.843  -14.831 1.00 52.71  ? 78  LYS A CD  1 
ATOM   453  C CE  . LYS A 1 56  ? -2.399  -7.958  -16.001 1.00 61.17  ? 78  LYS A CE  1 
ATOM   454  N NZ  . LYS A 1 56  ? -3.495  -8.960  -15.826 1.00 70.10  ? 78  LYS A NZ  1 
ATOM   455  N N   . VAL A 1 57  ? 3.945   -6.366  -15.672 1.00 65.10  ? 79  VAL A N   1 
ATOM   456  C CA  . VAL A 1 57  ? 4.655   -5.482  -16.593 1.00 67.30  ? 79  VAL A CA  1 
ATOM   457  C C   . VAL A 1 57  ? 4.309   -5.908  -18.025 1.00 68.40  ? 79  VAL A C   1 
ATOM   458  O O   . VAL A 1 57  ? 4.385   -7.094  -18.372 1.00 65.28  ? 79  VAL A O   1 
ATOM   459  C CB  . VAL A 1 57  ? 6.162   -5.419  -16.381 1.00 68.21  ? 79  VAL A CB  1 
ATOM   460  C CG1 . VAL A 1 57  ? 6.660   -4.152  -17.077 1.00 71.99  ? 79  VAL A CG1 1 
ATOM   461  C CG2 . VAL A 1 57  ? 6.502   -5.433  -14.911 1.00 69.59  ? 79  VAL A CG2 1 
ATOM   462  N N   . ASN A 1 58  ? 3.719   -4.981  -18.778 1.00 70.68  ? 80  ASN A N   1 
ATOM   463  C CA  . ASN A 1 58  ? 3.351   -5.288  -20.168 1.00 72.18  ? 80  ASN A CA  1 
ATOM   464  C C   . ASN A 1 58  ? 2.424   -6.486  -20.292 1.00 71.12  ? 80  ASN A C   1 
ATOM   465  O O   . ASN A 1 58  ? 2.560   -7.312  -21.197 1.00 75.10  ? 80  ASN A O   1 
ATOM   466  C CB  . ASN A 1 58  ? 4.620   -5.536  -21.001 1.00 76.64  ? 80  ASN A CB  1 
ATOM   467  C CG  . ASN A 1 58  ? 5.337   -4.211  -21.250 1.00 82.19  ? 80  ASN A CG  1 
ATOM   468  O OD1 . ASN A 1 58  ? 6.565   -4.127  -21.165 1.00 83.05  ? 80  ASN A OD1 1 
ATOM   469  N ND2 . ASN A 1 58  ? 4.546   -3.168  -21.520 1.00 83.20  ? 80  ASN A ND2 1 
ATOM   470  N N   . GLY A 1 59  ? 1.519   -6.647  -19.342 1.00 65.46  ? 81  GLY A N   1 
ATOM   471  C CA  . GLY A 1 59  ? 0.505   -7.651  -19.345 1.00 63.89  ? 81  GLY A CA  1 
ATOM   472  C C   . GLY A 1 59  ? 0.814   -8.973  -18.689 1.00 61.34  ? 81  GLY A C   1 
ATOM   473  O O   . GLY A 1 59  ? -0.113  -9.782  -18.688 1.00 64.08  ? 81  GLY A O   1 
ATOM   474  N N   . GLU A 1 60  ? 2.023   -9.269  -18.304 1.00 59.93  ? 82  GLU A N   1 
ATOM   475  C CA  . GLU A 1 60  ? 2.412   -10.504 -17.639 1.00 58.94  ? 82  GLU A CA  1 
ATOM   476  C C   . GLU A 1 60  ? 2.646   -10.262 -16.140 1.00 58.06  ? 82  GLU A C   1 
ATOM   477  O O   . GLU A 1 60  ? 3.301   -9.306  -15.704 1.00 57.54  ? 82  GLU A O   1 
ATOM   478  C CB  . GLU A 1 60  ? 3.748   -10.950 -18.232 1.00 69.60  ? 82  GLU A CB  1 
ATOM   479  C CG  . GLU A 1 60  ? 3.640   -11.900 -19.435 1.00 82.10  ? 82  GLU A CG  1 
ATOM   480  C CD  . GLU A 1 60  ? 5.032   -12.003 -20.046 1.00 88.60  ? 82  GLU A CD  1 
ATOM   481  O OE1 . GLU A 1 60  ? 5.953   -12.181 -19.206 1.00 93.89  ? 82  GLU A OE1 1 
ATOM   482  O OE2 . GLU A 1 60  ? 5.188   -11.877 -21.282 1.00 91.42  ? 82  GLU A OE2 1 
ATOM   483  N N   . CYS A 1 61  ? 2.189   -11.155 -15.302 1.00 54.41  ? 83  CYS A N   1 
ATOM   484  C CA  . CYS A 1 61  ? 2.292   -11.126 -13.875 1.00 49.98  ? 83  CYS A CA  1 
ATOM   485  C C   . CYS A 1 61  ? 3.697   -11.474 -13.399 1.00 54.49  ? 83  CYS A C   1 
ATOM   486  O O   . CYS A 1 61  ? 4.295   -12.396 -13.960 1.00 52.64  ? 83  CYS A O   1 
ATOM   487  C CB  . CYS A 1 61  ? 1.264   -12.065 -13.241 1.00 39.75  ? 83  CYS A CB  1 
ATOM   488  S SG  . CYS A 1 61  ? -0.421  -11.368 -13.241 1.00 46.01  ? 83  CYS A SG  1 
ATOM   489  N N   . THR A 1 62  ? 4.303   -10.597 -12.582 1.00 51.58  ? 84  THR A N   1 
ATOM   490  C CA  . THR A 1 62  ? 5.591   -10.868 -12.009 1.00 49.97  ? 84  THR A CA  1 
ATOM   491  C C   . THR A 1 62  ? 5.525   -10.660 -10.472 1.00 48.23  ? 84  THR A C   1 
ATOM   492  O O   . THR A 1 62  ? 4.523   -10.285 -9.893  1.00 50.87  ? 84  THR A O   1 
ATOM   493  C CB  . THR A 1 62  ? 6.855   -10.113 -12.352 1.00 54.73  ? 84  THR A CB  1 
ATOM   494  O OG1 . THR A 1 62  ? 6.768   -8.843  -12.976 1.00 58.67  ? 84  THR A OG1 1 
ATOM   495  C CG2 . THR A 1 62  ? 7.951   -11.018 -12.859 1.00 51.30  ? 84  THR A CG2 1 
ATOM   496  N N   . GLU A 1 63  ? 6.673   -10.822 -9.828  1.00 48.59  ? 85  GLU A N   1 
ATOM   497  C CA  . GLU A 1 63  ? 6.780   -10.620 -8.402  1.00 49.92  ? 85  GLU A CA  1 
ATOM   498  C C   . GLU A 1 63  ? 8.205   -10.256 -7.975  1.00 49.88  ? 85  GLU A C   1 
ATOM   499  O O   . GLU A 1 63  ? 9.154   -10.481 -8.711  1.00 49.78  ? 85  GLU A O   1 
ATOM   500  C CB  . GLU A 1 63  ? 6.208   -11.771 -7.620  1.00 49.40  ? 85  GLU A CB  1 
ATOM   501  C CG  . GLU A 1 63  ? 6.748   -13.137 -7.955  1.00 59.20  ? 85  GLU A CG  1 
ATOM   502  C CD  . GLU A 1 63  ? 6.207   -14.214 -7.029  1.00 67.17  ? 85  GLU A CD  1 
ATOM   503  O OE1 . GLU A 1 63  ? 6.648   -15.363 -7.269  1.00 73.49  ? 85  GLU A OE1 1 
ATOM   504  O OE2 . GLU A 1 63  ? 5.383   -13.934 -6.129  1.00 64.51  ? 85  GLU A OE2 1 
ATOM   505  N N   . PHE A 1 64  ? 8.268   -9.426  -6.930  1.00 49.08  ? 86  PHE A N   1 
ATOM   506  C CA  . PHE A 1 64  ? 9.540   -8.981  -6.386  1.00 47.49  ? 86  PHE A CA  1 
ATOM   507  C C   . PHE A 1 64  ? 9.361   -8.510  -4.951  1.00 45.11  ? 86  PHE A C   1 
ATOM   508  O O   . PHE A 1 64  ? 8.239   -8.254  -4.518  1.00 44.90  ? 86  PHE A O   1 
ATOM   509  C CB  . PHE A 1 64  ? 10.198  -7.912  -7.230  1.00 49.06  ? 86  PHE A CB  1 
ATOM   510  C CG  . PHE A 1 64  ? 9.463   -6.601  -7.214  1.00 54.86  ? 86  PHE A CG  1 
ATOM   511  C CD1 . PHE A 1 64  ? 9.831   -5.592  -6.322  1.00 50.38  ? 86  PHE A CD1 1 
ATOM   512  C CD2 . PHE A 1 64  ? 8.405   -6.395  -8.094  1.00 53.37  ? 86  PHE A CD2 1 
ATOM   513  C CE1 . PHE A 1 64  ? 9.125   -4.396  -6.321  1.00 46.81  ? 86  PHE A CE1 1 
ATOM   514  C CE2 . PHE A 1 64  ? 7.719   -5.197  -8.096  1.00 48.71  ? 86  PHE A CE2 1 
ATOM   515  C CZ  . PHE A 1 64  ? 8.103   -4.200  -7.195  1.00 52.77  ? 86  PHE A CZ  1 
ATOM   516  N N   . PRO A 1 65  ? 10.443  -8.582  -4.201  1.00 46.12  ? 87  PRO A N   1 
ATOM   517  C CA  . PRO A 1 65  ? 10.445  -8.223  -2.792  1.00 42.84  ? 87  PRO A CA  1 
ATOM   518  C C   . PRO A 1 65  ? 10.752  -6.736  -2.623  1.00 42.67  ? 87  PRO A C   1 
ATOM   519  O O   . PRO A 1 65  ? 11.362  -6.073  -3.445  1.00 39.69  ? 87  PRO A O   1 
ATOM   520  C CB  . PRO A 1 65  ? 11.628  -9.024  -2.264  1.00 43.80  ? 87  PRO A CB  1 
ATOM   521  C CG  . PRO A 1 65  ? 12.606  -9.117  -3.382  1.00 38.67  ? 87  PRO A CG  1 
ATOM   522  C CD  . PRO A 1 65  ? 11.796  -9.011  -4.662  1.00 44.81  ? 87  PRO A CD  1 
ATOM   523  N N   . MET A 1 66  ? 10.368  -6.197  -1.480  1.00 41.57  ? 88  MET A N   1 
ATOM   524  C CA  . MET A 1 66  ? 10.692  -4.842  -1.089  1.00 41.90  ? 88  MET A CA  1 
ATOM   525  C C   . MET A 1 66  ? 11.149  -4.959  0.392   1.00 42.76  ? 88  MET A C   1 
ATOM   526  O O   . MET A 1 66  ? 10.584  -5.807  1.106   1.00 35.95  ? 88  MET A O   1 
ATOM   527  C CB  . MET A 1 66  ? 9.420   -3.952  -1.042  1.00 38.34  ? 88  MET A CB  1 
ATOM   528  C CG  . MET A 1 66  ? 9.048   -3.431  -2.459  1.00 42.30  ? 88  MET A CG  1 
ATOM   529  S SD  . MET A 1 66  ? 7.915   -2.000  -2.332  1.00 47.90  ? 88  MET A SD  1 
ATOM   530  C CE  . MET A 1 66  ? 7.061   -2.231  -3.924  1.00 43.81  ? 88  MET A CE  1 
ATOM   531  N N   . VAL A 1 67  ? 11.973  -3.996  0.841   1.00 38.02  ? 89  VAL A N   1 
ATOM   532  C CA  . VAL A 1 67  ? 12.181  -4.063  2.300   1.00 40.57  ? 89  VAL A CA  1 
ATOM   533  C C   . VAL A 1 67  ? 11.902  -2.675  2.857   1.00 39.18  ? 89  VAL A C   1 
ATOM   534  O O   . VAL A 1 67  ? 12.271  -1.651  2.259   1.00 37.33  ? 89  VAL A O   1 
ATOM   535  C CB  . VAL A 1 67  ? 13.628  -4.568  2.597   1.00 46.91  ? 89  VAL A CB  1 
ATOM   536  C CG1 . VAL A 1 67  ? 13.983  -4.376  4.071   1.00 47.32  ? 89  VAL A CG1 1 
ATOM   537  C CG2 . VAL A 1 67  ? 13.635  -6.074  2.300   1.00 45.24  ? 89  VAL A CG2 1 
ATOM   538  N N   . PHE A 1 68  ? 11.253  -2.686  3.981   1.00 36.01  ? 90  PHE A N   1 
ATOM   539  C CA  . PHE A 1 68  ? 11.001  -1.393  4.646   1.00 42.64  ? 90  PHE A CA  1 
ATOM   540  C C   . PHE A 1 68  ? 11.835  -1.237  5.925   1.00 44.83  ? 90  PHE A C   1 
ATOM   541  O O   . PHE A 1 68  ? 11.795  -2.031  6.857   1.00 43.59  ? 90  PHE A O   1 
ATOM   542  C CB  . PHE A 1 68  ? 9.493   -1.380  5.004   1.00 43.65  ? 90  PHE A CB  1 
ATOM   543  C CG  . PHE A 1 68  ? 8.599   -1.782  3.861   1.00 43.68  ? 90  PHE A CG  1 
ATOM   544  C CD1 . PHE A 1 68  ? 7.531   -2.633  4.060   1.00 49.63  ? 90  PHE A CD1 1 
ATOM   545  C CD2 . PHE A 1 68  ? 8.800   -1.284  2.588   1.00 44.74  ? 90  PHE A CD2 1 
ATOM   546  C CE1 . PHE A 1 68  ? 6.700   -2.996  3.022   1.00 51.67  ? 90  PHE A CE1 1 
ATOM   547  C CE2 . PHE A 1 68  ? 7.977   -1.646  1.533   1.00 46.83  ? 90  PHE A CE2 1 
ATOM   548  C CZ  . PHE A 1 68  ? 6.939   -2.529  1.740   1.00 41.37  ? 90  PHE A CZ  1 
ATOM   549  N N   . ASP A 1 69  ? 12.684  -0.228  6.007   1.00 45.02  ? 91  ASP A N   1 
ATOM   550  C CA  . ASP A 1 69  ? 13.485  0.205   7.109   1.00 44.89  ? 91  ASP A CA  1 
ATOM   551  C C   . ASP A 1 69  ? 12.792  1.123   8.115   1.00 43.98  ? 91  ASP A C   1 
ATOM   552  O O   . ASP A 1 69  ? 12.197  2.143   7.781   1.00 45.08  ? 91  ASP A O   1 
ATOM   553  C CB  . ASP A 1 69  ? 14.714  0.959   6.559   1.00 50.21  ? 91  ASP A CB  1 
ATOM   554  C CG  . ASP A 1 69  ? 15.418  -0.031  5.655   1.00 58.53  ? 91  ASP A CG  1 
ATOM   555  O OD1 . ASP A 1 69  ? 15.525  -1.209  6.097   1.00 65.00  ? 91  ASP A OD1 1 
ATOM   556  O OD2 . ASP A 1 69  ? 15.804  0.349   4.535   1.00 64.27  ? 91  ASP A OD2 1 
ATOM   557  N N   . LYS A 1 70  ? 12.824  0.776   9.373   1.00 39.49  ? 92  LYS A N   1 
ATOM   558  C CA  . LYS A 1 70  ? 12.240  1.544   10.467  1.00 43.24  ? 92  LYS A CA  1 
ATOM   559  C C   . LYS A 1 70  ? 13.032  2.839   10.682  1.00 44.58  ? 92  LYS A C   1 
ATOM   560  O O   . LYS A 1 70  ? 14.172  2.949   10.206  1.00 50.71  ? 92  LYS A O   1 
ATOM   561  C CB  . LYS A 1 70  ? 12.191  0.724   11.725  1.00 49.09  ? 92  LYS A CB  1 
ATOM   562  C CG  . LYS A 1 70  ? 10.990  0.916   12.640  1.00 58.48  ? 92  LYS A CG  1 
ATOM   563  C CD  . LYS A 1 70  ? 11.433  0.390   14.021  1.00 63.79  ? 92  LYS A CD  1 
ATOM   564  C CE  . LYS A 1 70  ? 10.215  0.148   14.897  1.00 66.56  ? 92  LYS A CE  1 
ATOM   565  N NZ  . LYS A 1 70  ? 9.539   1.406   15.309  1.00 66.51  ? 92  LYS A NZ  1 
ATOM   566  N N   . THR A 1 71  ? 12.310  3.934   10.798  1.00 44.61  ? 93  THR A N   1 
ATOM   567  C CA  . THR A 1 71  ? 12.882  5.254   11.051  1.00 45.59  ? 93  THR A CA  1 
ATOM   568  C C   . THR A 1 71  ? 12.853  5.291   12.583  1.00 44.05  ? 93  THR A C   1 
ATOM   569  O O   . THR A 1 71  ? 12.380  4.333   13.199  1.00 44.70  ? 93  THR A O   1 
ATOM   570  C CB  . THR A 1 71  ? 12.051  6.428   10.491  1.00 43.24  ? 93  THR A CB  1 
ATOM   571  O OG1 . THR A 1 71  ? 10.767  6.474   11.140  1.00 40.48  ? 93  THR A OG1 1 
ATOM   572  C CG2 . THR A 1 71  ? 11.861  6.355   8.990   1.00 41.15  ? 93  THR A CG2 1 
ATOM   573  N N   . GLU A 1 72  ? 13.222  6.392   13.156  1.00 48.85  ? 94  GLU A N   1 
ATOM   574  C CA  . GLU A 1 72  ? 13.049  6.637   14.589  1.00 52.06  ? 94  GLU A CA  1 
ATOM   575  C C   . GLU A 1 72  ? 11.590  6.832   14.958  1.00 50.32  ? 94  GLU A C   1 
ATOM   576  O O   . GLU A 1 72  ? 11.198  6.722   16.127  1.00 50.60  ? 94  GLU A O   1 
ATOM   577  C CB  . GLU A 1 72  ? 13.809  7.965   14.879  1.00 63.58  ? 94  GLU A CB  1 
ATOM   578  C CG  . GLU A 1 72  ? 13.591  8.417   16.295  1.00 79.76  ? 94  GLU A CG  1 
ATOM   579  C CD  . GLU A 1 72  ? 12.744  9.672   16.455  1.00 93.34  ? 94  GLU A CD  1 
ATOM   580  O OE1 . GLU A 1 72  ? 12.691  10.461  15.478  1.00 91.01  ? 94  GLU A OE1 1 
ATOM   581  O OE2 . GLU A 1 72  ? 12.186  9.795   17.587  1.00 97.22  ? 94  GLU A OE2 1 
ATOM   582  N N   . GLU A 1 73  ? 10.744  7.312   14.054  1.00 47.17  ? 95  GLU A N   1 
ATOM   583  C CA  . GLU A 1 73  ? 9.312   7.526   14.414  1.00 44.57  ? 95  GLU A CA  1 
ATOM   584  C C   . GLU A 1 73  ? 8.532   6.227   14.250  1.00 47.99  ? 95  GLU A C   1 
ATOM   585  O O   . GLU A 1 73  ? 8.698   5.519   13.231  1.00 49.95  ? 95  GLU A O   1 
ATOM   586  C CB  . GLU A 1 73  ? 8.758   8.570   13.413  1.00 42.03  ? 95  GLU A CB  1 
ATOM   587  C CG  . GLU A 1 73  ? 7.274   8.795   13.591  1.00 42.36  ? 95  GLU A CG  1 
ATOM   588  C CD  . GLU A 1 73  ? 6.964   9.485   14.902  1.00 50.19  ? 95  GLU A CD  1 
ATOM   589  O OE1 . GLU A 1 73  ? 5.777   9.507   15.284  1.00 60.11  ? 95  GLU A OE1 1 
ATOM   590  O OE2 . GLU A 1 73  ? 7.905   10.013  15.515  1.00 44.82  ? 95  GLU A OE2 1 
ATOM   591  N N   . ASP A 1 74  ? 7.783   5.798   15.227  1.00 43.82  ? 96  ASP A N   1 
ATOM   592  C CA  . ASP A 1 74  ? 7.020   4.583   15.201  1.00 49.46  ? 96  ASP A CA  1 
ATOM   593  C C   . ASP A 1 74  ? 5.860   4.553   14.199  1.00 50.96  ? 96  ASP A C   1 
ATOM   594  O O   . ASP A 1 74  ? 5.069   5.479   14.060  1.00 51.03  ? 96  ASP A O   1 
ATOM   595  C CB  . ASP A 1 74  ? 6.494   4.337   16.622  1.00 57.72  ? 96  ASP A CB  1 
ATOM   596  C CG  . ASP A 1 74  ? 7.574   3.538   17.368  1.00 67.31  ? 96  ASP A CG  1 
ATOM   597  O OD1 . ASP A 1 74  ? 7.246   3.004   18.442  1.00 68.15  ? 96  ASP A OD1 1 
ATOM   598  O OD2 . ASP A 1 74  ? 8.718   3.480   16.852  1.00 69.39  ? 96  ASP A OD2 1 
ATOM   599  N N   . GLY A 1 75  ? 5.739   3.433   13.493  1.00 49.08  ? 97  GLY A N   1 
ATOM   600  C CA  . GLY A 1 75  ? 4.746   3.309   12.422  1.00 44.80  ? 97  GLY A CA  1 
ATOM   601  C C   . GLY A 1 75  ? 5.277   3.923   11.142  1.00 42.40  ? 97  GLY A C   1 
ATOM   602  O O   . GLY A 1 75  ? 4.613   3.788   10.137  1.00 47.16  ? 97  GLY A O   1 
ATOM   603  N N   . VAL A 1 76  ? 6.468   4.490   11.069  1.00 39.58  ? 98  VAL A N   1 
ATOM   604  C CA  . VAL A 1 76  ? 7.069   5.164   9.982   1.00 34.19  ? 98  VAL A CA  1 
ATOM   605  C C   . VAL A 1 76  ? 8.365   4.516   9.521   1.00 39.53  ? 98  VAL A C   1 
ATOM   606  O O   . VAL A 1 76  ? 9.298   4.267   10.277  1.00 44.28  ? 98  VAL A O   1 
ATOM   607  C CB  . VAL A 1 76  ? 7.368   6.654   10.185  1.00 33.53  ? 98  VAL A CB  1 
ATOM   608  C CG1 . VAL A 1 76  ? 8.127   7.253   9.007   1.00 33.08  ? 98  VAL A CG1 1 
ATOM   609  C CG2 . VAL A 1 76  ? 6.119   7.464   10.444  1.00 42.70  ? 98  VAL A CG2 1 
ATOM   610  N N   . TYR A 1 77  ? 8.412   4.320   8.201   1.00 38.86  ? 99  TYR A N   1 
ATOM   611  C CA  . TYR A 1 77  ? 9.349   3.526   7.467   1.00 33.00  ? 99  TYR A CA  1 
ATOM   612  C C   . TYR A 1 77  ? 9.809   4.186   6.205   1.00 30.24  ? 99  TYR A C   1 
ATOM   613  O O   . TYR A 1 77  ? 9.117   5.099   5.748   1.00 37.75  ? 99  TYR A O   1 
ATOM   614  C CB  . TYR A 1 77  ? 8.691   2.183   7.095   1.00 36.01  ? 99  TYR A CB  1 
ATOM   615  C CG  . TYR A 1 77  ? 8.393   1.288   8.278   1.00 36.03  ? 99  TYR A CG  1 
ATOM   616  C CD1 . TYR A 1 77  ? 7.209   1.470   8.969   1.00 40.74  ? 99  TYR A CD1 1 
ATOM   617  C CD2 . TYR A 1 77  ? 9.247   0.302   8.734   1.00 32.26  ? 99  TYR A CD2 1 
ATOM   618  C CE1 . TYR A 1 77  ? 6.894   0.714   10.096  1.00 42.73  ? 99  TYR A CE1 1 
ATOM   619  C CE2 . TYR A 1 77  ? 8.934   -0.515  9.821   1.00 30.81  ? 99  TYR A CE2 1 
ATOM   620  C CZ  . TYR A 1 77  ? 7.782   -0.292  10.497  1.00 41.61  ? 99  TYR A CZ  1 
ATOM   621  O OH  . TYR A 1 77  ? 7.403   -0.993  11.614  1.00 45.17  ? 99  TYR A OH  1 
ATOM   622  N N   . SER A 1 78  ? 11.010  3.965   5.748   1.00 29.39  ? 100 SER A N   1 
ATOM   623  C CA  . SER A 1 78  ? 11.591  4.477   4.526   1.00 35.63  ? 100 SER A CA  1 
ATOM   624  C C   . SER A 1 78  ? 11.747  3.289   3.551   1.00 37.19  ? 100 SER A C   1 
ATOM   625  O O   . SER A 1 78  ? 11.627  2.143   4.001   1.00 36.80  ? 100 SER A O   1 
ATOM   626  C CB  . SER A 1 78  ? 12.952  5.137   4.725   1.00 38.09  ? 100 SER A CB  1 
ATOM   627  O OG  . SER A 1 78  ? 13.775  4.313   5.532   1.00 57.60  ? 100 SER A OG  1 
ATOM   628  N N   . LEU A 1 79  ? 11.935  3.565   2.273   1.00 37.69  ? 101 LEU A N   1 
ATOM   629  C CA  . LEU A 1 79  ? 11.868  2.476   1.286   1.00 41.92  ? 101 LEU A CA  1 
ATOM   630  C C   . LEU A 1 79  ? 12.548  3.037   0.040   1.00 42.55  ? 101 LEU A C   1 
ATOM   631  O O   . LEU A 1 79  ? 12.210  4.170   -0.309  1.00 47.88  ? 101 LEU A O   1 
ATOM   632  C CB  . LEU A 1 79  ? 10.434  2.086   0.890   1.00 44.58  ? 101 LEU A CB  1 
ATOM   633  C CG  . LEU A 1 79  ? 10.245  1.416   -0.499  1.00 46.00  ? 101 LEU A CG  1 
ATOM   634  C CD1 . LEU A 1 79  ? 10.759  -0.035  -0.488  1.00 43.62  ? 101 LEU A CD1 1 
ATOM   635  C CD2 . LEU A 1 79  ? 8.769   1.379   -0.872  1.00 42.36  ? 101 LEU A CD2 1 
ATOM   636  N N   . ASN A 1 80  ? 13.561  2.353   -0.443  1.00 40.24  ? 102 ASN A N   1 
ATOM   637  C CA  . ASN A 1 80  ? 14.314  2.747   -1.606  1.00 42.38  ? 102 ASN A CA  1 
ATOM   638  C C   . ASN A 1 80  ? 13.704  1.960   -2.772  1.00 45.92  ? 102 ASN A C   1 
ATOM   639  O O   . ASN A 1 80  ? 13.873  0.750   -2.705  1.00 49.85  ? 102 ASN A O   1 
ATOM   640  C CB  . ASN A 1 80  ? 15.823  2.428   -1.568  1.00 45.09  ? 102 ASN A CB  1 
ATOM   641  C CG  . ASN A 1 80  ? 16.493  3.381   -0.599  1.00 50.63  ? 102 ASN A CG  1 
ATOM   642  O OD1 . ASN A 1 80  ? 16.616  4.550   -0.970  1.00 55.53  ? 102 ASN A OD1 1 
ATOM   643  N ND2 . ASN A 1 80  ? 16.822  2.941   0.599   1.00 51.91  ? 102 ASN A ND2 1 
ATOM   644  N N   . TYR A 1 81  ? 12.871  2.570   -3.567  1.00 43.55  ? 103 TYR A N   1 
ATOM   645  C CA  . TYR A 1 81  ? 12.198  1.927   -4.684  1.00 43.37  ? 103 TYR A CA  1 
ATOM   646  C C   . TYR A 1 81  ? 11.600  3.062   -5.533  1.00 44.82  ? 103 TYR A C   1 
ATOM   647  O O   . TYR A 1 81  ? 10.717  3.772   -5.024  1.00 44.83  ? 103 TYR A O   1 
ATOM   648  C CB  . TYR A 1 81  ? 11.043  1.054   -4.141  1.00 40.39  ? 103 TYR A CB  1 
ATOM   649  C CG  . TYR A 1 81  ? 10.136  0.602   -5.254  1.00 45.74  ? 103 TYR A CG  1 
ATOM   650  C CD1 . TYR A 1 81  ? 10.669  -0.332  -6.178  1.00 49.47  ? 103 TYR A CD1 1 
ATOM   651  C CD2 . TYR A 1 81  ? 8.856   1.036   -5.442  1.00 45.51  ? 103 TYR A CD2 1 
ATOM   652  C CE1 . TYR A 1 81  ? 9.930   -0.777  -7.247  1.00 49.98  ? 103 TYR A CE1 1 
ATOM   653  C CE2 . TYR A 1 81  ? 8.101   0.578   -6.511  1.00 49.36  ? 103 TYR A CE2 1 
ATOM   654  C CZ  . TYR A 1 81  ? 8.637   -0.332  -7.404  1.00 51.69  ? 103 TYR A CZ  1 
ATOM   655  O OH  . TYR A 1 81  ? 7.888   -0.811  -8.450  1.00 52.76  ? 103 TYR A OH  1 
ATOM   656  N N   . ASP A 1 82  ? 12.074  3.255   -6.732  1.00 44.18  ? 104 ASP A N   1 
ATOM   657  C CA  . ASP A 1 82  ? 11.698  4.296   -7.658  1.00 46.30  ? 104 ASP A CA  1 
ATOM   658  C C   . ASP A 1 82  ? 11.950  5.682   -7.043  1.00 46.79  ? 104 ASP A C   1 
ATOM   659  O O   . ASP A 1 82  ? 11.047  6.502   -6.911  1.00 45.96  ? 104 ASP A O   1 
ATOM   660  C CB  . ASP A 1 82  ? 10.205  4.168   -7.996  1.00 46.50  ? 104 ASP A CB  1 
ATOM   661  C CG  . ASP A 1 82  ? 9.851   5.143   -9.120  1.00 50.78  ? 104 ASP A CG  1 
ATOM   662  O OD1 . ASP A 1 82  ? 10.795  5.596   -9.797  1.00 51.48  ? 104 ASP A OD1 1 
ATOM   663  O OD2 . ASP A 1 82  ? 8.672   5.471   -9.290  1.00 49.14  ? 104 ASP A OD2 1 
ATOM   664  N N   . GLY A 1 83  ? 13.065  5.816   -6.374  1.00 44.90  ? 105 GLY A N   1 
ATOM   665  C CA  . GLY A 1 83  ? 13.652  6.787   -5.550  1.00 41.04  ? 105 GLY A CA  1 
ATOM   666  C C   . GLY A 1 83  ? 13.427  6.508   -4.049  1.00 47.75  ? 105 GLY A C   1 
ATOM   667  O O   . GLY A 1 83  ? 13.216  5.379   -3.559  1.00 48.72  ? 105 GLY A O   1 
ATOM   668  N N   . TYR A 1 84  ? 13.429  7.595   -3.255  1.00 43.08  ? 106 TYR A N   1 
ATOM   669  C CA  . TYR A 1 84  ? 13.321  7.482   -1.797  1.00 38.98  ? 106 TYR A CA  1 
ATOM   670  C C   . TYR A 1 84  ? 11.914  7.768   -1.312  1.00 40.69  ? 106 TYR A C   1 
ATOM   671  O O   . TYR A 1 84  ? 11.359  8.806   -1.670  1.00 45.89  ? 106 TYR A O   1 
ATOM   672  C CB  . TYR A 1 84  ? 14.333  8.446   -1.211  1.00 39.45  ? 106 TYR A CB  1 
ATOM   673  C CG  . TYR A 1 84  ? 14.441  8.330   0.289   1.00 42.99  ? 106 TYR A CG  1 
ATOM   674  C CD1 . TYR A 1 84  ? 15.073  7.241   0.898   1.00 38.32  ? 106 TYR A CD1 1 
ATOM   675  C CD2 . TYR A 1 84  ? 13.875  9.336   1.063   1.00 38.03  ? 106 TYR A CD2 1 
ATOM   676  C CE1 . TYR A 1 84  ? 15.112  7.141   2.268   1.00 35.40  ? 106 TYR A CE1 1 
ATOM   677  C CE2 . TYR A 1 84  ? 13.969  9.258   2.432   1.00 39.27  ? 106 TYR A CE2 1 
ATOM   678  C CZ  . TYR A 1 84  ? 14.604  8.181   3.027   1.00 39.90  ? 106 TYR A CZ  1 
ATOM   679  O OH  . TYR A 1 84  ? 14.597  8.146   4.409   1.00 43.47  ? 106 TYR A OH  1 
ATOM   680  N N   . ASN A 1 85  ? 11.341  6.938   -0.485  1.00 34.65  ? 107 ASN A N   1 
ATOM   681  C CA  . ASN A 1 85  ? 9.986   7.013   -0.023  1.00 38.09  ? 107 ASN A CA  1 
ATOM   682  C C   . ASN A 1 85  ? 9.934   6.950   1.509   1.00 38.74  ? 107 ASN A C   1 
ATOM   683  O O   . ASN A 1 85  ? 10.692  6.175   2.067   1.00 36.08  ? 107 ASN A O   1 
ATOM   684  C CB  . ASN A 1 85  ? 9.200   5.732   -0.518  1.00 40.03  ? 107 ASN A CB  1 
ATOM   685  C CG  . ASN A 1 85  ? 9.305   5.604   -2.034  1.00 43.40  ? 107 ASN A CG  1 
ATOM   686  O OD1 . ASN A 1 85  ? 8.561   6.222   -2.812  1.00 43.96  ? 107 ASN A OD1 1 
ATOM   687  N ND2 . ASN A 1 85  ? 10.292  4.855   -2.532  1.00 43.61  ? 107 ASN A ND2 1 
ATOM   688  N N   . VAL A 1 86  ? 8.959   7.610   2.134   1.00 38.01  ? 108 VAL A N   1 
ATOM   689  C CA  . VAL A 1 86  ? 8.749   7.552   3.557   1.00 35.59  ? 108 VAL A CA  1 
ATOM   690  C C   . VAL A 1 86  ? 7.269   7.329   3.702   1.00 34.78  ? 108 VAL A C   1 
ATOM   691  O O   . VAL A 1 86  ? 6.580   8.028   2.966   1.00 42.79  ? 108 VAL A O   1 
ATOM   692  C CB  . VAL A 1 86  ? 9.174   8.836   4.353   1.00 38.39  ? 108 VAL A CB  1 
ATOM   693  C CG1 . VAL A 1 86  ? 8.621   8.714   5.764   1.00 33.84  ? 108 VAL A CG1 1 
ATOM   694  C CG2 . VAL A 1 86  ? 10.697  8.869   4.330   1.00 41.31  ? 108 VAL A CG2 1 
ATOM   695  N N   . PHE A 1 87  ? 6.819   6.496   4.604   1.00 34.90  ? 109 PHE A N   1 
ATOM   696  C CA  . PHE A 1 87  ? 5.399   6.266   4.723   1.00 37.92  ? 109 PHE A CA  1 
ATOM   697  C C   . PHE A 1 87  ? 5.122   5.840   6.167   1.00 37.06  ? 109 PHE A C   1 
ATOM   698  O O   . PHE A 1 87  ? 6.022   5.248   6.760   1.00 38.17  ? 109 PHE A O   1 
ATOM   699  C CB  . PHE A 1 87  ? 4.879   5.134   3.826   1.00 37.93  ? 109 PHE A CB  1 
ATOM   700  C CG  . PHE A 1 87  ? 5.545   3.801   3.999   1.00 42.56  ? 109 PHE A CG  1 
ATOM   701  C CD1 . PHE A 1 87  ? 6.755   3.523   3.359   1.00 40.38  ? 109 PHE A CD1 1 
ATOM   702  C CD2 . PHE A 1 87  ? 4.975   2.841   4.824   1.00 37.76  ? 109 PHE A CD2 1 
ATOM   703  C CE1 . PHE A 1 87  ? 7.376   2.308   3.540   1.00 43.20  ? 109 PHE A CE1 1 
ATOM   704  C CE2 . PHE A 1 87  ? 5.585   1.601   4.944   1.00 45.09  ? 109 PHE A CE2 1 
ATOM   705  C CZ  . PHE A 1 87  ? 6.771   1.316   4.302   1.00 41.32  ? 109 PHE A CZ  1 
ATOM   706  N N   . ARG A 1 88  ? 3.866   5.937   6.523   1.00 34.51  ? 110 ARG A N   1 
ATOM   707  C CA  . ARG A 1 88  ? 3.378   5.468   7.800   1.00 36.97  ? 110 ARG A CA  1 
ATOM   708  C C   . ARG A 1 88  ? 2.353   4.363   7.523   1.00 40.24  ? 110 ARG A C   1 
ATOM   709  O O   . ARG A 1 88  ? 1.528   4.505   6.597   1.00 43.33  ? 110 ARG A O   1 
ATOM   710  C CB  . ARG A 1 88  ? 2.607   6.613   8.559   1.00 32.21  ? 110 ARG A CB  1 
ATOM   711  C CG  . ARG A 1 88  ? 1.929   6.111   9.835   1.00 35.93  ? 110 ARG A CG  1 
ATOM   712  C CD  . ARG A 1 88  ? 1.160   7.282   10.501  1.00 42.01  ? 110 ARG A CD  1 
ATOM   713  N NE  . ARG A 1 88  ? 2.111   8.342   10.935  1.00 41.78  ? 110 ARG A NE  1 
ATOM   714  C CZ  . ARG A 1 88  ? 2.661   8.205   12.160  1.00 46.51  ? 110 ARG A CZ  1 
ATOM   715  N NH1 . ARG A 1 88  ? 2.365   7.157   12.913  1.00 41.03  ? 110 ARG A NH1 1 
ATOM   716  N NH2 . ARG A 1 88  ? 3.519   9.057   12.682  1.00 44.25  ? 110 ARG A NH2 1 
ATOM   717  N N   . ILE A 1 89  ? 2.363   3.330   8.330   1.00 40.62  ? 111 ILE A N   1 
ATOM   718  C CA  . ILE A 1 89  ? 1.449   2.226   8.263   1.00 43.19  ? 111 ILE A CA  1 
ATOM   719  C C   . ILE A 1 89  ? 0.479   2.449   9.437   1.00 47.01  ? 111 ILE A C   1 
ATOM   720  O O   . ILE A 1 89  ? 1.026   2.624   10.536  1.00 43.67  ? 111 ILE A O   1 
ATOM   721  C CB  . ILE A 1 89  ? 2.145   0.887   8.605   1.00 47.39  ? 111 ILE A CB  1 
ATOM   722  C CG1 . ILE A 1 89  ? 3.281   0.596   7.645   1.00 50.29  ? 111 ILE A CG1 1 
ATOM   723  C CG2 . ILE A 1 89  ? 1.139   -0.265  8.669   1.00 45.29  ? 111 ILE A CG2 1 
ATOM   724  C CD1 . ILE A 1 89  ? 4.206   -0.481  8.200   1.00 57.36  ? 111 ILE A CD1 1 
ATOM   725  N N   . SER A 1 90  ? -0.834  2.464   9.193   1.00 43.72  ? 112 SER A N   1 
ATOM   726  C CA  . SER A 1 90  ? -1.692  2.560   10.357  1.00 45.37  ? 112 SER A CA  1 
ATOM   727  C C   . SER A 1 90  ? -2.710  1.437   10.251  1.00 45.41  ? 112 SER A C   1 
ATOM   728  O O   . SER A 1 90  ? -3.175  1.107   9.181   1.00 49.74  ? 112 SER A O   1 
ATOM   729  C CB  . SER A 1 90  ? -2.402  3.904   10.579  1.00 40.59  ? 112 SER A CB  1 
ATOM   730  O OG  . SER A 1 90  ? -1.603  5.009   10.176  1.00 42.67  ? 112 SER A OG  1 
ATOM   731  N N   . GLU A 1 91  ? -3.258  1.063   11.383  1.00 51.68  ? 113 GLU A N   1 
ATOM   732  C CA  . GLU A 1 91  ? -4.383  0.133   11.445  1.00 53.22  ? 113 GLU A CA  1 
ATOM   733  C C   . GLU A 1 91  ? -5.631  0.931   11.109  1.00 55.20  ? 113 GLU A C   1 
ATOM   734  O O   . GLU A 1 91  ? -5.733  2.122   11.454  1.00 53.16  ? 113 GLU A O   1 
ATOM   735  C CB  . GLU A 1 91  ? -4.321  -0.500  12.819  1.00 54.64  ? 113 GLU A CB  1 
ATOM   736  C CG  . GLU A 1 91  ? -5.507  -0.443  13.705  1.00 61.64  ? 113 GLU A CG  1 
ATOM   737  C CD  . GLU A 1 91  ? -5.577  -1.513  14.782  1.00 63.04  ? 113 GLU A CD  1 
ATOM   738  O OE1 . GLU A 1 91  ? -4.615  -2.182  15.211  1.00 64.02  ? 113 GLU A OE1 1 
ATOM   739  O OE2 . GLU A 1 91  ? -6.727  -1.674  15.204  1.00 59.68  ? 113 GLU A OE2 1 
ATOM   740  N N   . PHE A 1 92  ? -6.500  0.367   10.254  1.00 55.90  ? 114 PHE A N   1 
ATOM   741  C CA  . PHE A 1 92  ? -7.729  1.113   9.897   1.00 55.40  ? 114 PHE A CA  1 
ATOM   742  C C   . PHE A 1 92  ? -8.947  0.380   10.425  1.00 57.25  ? 114 PHE A C   1 
ATOM   743  O O   . PHE A 1 92  ? -9.361  -0.720  10.030  1.00 56.36  ? 114 PHE A O   1 
ATOM   744  C CB  . PHE A 1 92  ? -7.757  1.310   8.412   1.00 53.85  ? 114 PHE A CB  1 
ATOM   745  C CG  . PHE A 1 92  ? -8.843  2.102   7.780   1.00 59.88  ? 114 PHE A CG  1 
ATOM   746  C CD1 . PHE A 1 92  ? -8.650  3.413   7.412   1.00 62.03  ? 114 PHE A CD1 1 
ATOM   747  C CD2 . PHE A 1 92  ? -10.066 1.523   7.486   1.00 63.25  ? 114 PHE A CD2 1 
ATOM   748  C CE1 . PHE A 1 92  ? -9.636  4.150   6.786   1.00 66.73  ? 114 PHE A CE1 1 
ATOM   749  C CE2 . PHE A 1 92  ? -11.065 2.250   6.856   1.00 62.44  ? 114 PHE A CE2 1 
ATOM   750  C CZ  . PHE A 1 92  ? -10.848 3.564   6.513   1.00 64.44  ? 114 PHE A CZ  1 
ATOM   751  N N   . GLU A 1 93  ? -9.504  0.967   11.467  1.00 56.72  ? 115 GLU A N   1 
ATOM   752  C CA  . GLU A 1 93  ? -10.660 0.508   12.193  1.00 57.87  ? 115 GLU A CA  1 
ATOM   753  C C   . GLU A 1 93  ? -10.372 -0.728  13.025  1.00 58.03  ? 115 GLU A C   1 
ATOM   754  O O   . GLU A 1 93  ? -10.972 -0.823  14.091  1.00 58.83  ? 115 GLU A O   1 
ATOM   755  C CB  . GLU A 1 93  ? -11.877 0.290   11.297  1.00 67.64  ? 115 GLU A CB  1 
ATOM   756  C CG  . GLU A 1 93  ? -13.151 0.133   12.133  1.00 80.54  ? 115 GLU A CG  1 
ATOM   757  C CD  . GLU A 1 93  ? -13.303 1.367   13.038  1.00 85.41  ? 115 GLU A CD  1 
ATOM   758  O OE1 . GLU A 1 93  ? -13.464 2.451   12.418  1.00 85.52  ? 115 GLU A OE1 1 
ATOM   759  O OE2 . GLU A 1 93  ? -13.231 1.209   14.281  1.00 85.70  ? 115 GLU A OE2 1 
ATOM   760  N N   . ASN A 1 94  ? -9.534  -1.660  12.575  1.00 55.52  ? 116 ASN A N   1 
ATOM   761  C CA  . ASN A 1 94  ? -9.228  -2.879  13.289  1.00 50.27  ? 116 ASN A CA  1 
ATOM   762  C C   . ASN A 1 94  ? -7.950  -3.464  12.707  1.00 50.08  ? 116 ASN A C   1 
ATOM   763  O O   . ASN A 1 94  ? -7.464  -2.928  11.704  1.00 52.67  ? 116 ASN A O   1 
ATOM   764  C CB  . ASN A 1 94  ? -10.369 -3.897  13.214  1.00 55.64  ? 116 ASN A CB  1 
ATOM   765  C CG  . ASN A 1 94  ? -10.649 -4.286  11.777  1.00 63.56  ? 116 ASN A CG  1 
ATOM   766  O OD1 . ASN A 1 94  ? -9.781  -4.780  11.042  1.00 58.15  ? 116 ASN A OD1 1 
ATOM   767  N ND2 . ASN A 1 94  ? -11.894 -4.028  11.387  1.00 70.39  ? 116 ASN A ND2 1 
ATOM   768  N N   . ASP A 1 95  ? -7.359  -4.479  13.326  1.00 50.75  ? 117 ASP A N   1 
ATOM   769  C CA  . ASP A 1 95  ? -6.071  -4.982  12.878  1.00 52.72  ? 117 ASP A CA  1 
ATOM   770  C C   . ASP A 1 95  ? -6.101  -5.822  11.610  1.00 51.29  ? 117 ASP A C   1 
ATOM   771  O O   . ASP A 1 95  ? -5.093  -6.398  11.177  1.00 56.47  ? 117 ASP A O   1 
ATOM   772  C CB  . ASP A 1 95  ? -5.316  -5.667  14.013  1.00 57.84  ? 117 ASP A CB  1 
ATOM   773  C CG  . ASP A 1 95  ? -5.971  -6.953  14.485  1.00 65.26  ? 117 ASP A CG  1 
ATOM   774  O OD1 . ASP A 1 95  ? -5.587  -7.539  15.531  1.00 69.18  ? 117 ASP A OD1 1 
ATOM   775  O OD2 . ASP A 1 95  ? -6.898  -7.388  13.782  1.00 64.23  ? 117 ASP A OD2 1 
ATOM   776  N N   . GLU A 1 96  ? -7.231  -5.938  10.964  1.00 49.58  ? 118 GLU A N   1 
ATOM   777  C CA  . GLU A 1 96  ? -7.367  -6.679  9.722   1.00 52.41  ? 118 GLU A CA  1 
ATOM   778  C C   . GLU A 1 96  ? -7.284  -5.744  8.521   1.00 49.05  ? 118 GLU A C   1 
ATOM   779  O O   . GLU A 1 96  ? -7.405  -6.251  7.421   1.00 51.05  ? 118 GLU A O   1 
ATOM   780  C CB  . GLU A 1 96  ? -8.696  -7.454  9.646   1.00 50.30  ? 118 GLU A CB  1 
ATOM   781  C CG  . GLU A 1 96  ? -8.508  -8.695  10.526  1.00 62.44  ? 118 GLU A CG  1 
ATOM   782  C CD  . GLU A 1 96  ? -9.835  -9.433  10.578  1.00 72.70  ? 118 GLU A CD  1 
ATOM   783  O OE1 . GLU A 1 96  ? -10.900 -8.783  10.462  1.00 76.49  ? 118 GLU A OE1 1 
ATOM   784  O OE2 . GLU A 1 96  ? -9.751  -10.657 10.739  1.00 78.55  ? 118 GLU A OE2 1 
ATOM   785  N N   . HIS A 1 97  ? -7.153  -4.446  8.788   1.00 44.87  ? 119 HIS A N   1 
ATOM   786  C CA  . HIS A 1 97  ? -7.060  -3.489  7.693   1.00 48.38  ? 119 HIS A CA  1 
ATOM   787  C C   . HIS A 1 97  ? -5.883  -2.542  7.963   1.00 49.51  ? 119 HIS A C   1 
ATOM   788  O O   . HIS A 1 97  ? -5.811  -2.043  9.087   1.00 51.66  ? 119 HIS A O   1 
ATOM   789  C CB  . HIS A 1 97  ? -8.338  -2.641  7.543   1.00 43.29  ? 119 HIS A CB  1 
ATOM   790  C CG  . HIS A 1 97  ? -9.587  -3.457  7.509   1.00 47.46  ? 119 HIS A CG  1 
ATOM   791  N ND1 . HIS A 1 97  ? -10.125 -4.069  8.614   1.00 51.95  ? 119 HIS A ND1 1 
ATOM   792  C CD2 . HIS A 1 97  ? -10.382 -3.813  6.466   1.00 54.08  ? 119 HIS A CD2 1 
ATOM   793  C CE1 . HIS A 1 97  ? -11.201 -4.748  8.272   1.00 51.53  ? 119 HIS A CE1 1 
ATOM   794  N NE2 . HIS A 1 97  ? -11.381 -4.609  6.976   1.00 54.38  ? 119 HIS A NE2 1 
ATOM   795  N N   . ILE A 1 98  ? -5.085  -2.258  6.962   1.00 44.88  ? 120 ILE A N   1 
ATOM   796  C CA  . ILE A 1 98  ? -3.982  -1.328  7.060   1.00 42.67  ? 120 ILE A CA  1 
ATOM   797  C C   . ILE A 1 98  ? -4.205  -0.211  6.016   1.00 43.48  ? 120 ILE A C   1 
ATOM   798  O O   . ILE A 1 98  ? -4.412  -0.436  4.800   1.00 43.07  ? 120 ILE A O   1 
ATOM   799  C CB  . ILE A 1 98  ? -2.640  -1.996  6.701   1.00 38.23  ? 120 ILE A CB  1 
ATOM   800  C CG1 . ILE A 1 98  ? -2.181  -3.001  7.746   1.00 52.23  ? 120 ILE A CG1 1 
ATOM   801  C CG2 . ILE A 1 98  ? -1.575  -0.963  6.432   1.00 47.23  ? 120 ILE A CG2 1 
ATOM   802  C CD1 . ILE A 1 98  ? -1.147  -4.006  7.281   1.00 43.56  ? 120 ILE A CD1 1 
ATOM   803  N N   . ILE A 1 99  ? -4.054  1.008   6.508   1.00 42.64  ? 121 ILE A N   1 
ATOM   804  C CA  . ILE A 1 99  ? -4.025  2.193   5.668   1.00 42.32  ? 121 ILE A CA  1 
ATOM   805  C C   . ILE A 1 99  ? -2.570  2.672   5.640   1.00 41.64  ? 121 ILE A C   1 
ATOM   806  O O   . ILE A 1 99  ? -1.897  2.793   6.647   1.00 42.64  ? 121 ILE A O   1 
ATOM   807  C CB  . ILE A 1 99  ? -5.010  3.299   6.028   1.00 45.32  ? 121 ILE A CB  1 
ATOM   808  C CG1 . ILE A 1 99  ? -4.907  4.378   4.938   1.00 47.74  ? 121 ILE A CG1 1 
ATOM   809  C CG2 . ILE A 1 99  ? -4.825  3.877   7.425   1.00 40.25  ? 121 ILE A CG2 1 
ATOM   810  C CD1 . ILE A 1 99  ? -6.214  5.175   4.858   1.00 52.64  ? 121 ILE A CD1 1 
ATOM   811  N N   . LEU A 1 100 ? -2.062  3.026   4.476   1.00 40.45  ? 122 LEU A N   1 
ATOM   812  C CA  . LEU A 1 100 ? -0.706  3.335   4.233   1.00 39.01  ? 122 LEU A CA  1 
ATOM   813  C C   . LEU A 1 100 ? -0.658  4.654   3.493   1.00 39.86  ? 122 LEU A C   1 
ATOM   814  O O   . LEU A 1 100 ? -1.272  4.748   2.444   1.00 44.03  ? 122 LEU A O   1 
ATOM   815  C CB  . LEU A 1 100 ? 0.063   2.294   3.434   1.00 48.14  ? 122 LEU A CB  1 
ATOM   816  C CG  . LEU A 1 100 ? 0.630   1.005   3.981   1.00 56.30  ? 122 LEU A CG  1 
ATOM   817  C CD1 . LEU A 1 100 ? 2.055   0.757   3.483   1.00 53.43  ? 122 LEU A CD1 1 
ATOM   818  C CD2 . LEU A 1 100 ? 0.691   0.930   5.502   1.00 65.81  ? 122 LEU A CD2 1 
ATOM   819  N N   . TYR A 1 101 ? 0.099   5.591   4.056   1.00 39.80  ? 123 TYR A N   1 
ATOM   820  C CA  . TYR A 1 101 ? 0.332   6.936   3.528   1.00 35.58  ? 123 TYR A CA  1 
ATOM   821  C C   . TYR A 1 101 ? 1.836   7.074   3.321   1.00 37.40  ? 123 TYR A C   1 
ATOM   822  O O   . TYR A 1 101 ? 2.633   7.000   4.256   1.00 36.33  ? 123 TYR A O   1 
ATOM   823  C CB  . TYR A 1 101 ? -0.127  7.960   4.596   1.00 38.82  ? 123 TYR A CB  1 
ATOM   824  C CG  . TYR A 1 101 ? 0.202   9.373   4.125   1.00 42.09  ? 123 TYR A CG  1 
ATOM   825  C CD1 . TYR A 1 101 ? -0.341  9.909   2.962   1.00 42.48  ? 123 TYR A CD1 1 
ATOM   826  C CD2 . TYR A 1 101 ? 1.063   10.160  4.865   1.00 40.95  ? 123 TYR A CD2 1 
ATOM   827  C CE1 . TYR A 1 101 ? 0.010   11.176  2.515   1.00 44.75  ? 123 TYR A CE1 1 
ATOM   828  C CE2 . TYR A 1 101 ? 1.387   11.435  4.444   1.00 41.84  ? 123 TYR A CE2 1 
ATOM   829  C CZ  . TYR A 1 101 ? 0.861   11.949  3.290   1.00 42.26  ? 123 TYR A CZ  1 
ATOM   830  O OH  . TYR A 1 101 ? 1.263   13.193  2.890   1.00 44.38  ? 123 TYR A OH  1 
ATOM   831  N N   . LEU A 1 102 ? 2.256   7.285   2.096   1.00 37.66  ? 124 LEU A N   1 
ATOM   832  C CA  . LEU A 1 102 ? 3.542   7.363   1.527   1.00 36.93  ? 124 LEU A CA  1 
ATOM   833  C C   . LEU A 1 102 ? 3.768   8.658   0.730   1.00 36.25  ? 124 LEU A C   1 
ATOM   834  O O   . LEU A 1 102 ? 2.902   9.085   -0.003  1.00 37.13  ? 124 LEU A O   1 
ATOM   835  C CB  . LEU A 1 102 ? 3.757   6.128   0.641   1.00 39.16  ? 124 LEU A CB  1 
ATOM   836  C CG  . LEU A 1 102 ? 5.045   6.041   -0.149  1.00 43.79  ? 124 LEU A CG  1 
ATOM   837  C CD1 . LEU A 1 102 ? 5.329   4.602   -0.583  1.00 34.33  ? 124 LEU A CD1 1 
ATOM   838  C CD2 . LEU A 1 102 ? 4.988   6.959   -1.365  1.00 36.64  ? 124 LEU A CD2 1 
ATOM   839  N N   . VAL A 1 103 ? 5.017   9.104   0.725   1.00 30.12  ? 125 VAL A N   1 
ATOM   840  C CA  . VAL A 1 103 ? 5.462   10.171  -0.092  1.00 32.19  ? 125 VAL A CA  1 
ATOM   841  C C   . VAL A 1 103 ? 6.775   9.723   -0.704  1.00 34.73  ? 125 VAL A C   1 
ATOM   842  O O   . VAL A 1 103 ? 7.579   9.131   -0.002  1.00 40.79  ? 125 VAL A O   1 
ATOM   843  C CB  . VAL A 1 103 ? 5.647   11.506  0.701   1.00 33.70  ? 125 VAL A CB  1 
ATOM   844  C CG1 . VAL A 1 103 ? 6.269   12.583  -0.130  1.00 31.94  ? 125 VAL A CG1 1 
ATOM   845  C CG2 . VAL A 1 103 ? 4.333   11.950  1.288   1.00 35.79  ? 125 VAL A CG2 1 
ATOM   846  N N   . ASN A 1 104 ? 6.979   10.043  -1.955  1.00 38.14  ? 126 ASN A N   1 
ATOM   847  C CA  . ASN A 1 104 ? 8.184   9.798   -2.708  1.00 40.84  ? 126 ASN A CA  1 
ATOM   848  C C   . ASN A 1 104 ? 8.765   11.201  -2.912  1.00 45.02  ? 126 ASN A C   1 
ATOM   849  O O   . ASN A 1 104 ? 8.158   12.104  -3.501  1.00 40.30  ? 126 ASN A O   1 
ATOM   850  C CB  . ASN A 1 104 ? 7.719   9.157   -4.058  1.00 38.06  ? 126 ASN A CB  1 
ATOM   851  C CG  . ASN A 1 104 ? 8.908   8.838   -4.927  1.00 38.78  ? 126 ASN A CG  1 
ATOM   852  O OD1 . ASN A 1 104 ? 9.562   9.721   -5.435  1.00 40.02  ? 126 ASN A OD1 1 
ATOM   853  N ND2 . ASN A 1 104 ? 9.245   7.560   -5.089  1.00 41.53  ? 126 ASN A ND2 1 
ATOM   854  N N   . PHE A 1 105 ? 9.999   11.366  -2.477  1.00 43.36  ? 127 PHE A N   1 
ATOM   855  C CA  . PHE A 1 105 ? 10.727  12.598  -2.456  1.00 40.04  ? 127 PHE A CA  1 
ATOM   856  C C   . PHE A 1 105 ? 11.525  12.814  -3.713  1.00 41.83  ? 127 PHE A C   1 
ATOM   857  O O   . PHE A 1 105 ? 12.557  13.466  -3.697  1.00 41.58  ? 127 PHE A O   1 
ATOM   858  C CB  . PHE A 1 105 ? 11.603  12.763  -1.189  1.00 41.78  ? 127 PHE A CB  1 
ATOM   859  C CG  . PHE A 1 105 ? 10.752  12.993  0.040   1.00 35.77  ? 127 PHE A CG  1 
ATOM   860  C CD1 . PHE A 1 105 ? 10.226  11.952  0.761   1.00 34.01  ? 127 PHE A CD1 1 
ATOM   861  C CD2 . PHE A 1 105 ? 10.465  14.301  0.445   1.00 39.87  ? 127 PHE A CD2 1 
ATOM   862  C CE1 . PHE A 1 105 ? 9.417   12.173  1.873   1.00 36.65  ? 127 PHE A CE1 1 
ATOM   863  C CE2 . PHE A 1 105 ? 9.674   14.533  1.570   1.00 28.18  ? 127 PHE A CE2 1 
ATOM   864  C CZ  . PHE A 1 105 ? 9.130   13.499  2.276   1.00 29.83  ? 127 PHE A CZ  1 
ATOM   865  N N   . ASP A 1 106 ? 10.909  12.440  -4.837  1.00 45.11  ? 128 ASP A N   1 
ATOM   866  C CA  . ASP A 1 106 ? 11.569  12.750  -6.126  1.00 45.21  ? 128 ASP A CA  1 
ATOM   867  C C   . ASP A 1 106 ? 11.705  14.256  -6.235  1.00 48.81  ? 128 ASP A C   1 
ATOM   868  O O   . ASP A 1 106 ? 10.806  15.032  -5.878  1.00 48.52  ? 128 ASP A O   1 
ATOM   869  C CB  . ASP A 1 106 ? 10.701  12.186  -7.255  1.00 52.94  ? 128 ASP A CB  1 
ATOM   870  C CG  . ASP A 1 106 ? 11.332  12.527  -8.600  1.00 54.98  ? 128 ASP A CG  1 
ATOM   871  O OD1 . ASP A 1 106 ? 12.389  11.987  -8.966  1.00 59.66  ? 128 ASP A OD1 1 
ATOM   872  O OD2 . ASP A 1 106 ? 10.750  13.372  -9.287  1.00 56.23  ? 128 ASP A OD2 1 
ATOM   873  N N   . LYS A 1 107 ? 12.862  14.708  -6.646  1.00 52.71  ? 129 LYS A N   1 
ATOM   874  C CA  . LYS A 1 107 ? 13.146  16.133  -6.762  1.00 58.38  ? 129 LYS A CA  1 
ATOM   875  C C   . LYS A 1 107 ? 12.150  16.856  -7.674  1.00 62.64  ? 129 LYS A C   1 
ATOM   876  O O   . LYS A 1 107 ? 11.521  17.860  -7.327  1.00 60.47  ? 129 LYS A O   1 
ATOM   877  C CB  . LYS A 1 107 ? 14.563  16.257  -7.358  1.00 52.95  ? 129 LYS A CB  1 
ATOM   878  C CG  . LYS A 1 107 ? 14.889  17.663  -7.787  1.00 58.53  ? 129 LYS A CG  1 
ATOM   879  C CD  . LYS A 1 107 ? 16.358  17.884  -8.103  1.00 60.12  ? 129 LYS A CD  1 
ATOM   880  C CE  . LYS A 1 107 ? 16.733  17.298  -9.452  1.00 59.89  ? 129 LYS A CE  1 
ATOM   881  N NZ  . LYS A 1 107 ? 16.081  17.973  -10.612 1.00 57.52  ? 129 LYS A NZ  1 
ATOM   882  N N   . ASP A 1 108 ? 12.005  16.305  -8.888  1.00 63.77  ? 130 ASP A N   1 
ATOM   883  C CA  . ASP A 1 108 ? 11.139  16.956  -9.876  1.00 66.38  ? 130 ASP A CA  1 
ATOM   884  C C   . ASP A 1 108 ? 9.670   16.675  -9.747  1.00 64.60  ? 130 ASP A C   1 
ATOM   885  O O   . ASP A 1 108 ? 8.891   17.613  -9.878  1.00 64.43  ? 130 ASP A O   1 
ATOM   886  C CB  . ASP A 1 108 ? 11.678  16.646  -11.293 1.00 63.99  ? 130 ASP A CB  1 
ATOM   887  C CG  . ASP A 1 108 ? 13.065  17.292  -11.264 1.00 67.16  ? 130 ASP A CG  1 
ATOM   888  O OD1 . ASP A 1 108 ? 13.092  18.540  -11.318 1.00 76.80  ? 130 ASP A OD1 1 
ATOM   889  O OD2 . ASP A 1 108 ? 14.082  16.618  -11.113 1.00 66.14  ? 130 ASP A OD2 1 
ATOM   890  N N   . ARG A 1 109 ? 9.277   15.473  -9.356  1.00 62.46  ? 131 ARG A N   1 
ATOM   891  C CA  . ARG A 1 109 ? 7.865   15.155  -9.253  1.00 60.23  ? 131 ARG A CA  1 
ATOM   892  C C   . ARG A 1 109 ? 7.546   14.254  -8.063  1.00 58.51  ? 131 ARG A C   1 
ATOM   893  O O   . ARG A 1 109 ? 7.324   13.060  -8.256  1.00 57.60  ? 131 ARG A O   1 
ATOM   894  C CB  . ARG A 1 109 ? 7.474   14.458  -10.561 1.00 64.56  ? 131 ARG A CB  1 
ATOM   895  N N   . PRO A 1 110 ? 7.477   14.833  -6.870  1.00 54.43  ? 132 PRO A N   1 
ATOM   896  C CA  . PRO A 1 110 ? 7.182   14.075  -5.671  1.00 50.57  ? 132 PRO A CA  1 
ATOM   897  C C   . PRO A 1 110 ? 5.712   13.721  -5.722  1.00 52.04  ? 132 PRO A C   1 
ATOM   898  O O   . PRO A 1 110 ? 5.002   14.397  -6.481  1.00 51.78  ? 132 PRO A O   1 
ATOM   899  C CB  . PRO A 1 110 ? 7.471   15.031  -4.516  1.00 47.04  ? 132 PRO A CB  1 
ATOM   900  C CG  . PRO A 1 110 ? 7.285   16.378  -5.141  1.00 50.78  ? 132 PRO A CG  1 
ATOM   901  C CD  . PRO A 1 110 ? 7.775   16.261  -6.557  1.00 50.86  ? 132 PRO A CD  1 
ATOM   902  N N   . PHE A 1 111 ? 5.282   12.736  -4.914  1.00 45.70  ? 133 PHE A N   1 
ATOM   903  C CA  . PHE A 1 111 ? 3.825   12.568  -4.933  1.00 40.99  ? 133 PHE A CA  1 
ATOM   904  C C   . PHE A 1 111 ? 3.455   11.865  -3.645  1.00 39.88  ? 133 PHE A C   1 
ATOM   905  O O   . PHE A 1 111 ? 4.348   11.316  -2.997  1.00 38.44  ? 133 PHE A O   1 
ATOM   906  C CB  . PHE A 1 111 ? 3.480   11.636  -6.115  1.00 44.84  ? 133 PHE A CB  1 
ATOM   907  C CG  . PHE A 1 111 ? 4.147   10.293  -6.185  1.00 40.40  ? 133 PHE A CG  1 
ATOM   908  C CD1 . PHE A 1 111 ? 3.636   9.186   -5.540  1.00 41.83  ? 133 PHE A CD1 1 
ATOM   909  C CD2 . PHE A 1 111 ? 5.287   10.120  -6.930  1.00 42.96  ? 133 PHE A CD2 1 
ATOM   910  C CE1 . PHE A 1 111 ? 4.216   7.931   -5.679  1.00 41.68  ? 133 PHE A CE1 1 
ATOM   911  C CE2 . PHE A 1 111 ? 5.886   8.890   -7.077  1.00 43.27  ? 133 PHE A CE2 1 
ATOM   912  C CZ  . PHE A 1 111 ? 5.333   7.787   -6.447  1.00 46.72  ? 133 PHE A CZ  1 
ATOM   913  N N   . GLN A 1 112 ? 2.193   11.903  -3.362  1.00 36.13  ? 134 GLN A N   1 
ATOM   914  C CA  . GLN A 1 112 ? 1.637   11.208  -2.227  1.00 40.88  ? 134 GLN A CA  1 
ATOM   915  C C   . GLN A 1 112 ? 0.821   9.999   -2.743  1.00 39.58  ? 134 GLN A C   1 
ATOM   916  O O   . GLN A 1 112 ? 0.348   9.956   -3.896  1.00 38.26  ? 134 GLN A O   1 
ATOM   917  C CB  . GLN A 1 112 ? 0.744   12.158  -1.419  1.00 39.76  ? 134 GLN A CB  1 
ATOM   918  C CG  . GLN A 1 112 ? 1.236   13.589  -1.119  1.00 37.85  ? 134 GLN A CG  1 
ATOM   919  C CD  . GLN A 1 112 ? -0.011  14.351  -0.598  1.00 42.93  ? 134 GLN A CD  1 
ATOM   920  O OE1 . GLN A 1 112 ? -0.336  14.320  0.581   1.00 42.71  ? 134 GLN A OE1 1 
ATOM   921  N NE2 . GLN A 1 112 ? -0.821  14.891  -1.530  1.00 39.74  ? 134 GLN A NE2 1 
ATOM   922  N N   . LEU A 1 113 ? 0.783   8.932   -1.961  1.00 38.08  ? 135 LEU A N   1 
ATOM   923  C CA  . LEU A 1 113 ? 0.166   7.694   -2.409  1.00 38.03  ? 135 LEU A CA  1 
ATOM   924  C C   . LEU A 1 113 ? -0.473  7.047   -1.211  1.00 39.78  ? 135 LEU A C   1 
ATOM   925  O O   . LEU A 1 113 ? 0.153   7.123   -0.149  1.00 45.09  ? 135 LEU A O   1 
ATOM   926  C CB  . LEU A 1 113 ? 1.232   6.818   -3.091  1.00 39.71  ? 135 LEU A CB  1 
ATOM   927  C CG  . LEU A 1 113 ? 0.863   5.324   -3.318  1.00 44.35  ? 135 LEU A CG  1 
ATOM   928  C CD1 . LEU A 1 113 ? 0.477   5.144   -4.778  1.00 48.83  ? 135 LEU A CD1 1 
ATOM   929  C CD2 . LEU A 1 113 ? 2.036   4.384   -3.089  1.00 44.89  ? 135 LEU A CD2 1 
ATOM   930  N N   . PHE A 1 114 ? -1.680  6.523   -1.324  1.00 35.69  ? 136 PHE A N   1 
ATOM   931  C CA  . PHE A 1 114 ? -2.278  5.728   -0.292  1.00 36.92  ? 136 PHE A CA  1 
ATOM   932  C C   . PHE A 1 114 ? -2.417  4.284   -0.830  1.00 39.57  ? 136 PHE A C   1 
ATOM   933  O O   . PHE A 1 114 ? -2.562  4.087   -2.025  1.00 41.48  ? 136 PHE A O   1 
ATOM   934  C CB  . PHE A 1 114 ? -3.666  6.146   0.180   1.00 39.34  ? 136 PHE A CB  1 
ATOM   935  C CG  . PHE A 1 114 ? -3.739  7.457   0.917   1.00 40.47  ? 136 PHE A CG  1 
ATOM   936  C CD1 . PHE A 1 114 ? -3.694  8.650   0.245   1.00 46.87  ? 136 PHE A CD1 1 
ATOM   937  C CD2 . PHE A 1 114 ? -3.899  7.468   2.283   1.00 42.72  ? 136 PHE A CD2 1 
ATOM   938  C CE1 . PHE A 1 114 ? -3.811  9.854   0.936   1.00 48.67  ? 136 PHE A CE1 1 
ATOM   939  C CE2 . PHE A 1 114 ? -3.998  8.657   2.977   1.00 47.30  ? 136 PHE A CE2 1 
ATOM   940  C CZ  . PHE A 1 114 ? -3.946  9.845   2.303   1.00 38.50  ? 136 PHE A CZ  1 
ATOM   941  N N   . GLU A 1 115 ? -2.234  3.311   0.027   1.00 41.15  ? 137 GLU A N   1 
ATOM   942  C CA  . GLU A 1 115 ? -2.404  1.905   -0.209  1.00 39.13  ? 137 GLU A CA  1 
ATOM   943  C C   . GLU A 1 115 ? -3.343  1.510   0.907   1.00 41.00  ? 137 GLU A C   1 
ATOM   944  O O   . GLU A 1 115 ? -3.402  2.215   1.927   1.00 42.53  ? 137 GLU A O   1 
ATOM   945  C CB  . GLU A 1 115 ? -1.172  1.035   -0.236  1.00 39.44  ? 137 GLU A CB  1 
ATOM   946  C CG  . GLU A 1 115 ? -0.172  1.316   -1.371  1.00 26.35  ? 137 GLU A CG  1 
ATOM   947  C CD  . GLU A 1 115 ? 1.058   0.478   -1.040  1.00 50.94  ? 137 GLU A CD  1 
ATOM   948  O OE1 . GLU A 1 115 ? 1.975   0.941   -0.286  1.00 55.55  ? 137 GLU A OE1 1 
ATOM   949  O OE2 . GLU A 1 115 ? 1.120   -0.680  -1.515  1.00 49.25  ? 137 GLU A OE2 1 
ATOM   950  N N   . PHE A 1 116 ? -4.152  0.513   0.649   1.00 38.47  ? 138 PHE A N   1 
ATOM   951  C CA  . PHE A 1 116 ? -5.104  0.006   1.595   1.00 40.23  ? 138 PHE A CA  1 
ATOM   952  C C   . PHE A 1 116 ? -5.056  -1.525  1.523   1.00 45.15  ? 138 PHE A C   1 
ATOM   953  O O   . PHE A 1 116 ? -5.184  -2.050  0.419   1.00 49.99  ? 138 PHE A O   1 
ATOM   954  C CB  . PHE A 1 116 ? -6.523  0.538   1.379   1.00 37.25  ? 138 PHE A CB  1 
ATOM   955  C CG  . PHE A 1 116 ? -7.444  0.214   2.508   1.00 44.12  ? 138 PHE A CG  1 
ATOM   956  C CD1 . PHE A 1 116 ? -7.467  1.017   3.642   1.00 48.55  ? 138 PHE A CD1 1 
ATOM   957  C CD2 . PHE A 1 116 ? -8.269  -0.876  2.496   1.00 48.94  ? 138 PHE A CD2 1 
ATOM   958  C CE1 . PHE A 1 116 ? -8.292  0.743   4.718   1.00 48.58  ? 138 PHE A CE1 1 
ATOM   959  C CE2 . PHE A 1 116 ? -9.115  -1.150  3.554   1.00 50.28  ? 138 PHE A CE2 1 
ATOM   960  C CZ  . PHE A 1 116 ? -9.118  -0.351  4.690   1.00 52.16  ? 138 PHE A CZ  1 
ATOM   961  N N   . TYR A 1 117 ? -4.695  -2.180  2.630   1.00 46.49  ? 139 TYR A N   1 
ATOM   962  C CA  . TYR A 1 117 ? -4.512  -3.608  2.654   1.00 42.31  ? 139 TYR A CA  1 
ATOM   963  C C   . TYR A 1 117 ? -5.516  -4.253  3.605   1.00 44.00  ? 139 TYR A C   1 
ATOM   964  O O   . TYR A 1 117 ? -5.825  -3.686  4.658   1.00 46.54  ? 139 TYR A O   1 
ATOM   965  C CB  . TYR A 1 117 ? -3.147  -4.065  3.170   1.00 40.37  ? 139 TYR A CB  1 
ATOM   966  C CG  . TYR A 1 117 ? -1.948  -3.637  2.384   1.00 38.71  ? 139 TYR A CG  1 
ATOM   967  C CD1 . TYR A 1 117 ? -2.017  -3.175  1.057   1.00 37.47  ? 139 TYR A CD1 1 
ATOM   968  C CD2 . TYR A 1 117 ? -0.704  -3.746  2.969   1.00 37.78  ? 139 TYR A CD2 1 
ATOM   969  C CE1 . TYR A 1 117 ? -0.880  -2.802  0.376   1.00 34.02  ? 139 TYR A CE1 1 
ATOM   970  C CE2 . TYR A 1 117 ? 0.432   -3.364  2.287   1.00 40.70  ? 139 TYR A CE2 1 
ATOM   971  C CZ  . TYR A 1 117 ? 0.351   -2.880  1.010   1.00 41.15  ? 139 TYR A CZ  1 
ATOM   972  O OH  . TYR A 1 117 ? 1.546   -2.494  0.389   1.00 39.34  ? 139 TYR A OH  1 
ATOM   973  N N   . ALA A 1 118 ? -5.939  -5.450  3.182   1.00 41.78  ? 140 ALA A N   1 
ATOM   974  C CA  . ALA A 1 118 ? -6.868  -6.144  4.095   1.00 42.78  ? 140 ALA A CA  1 
ATOM   975  C C   . ALA A 1 118 ? -6.478  -7.614  4.175   1.00 38.55  ? 140 ALA A C   1 
ATOM   976  O O   . ALA A 1 118 ? -5.840  -8.096  3.235   1.00 38.23  ? 140 ALA A O   1 
ATOM   977  C CB  . ALA A 1 118 ? -8.272  -5.949  3.493   1.00 34.84  ? 140 ALA A CB  1 
ATOM   978  N N   . ARG A 1 119 ? -6.902  -8.310  5.205   1.00 43.27  ? 141 ARG A N   1 
ATOM   979  C CA  . ARG A 1 119 ? -6.675  -9.759  5.303   1.00 47.55  ? 141 ARG A CA  1 
ATOM   980  C C   . ARG A 1 119 ? -7.648  -10.517 4.381   1.00 47.99  ? 141 ARG A C   1 
ATOM   981  O O   . ARG A 1 119 ? -7.517  -11.724 4.201   1.00 51.64  ? 141 ARG A O   1 
ATOM   982  C CB  . ARG A 1 119 ? -6.924  -10.227 6.740   1.00 39.89  ? 141 ARG A CB  1 
ATOM   983  C CG  . ARG A 1 119 ? -5.921  -9.740  7.754   1.00 48.14  ? 141 ARG A CG  1 
ATOM   984  C CD  . ARG A 1 119 ? -4.557  -10.346 7.489   1.00 51.60  ? 141 ARG A CD  1 
ATOM   985  N NE  . ARG A 1 119 ? -3.690  -10.230 8.648   1.00 51.15  ? 141 ARG A NE  1 
ATOM   986  C CZ  . ARG A 1 119 ? -2.457  -10.756 8.669   1.00 55.12  ? 141 ARG A CZ  1 
ATOM   987  N NH1 . ARG A 1 119 ? -1.985  -11.386 7.604   1.00 50.03  ? 141 ARG A NH1 1 
ATOM   988  N NH2 . ARG A 1 119 ? -1.702  -10.621 9.755   1.00 51.71  ? 141 ARG A NH2 1 
ATOM   989  N N   . GLU A 1 120 ? -8.622  -9.845  3.785   1.00 49.84  ? 142 GLU A N   1 
ATOM   990  C CA  . GLU A 1 120 ? -9.588  -10.429 2.855   1.00 48.05  ? 142 GLU A CA  1 
ATOM   991  C C   . GLU A 1 120 ? -9.406  -9.743  1.503   1.00 46.81  ? 142 GLU A C   1 
ATOM   992  O O   . GLU A 1 120 ? -8.884  -8.631  1.503   1.00 49.23  ? 142 GLU A O   1 
ATOM   993  C CB  . GLU A 1 120 ? -11.010 -10.293 3.330   1.00 53.69  ? 142 GLU A CB  1 
ATOM   994  C CG  . GLU A 1 120 ? -11.291 -10.774 4.737   1.00 60.50  ? 142 GLU A CG  1 
ATOM   995  C CD  . GLU A 1 120 ? -11.830 -12.190 4.680   1.00 72.95  ? 142 GLU A CD  1 
ATOM   996  O OE1 . GLU A 1 120 ? -11.005 -13.076 4.356   1.00 72.74  ? 142 GLU A OE1 1 
ATOM   997  O OE2 . GLU A 1 120 ? -13.055 -12.318 4.902   1.00 77.15  ? 142 GLU A OE2 1 
ATOM   998  N N   . PRO A 1 121 ? -9.768  -10.365 0.397   1.00 45.63  ? 143 PRO A N   1 
ATOM   999  C CA  . PRO A 1 121 ? -9.506  -9.865  -0.939  1.00 45.27  ? 143 PRO A CA  1 
ATOM   1000 C C   . PRO A 1 121 ? -10.396 -8.706  -1.369  1.00 43.82  ? 143 PRO A C   1 
ATOM   1001 O O   . PRO A 1 121 ? -10.245 -8.040  -2.408  1.00 44.61  ? 143 PRO A O   1 
ATOM   1002 C CB  . PRO A 1 121 ? -9.749  -11.068 -1.869  1.00 44.63  ? 143 PRO A CB  1 
ATOM   1003 C CG  . PRO A 1 121 ? -9.802  -12.261 -0.966  1.00 45.66  ? 143 PRO A CG  1 
ATOM   1004 C CD  . PRO A 1 121 ? -10.221 -11.795 0.382   1.00 45.88  ? 143 PRO A CD  1 
ATOM   1005 N N   . ASP A 1 122 ? -11.456 -8.553  -0.614  1.00 43.46  ? 144 ASP A N   1 
ATOM   1006 C CA  . ASP A 1 122 ? -12.456 -7.547  -0.885  1.00 47.79  ? 144 ASP A CA  1 
ATOM   1007 C C   . ASP A 1 122 ? -12.970 -7.103  0.486   1.00 47.65  ? 144 ASP A C   1 
ATOM   1008 O O   . ASP A 1 122 ? -12.809 -7.896  1.428   1.00 46.64  ? 144 ASP A O   1 
ATOM   1009 C CB  . ASP A 1 122 ? -13.586 -8.051  -1.804  1.00 50.58  ? 144 ASP A CB  1 
ATOM   1010 C CG  . ASP A 1 122 ? -14.348 -6.859  -2.421  1.00 57.55  ? 144 ASP A CG  1 
ATOM   1011 O OD1 . ASP A 1 122 ? -14.093 -5.676  -2.054  1.00 54.49  ? 144 ASP A OD1 1 
ATOM   1012 O OD2 . ASP A 1 122 ? -15.249 -7.040  -3.283  1.00 55.94  ? 144 ASP A OD2 1 
ATOM   1013 N N   . VAL A 1 123 ? -13.460 -5.863  0.570   1.00 46.35  ? 145 VAL A N   1 
ATOM   1014 C CA  . VAL A 1 123 ? -13.988 -5.362  1.842   1.00 46.61  ? 145 VAL A CA  1 
ATOM   1015 C C   . VAL A 1 123 ? -15.403 -4.805  1.735   1.00 49.85  ? 145 VAL A C   1 
ATOM   1016 O O   . VAL A 1 123 ? -15.938 -4.479  0.657   1.00 48.00  ? 145 VAL A O   1 
ATOM   1017 C CB  . VAL A 1 123 ? -13.100 -4.200  2.377   1.00 47.73  ? 145 VAL A CB  1 
ATOM   1018 C CG1 . VAL A 1 123 ? -11.674 -4.696  2.644   1.00 45.63  ? 145 VAL A CG1 1 
ATOM   1019 C CG2 . VAL A 1 123 ? -13.045 -3.080  1.351   1.00 47.62  ? 145 VAL A CG2 1 
ATOM   1020 N N   . SER A 1 124 ? -16.002 -4.568  2.899   1.00 51.51  ? 146 SER A N   1 
ATOM   1021 C CA  . SER A 1 124 ? -17.355 -4.014  2.932   1.00 56.58  ? 146 SER A CA  1 
ATOM   1022 C C   . SER A 1 124 ? -17.397 -2.620  2.336   1.00 56.17  ? 146 SER A C   1 
ATOM   1023 O O   . SER A 1 124 ? -16.408 -1.919  2.200   1.00 58.51  ? 146 SER A O   1 
ATOM   1024 C CB  . SER A 1 124 ? -17.912 -4.053  4.349   1.00 63.84  ? 146 SER A CB  1 
ATOM   1025 O OG  . SER A 1 124 ? -17.074 -3.389  5.266   1.00 69.69  ? 146 SER A OG  1 
ATOM   1026 N N   . PRO A 1 125 ? -18.541 -2.235  1.790   1.00 57.30  ? 147 PRO A N   1 
ATOM   1027 C CA  . PRO A 1 125 ? -18.753 -0.936  1.178   1.00 57.53  ? 147 PRO A CA  1 
ATOM   1028 C C   . PRO A 1 125 ? -18.615 0.194   2.185   1.00 54.27  ? 147 PRO A C   1 
ATOM   1029 O O   . PRO A 1 125 ? -18.256 1.297   1.805   1.00 54.41  ? 147 PRO A O   1 
ATOM   1030 C CB  . PRO A 1 125 ? -20.173 -1.023  0.599   1.00 60.08  ? 147 PRO A CB  1 
ATOM   1031 C CG  . PRO A 1 125 ? -20.561 -2.454  0.695   1.00 59.19  ? 147 PRO A CG  1 
ATOM   1032 C CD  . PRO A 1 125 ? -19.820 -2.997  1.899   1.00 58.09  ? 147 PRO A CD  1 
ATOM   1033 N N   . GLU A 1 126 ? -18.910 -0.029  3.459   1.00 57.55  ? 148 GLU A N   1 
ATOM   1034 C CA  . GLU A 1 126 ? -18.697 0.991   4.488   1.00 61.86  ? 148 GLU A CA  1 
ATOM   1035 C C   . GLU A 1 126 ? -17.204 1.337   4.576   1.00 61.88  ? 148 GLU A C   1 
ATOM   1036 O O   . GLU A 1 126 ? -16.797 2.495   4.507   1.00 65.60  ? 148 GLU A O   1 
ATOM   1037 C CB  . GLU A 1 126 ? -19.097 0.477   5.863   1.00 68.60  ? 148 GLU A CB  1 
ATOM   1038 C CG  . GLU A 1 126 ? -20.570 0.272   6.130   1.00 80.94  ? 148 GLU A CG  1 
ATOM   1039 C CD  . GLU A 1 126 ? -20.976 -1.165  5.802   1.00 90.32  ? 148 GLU A CD  1 
ATOM   1040 O OE1 . GLU A 1 126 ? -21.651 -1.315  4.752   1.00 91.34  ? 148 GLU A OE1 1 
ATOM   1041 O OE2 . GLU A 1 126 ? -20.580 -2.063  6.585   1.00 88.80  ? 148 GLU A OE2 1 
ATOM   1042 N N   . ILE A 1 127 ? -16.368 0.306   4.707   1.00 61.14  ? 149 ILE A N   1 
ATOM   1043 C CA  . ILE A 1 127 ? -14.916 0.528   4.735   1.00 56.87  ? 149 ILE A CA  1 
ATOM   1044 C C   . ILE A 1 127 ? -14.541 1.325   3.504   1.00 53.04  ? 149 ILE A C   1 
ATOM   1045 O O   . ILE A 1 127 ? -13.744 2.264   3.593   1.00 53.92  ? 149 ILE A O   1 
ATOM   1046 C CB  . ILE A 1 127 ? -14.146 -0.802  4.703   1.00 60.99  ? 149 ILE A CB  1 
ATOM   1047 C CG1 . ILE A 1 127 ? -14.347 -1.596  5.995   1.00 62.30  ? 149 ILE A CG1 1 
ATOM   1048 C CG2 . ILE A 1 127 ? -12.677 -0.613  4.389   1.00 61.52  ? 149 ILE A CG2 1 
ATOM   1049 C CD1 . ILE A 1 127 ? -13.974 -0.798  7.230   1.00 69.30  ? 149 ILE A CD1 1 
ATOM   1050 N N   . LYS A 1 128 ? -15.027 0.895   2.336   1.00 52.96  ? 150 LYS A N   1 
ATOM   1051 C CA  . LYS A 1 128 ? -14.599 1.619   1.137   1.00 54.17  ? 150 LYS A CA  1 
ATOM   1052 C C   . LYS A 1 128 ? -14.921 3.110   1.300   1.00 53.55  ? 150 LYS A C   1 
ATOM   1053 O O   . LYS A 1 128 ? -14.103 3.925   0.884   1.00 51.59  ? 150 LYS A O   1 
ATOM   1054 C CB  . LYS A 1 128 ? -15.114 1.096   -0.197  1.00 54.45  ? 150 LYS A CB  1 
ATOM   1055 C CG  . LYS A 1 128 ? -15.275 -0.419  -0.260  1.00 64.44  ? 150 LYS A CG  1 
ATOM   1056 C CD  . LYS A 1 128 ? -14.927 -0.974  -1.648  1.00 64.06  ? 150 LYS A CD  1 
ATOM   1057 C CE  . LYS A 1 128 ? -15.199 -2.478  -1.710  1.00 68.18  ? 150 LYS A CE  1 
ATOM   1058 N NZ  . LYS A 1 128 ? -14.694 -3.074  -2.994  1.00 59.41  ? 150 LYS A NZ  1 
ATOM   1059 N N   . GLU A 1 129 ? -16.149 3.440   1.679   1.00 53.60  ? 151 GLU A N   1 
ATOM   1060 C CA  . GLU A 1 129 ? -16.565 4.838   1.784   1.00 56.18  ? 151 GLU A CA  1 
ATOM   1061 C C   . GLU A 1 129 ? -15.674 5.645   2.729   1.00 52.70  ? 151 GLU A C   1 
ATOM   1062 O O   . GLU A 1 129 ? -15.078 6.652   2.321   1.00 54.33  ? 151 GLU A O   1 
ATOM   1063 C CB  . GLU A 1 129 ? -18.030 4.802   2.245   1.00 68.29  ? 151 GLU A CB  1 
ATOM   1064 C CG  . GLU A 1 129 ? -19.025 4.473   1.142   1.00 78.06  ? 151 GLU A CG  1 
ATOM   1065 C CD  . GLU A 1 129 ? -18.706 5.085   -0.212  1.00 86.16  ? 151 GLU A CD  1 
ATOM   1066 O OE1 . GLU A 1 129 ? -17.802 4.598   -0.945  1.00 88.19  ? 151 GLU A OE1 1 
ATOM   1067 O OE2 . GLU A 1 129 ? -19.372 6.092   -0.553  1.00 87.40  ? 151 GLU A OE2 1 
ATOM   1068 N N   . GLU A 1 130 ? -15.424 5.134   3.919   1.00 49.30  ? 152 GLU A N   1 
ATOM   1069 C CA  . GLU A 1 130 ? -14.486 5.753   4.853   1.00 55.04  ? 152 GLU A CA  1 
ATOM   1070 C C   . GLU A 1 130 ? -13.121 5.947   4.225   1.00 58.27  ? 152 GLU A C   1 
ATOM   1071 O O   . GLU A 1 130 ? -12.506 7.014   4.324   1.00 62.64  ? 152 GLU A O   1 
ATOM   1072 C CB  . GLU A 1 130 ? -14.385 4.894   6.120   1.00 61.53  ? 152 GLU A CB  1 
ATOM   1073 C CG  . GLU A 1 130 ? -13.974 5.652   7.385   1.00 74.95  ? 152 GLU A CG  1 
ATOM   1074 C CD  . GLU A 1 130 ? -14.337 7.133   7.429   1.00 76.31  ? 152 GLU A CD  1 
ATOM   1075 O OE1 . GLU A 1 130 ? -15.546 7.430   7.604   1.00 71.60  ? 152 GLU A OE1 1 
ATOM   1076 O OE2 . GLU A 1 130 ? -13.452 8.014   7.259   1.00 72.91  ? 152 GLU A OE2 1 
ATOM   1077 N N   . PHE A 1 131 ? -12.664 4.989   3.390   1.00 56.87  ? 153 PHE A N   1 
ATOM   1078 C CA  . PHE A 1 131 ? -11.380 5.158   2.748   1.00 52.73  ? 153 PHE A CA  1 
ATOM   1079 C C   . PHE A 1 131 ? -11.401 6.335   1.809   1.00 51.64  ? 153 PHE A C   1 
ATOM   1080 O O   . PHE A 1 131 ? -10.420 7.087   1.763   1.00 53.32  ? 153 PHE A O   1 
ATOM   1081 C CB  . PHE A 1 131 ? -10.901 3.877   2.031   1.00 50.10  ? 153 PHE A CB  1 
ATOM   1082 C CG  . PHE A 1 131 ? -9.646  4.056   1.227   1.00 42.08  ? 153 PHE A CG  1 
ATOM   1083 C CD1 . PHE A 1 131 ? -8.414  3.991   1.889   1.00 44.72  ? 153 PHE A CD1 1 
ATOM   1084 C CD2 . PHE A 1 131 ? -9.650  4.299   -0.108  1.00 39.25  ? 153 PHE A CD2 1 
ATOM   1085 C CE1 . PHE A 1 131 ? -7.244  4.158   1.200   1.00 40.53  ? 153 PHE A CE1 1 
ATOM   1086 C CE2 . PHE A 1 131 ? -8.484  4.454   -0.849  1.00 45.37  ? 153 PHE A CE2 1 
ATOM   1087 C CZ  . PHE A 1 131 ? -7.259  4.401   -0.170  1.00 50.27  ? 153 PHE A CZ  1 
ATOM   1088 N N   . VAL A 1 132 ? -12.412 6.442   0.941   1.00 53.34  ? 154 VAL A N   1 
ATOM   1089 C CA  . VAL A 1 132 ? -12.382 7.528   -0.063  1.00 53.77  ? 154 VAL A CA  1 
ATOM   1090 C C   . VAL A 1 132 ? -12.406 8.910   0.594   1.00 48.41  ? 154 VAL A C   1 
ATOM   1091 O O   . VAL A 1 132 ? -11.782 9.850   0.134   1.00 47.96  ? 154 VAL A O   1 
ATOM   1092 C CB  . VAL A 1 132 ? -13.483 7.459   -1.137  1.00 60.30  ? 154 VAL A CB  1 
ATOM   1093 C CG1 . VAL A 1 132 ? -14.783 6.911   -0.603  1.00 63.21  ? 154 VAL A CG1 1 
ATOM   1094 C CG2 . VAL A 1 132 ? -13.791 8.851   -1.701  1.00 62.11  ? 154 VAL A CG2 1 
ATOM   1095 N N   . LYS A 1 133 ? -13.202 9.038   1.631   1.00 50.16  ? 155 LYS A N   1 
ATOM   1096 C CA  . LYS A 1 133 ? -13.328 10.260  2.413   1.00 54.54  ? 155 LYS A CA  1 
ATOM   1097 C C   . LYS A 1 133 ? -11.961 10.694  2.958   1.00 54.33  ? 155 LYS A C   1 
ATOM   1098 O O   . LYS A 1 133 ? -11.364 11.683  2.495   1.00 53.28  ? 155 LYS A O   1 
ATOM   1099 C CB  . LYS A 1 133 ? -14.360 9.945   3.486   1.00 59.33  ? 155 LYS A CB  1 
ATOM   1100 C CG  . LYS A 1 133 ? -13.999 10.150  4.937   1.00 69.51  ? 155 LYS A CG  1 
ATOM   1101 C CD  . LYS A 1 133 ? -15.216 9.783   5.802   1.00 77.89  ? 155 LYS A CD  1 
ATOM   1102 C CE  . LYS A 1 133 ? -15.467 10.866  6.844   1.00 82.02  ? 155 LYS A CE  1 
ATOM   1103 N NZ  . LYS A 1 133 ? -16.161 10.320  8.049   1.00 85.78  ? 155 LYS A NZ  1 
ATOM   1104 N N   . ILE A 1 134 ? -11.295 9.762   3.646   1.00 51.77  ? 156 ILE A N   1 
ATOM   1105 C CA  . ILE A 1 134 ? -9.953  10.024  4.136   1.00 50.55  ? 156 ILE A CA  1 
ATOM   1106 C C   . ILE A 1 134 ? -9.025  10.496  3.057   1.00 48.74  ? 156 ILE A C   1 
ATOM   1107 O O   . ILE A 1 134 ? -8.336  11.487  3.251   1.00 50.35  ? 156 ILE A O   1 
ATOM   1108 C CB  . ILE A 1 134 ? -9.303  8.815   4.821   1.00 53.09  ? 156 ILE A CB  1 
ATOM   1109 C CG1 . ILE A 1 134 ? -9.931  8.651   6.199   1.00 50.64  ? 156 ILE A CG1 1 
ATOM   1110 C CG2 . ILE A 1 134 ? -7.792  9.048   4.890   1.00 57.14  ? 156 ILE A CG2 1 
ATOM   1111 C CD1 . ILE A 1 134 ? -9.954  7.193   6.596   1.00 63.34  ? 156 ILE A CD1 1 
ATOM   1112 N N   . VAL A 1 135 ? -9.079  9.819   1.895   1.00 52.93  ? 157 VAL A N   1 
ATOM   1113 C CA  . VAL A 1 135 ? -8.167  10.259  0.819   1.00 49.58  ? 157 VAL A CA  1 
ATOM   1114 C C   . VAL A 1 135 ? -8.545  11.631  0.326   1.00 52.22  ? 157 VAL A C   1 
ATOM   1115 O O   . VAL A 1 135 ? -7.716  12.401  -0.195  1.00 52.33  ? 157 VAL A O   1 
ATOM   1116 C CB  . VAL A 1 135 ? -8.130  9.184   -0.288  1.00 48.19  ? 157 VAL A CB  1 
ATOM   1117 C CG1 . VAL A 1 135 ? -7.564  9.715   -1.591  1.00 40.34  ? 157 VAL A CG1 1 
ATOM   1118 C CG2 . VAL A 1 135 ? -7.337  7.944   0.153   1.00 46.02  ? 157 VAL A CG2 1 
ATOM   1119 N N   . GLN A 1 136 ? -9.862  11.908  0.352   1.00 56.12  ? 158 GLN A N   1 
ATOM   1120 C CA  . GLN A 1 136 ? -10.325 13.215  -0.173  1.00 62.71  ? 158 GLN A CA  1 
ATOM   1121 C C   . GLN A 1 136 ? -9.942  14.340  0.796   1.00 61.56  ? 158 GLN A C   1 
ATOM   1122 O O   . GLN A 1 136 ? -9.413  15.339  0.302   1.00 59.95  ? 158 GLN A O   1 
ATOM   1123 C CB  . GLN A 1 136 ? -11.821 13.205  -0.456  1.00 67.64  ? 158 GLN A CB  1 
ATOM   1124 C CG  . GLN A 1 136 ? -12.235 12.402  -1.695  1.00 70.82  ? 158 GLN A CG  1 
ATOM   1125 C CD  . GLN A 1 136 ? -13.741 12.591  -1.907  1.00 75.10  ? 158 GLN A CD  1 
ATOM   1126 O OE1 . GLN A 1 136 ? -14.105 13.175  -2.936  1.00 77.97  ? 158 GLN A OE1 1 
ATOM   1127 N NE2 . GLN A 1 136 ? -14.546 12.151  -0.951  1.00 67.61  ? 158 GLN A NE2 1 
ATOM   1128 N N   . LYS A 1 137 ? -9.966  14.105  2.100   1.00 62.47  ? 159 LYS A N   1 
ATOM   1129 C CA  . LYS A 1 137 ? -9.407  15.064  3.041   1.00 67.69  ? 159 LYS A CA  1 
ATOM   1130 C C   . LYS A 1 137 ? -7.936  15.396  2.762   1.00 67.95  ? 159 LYS A C   1 
ATOM   1131 O O   . LYS A 1 137 ? -7.496  16.522  3.052   1.00 68.56  ? 159 LYS A O   1 
ATOM   1132 C CB  . LYS A 1 137 ? -9.491  14.556  4.486   1.00 71.19  ? 159 LYS A CB  1 
ATOM   1133 C CG  . LYS A 1 137 ? -8.118  14.557  5.149   1.00 81.41  ? 159 LYS A CG  1 
ATOM   1134 C CD  . LYS A 1 137 ? -7.973  15.584  6.259   1.00 88.14  ? 159 LYS A CD  1 
ATOM   1135 C CE  . LYS A 1 137 ? -7.940  14.891  7.624   1.00 88.67  ? 159 LYS A CE  1 
ATOM   1136 N NZ  . LYS A 1 137 ? -8.814  13.679  7.607   1.00 89.66  ? 159 LYS A NZ  1 
ATOM   1137 N N   . ARG A 1 138 ? -7.156  14.427  2.267   1.00 62.71  ? 160 ARG A N   1 
ATOM   1138 C CA  . ARG A 1 138 ? -5.747  14.669  1.981   1.00 57.59  ? 160 ARG A CA  1 
ATOM   1139 C C   . ARG A 1 138 ? -5.632  15.485  0.717   1.00 59.01  ? 160 ARG A C   1 
ATOM   1140 O O   . ARG A 1 138 ? -4.517  15.846  0.305   1.00 61.54  ? 160 ARG A O   1 
ATOM   1141 C CB  . ARG A 1 138 ? -4.930  13.377  1.850   1.00 59.39  ? 160 ARG A CB  1 
ATOM   1142 C CG  . ARG A 1 138 ? -3.434  13.478  1.611   1.00 59.44  ? 160 ARG A CG  1 
ATOM   1143 C CD  . ARG A 1 138 ? -2.618  13.672  2.893   1.00 58.81  ? 160 ARG A CD  1 
ATOM   1144 N NE  . ARG A 1 138 ? -2.997  14.869  3.642   1.00 53.62  ? 160 ARG A NE  1 
ATOM   1145 C CZ  . ARG A 1 138 ? -2.575  16.102  3.368   1.00 49.04  ? 160 ARG A CZ  1 
ATOM   1146 N NH1 . ARG A 1 138 ? -3.082  17.040  4.154   1.00 53.06  ? 160 ARG A NH1 1 
ATOM   1147 N NH2 . ARG A 1 138 ? -1.684  16.456  2.463   1.00 43.76  ? 160 ARG A NH2 1 
ATOM   1148 N N   . GLY A 1 139 ? -6.765  15.734  0.034   1.00 56.89  ? 161 GLY A N   1 
ATOM   1149 C CA  . GLY A 1 139 ? -6.724  16.556  -1.173  1.00 53.07  ? 161 GLY A CA  1 
ATOM   1150 C C   . GLY A 1 139 ? -6.502  15.775  -2.436  1.00 52.90  ? 161 GLY A C   1 
ATOM   1151 O O   . GLY A 1 139 ? -6.013  16.245  -3.472  1.00 55.28  ? 161 GLY A O   1 
ATOM   1152 N N   . ILE A 1 140 ? -6.773  14.473  -2.384  1.00 52.16  ? 162 ILE A N   1 
ATOM   1153 C CA  . ILE A 1 140 ? -6.581  13.732  -3.647  1.00 54.84  ? 162 ILE A CA  1 
ATOM   1154 C C   . ILE A 1 140 ? -7.966  13.611  -4.266  1.00 52.70  ? 162 ILE A C   1 
ATOM   1155 O O   . ILE A 1 140 ? -8.860  13.263  -3.519  1.00 53.72  ? 162 ILE A O   1 
ATOM   1156 C CB  . ILE A 1 140 ? -5.913  12.384  -3.356  1.00 56.62  ? 162 ILE A CB  1 
ATOM   1157 C CG1 . ILE A 1 140 ? -4.422  12.695  -3.035  1.00 62.24  ? 162 ILE A CG1 1 
ATOM   1158 C CG2 . ILE A 1 140 ? -5.998  11.455  -4.537  1.00 52.99  ? 162 ILE A CG2 1 
ATOM   1159 C CD1 . ILE A 1 140 ? -3.779  11.530  -2.328  1.00 59.41  ? 162 ILE A CD1 1 
ATOM   1160 N N   . VAL A 1 141 ? -8.135  13.682  -5.570  1.00 56.31  ? 163 VAL A N   1 
ATOM   1161 C CA  . VAL A 1 141 ? -9.518  13.528  -6.050  1.00 63.08  ? 163 VAL A CA  1 
ATOM   1162 C C   . VAL A 1 141 ? -9.927  12.098  -6.316  1.00 66.53  ? 163 VAL A C   1 
ATOM   1163 O O   . VAL A 1 141 ? -9.074  11.261  -6.645  1.00 66.39  ? 163 VAL A O   1 
ATOM   1164 C CB  . VAL A 1 141 ? -9.699  14.461  -7.260  1.00 64.49  ? 163 VAL A CB  1 
ATOM   1165 C CG1 . VAL A 1 141 ? -8.894  14.035  -8.457  1.00 61.20  ? 163 VAL A CG1 1 
ATOM   1166 C CG2 . VAL A 1 141 ? -11.189 14.647  -7.492  1.00 75.83  ? 163 VAL A CG2 1 
ATOM   1167 N N   . LYS A 1 142 ? -11.226 11.823  -6.192  1.00 70.15  ? 164 LYS A N   1 
ATOM   1168 C CA  . LYS A 1 142 ? -11.850 10.527  -6.488  1.00 72.60  ? 164 LYS A CA  1 
ATOM   1169 C C   . LYS A 1 142 ? -11.415 9.884   -7.801  1.00 72.04  ? 164 LYS A C   1 
ATOM   1170 O O   . LYS A 1 142 ? -11.160 8.681   -7.899  1.00 74.40  ? 164 LYS A O   1 
ATOM   1171 C CB  . LYS A 1 142 ? -13.372 10.650  -6.580  1.00 73.24  ? 164 LYS A CB  1 
ATOM   1172 C CG  . LYS A 1 142 ? -14.153 10.770  -5.297  1.00 76.95  ? 164 LYS A CG  1 
ATOM   1173 C CD  . LYS A 1 142 ? -15.416 9.918   -5.355  1.00 81.78  ? 164 LYS A CD  1 
ATOM   1174 C CE  . LYS A 1 142 ? -16.604 10.602  -4.707  1.00 87.19  ? 164 LYS A CE  1 
ATOM   1175 N NZ  . LYS A 1 142 ? -16.386 11.040  -3.304  1.00 89.09  ? 164 LYS A NZ  1 
ATOM   1176 N N   . GLU A 1 143 ? -11.294 10.624  -8.891  1.00 67.32  ? 165 GLU A N   1 
ATOM   1177 C CA  . GLU A 1 143 ? -10.842 10.041  -10.142 1.00 69.51  ? 165 GLU A CA  1 
ATOM   1178 C C   . GLU A 1 143 ? -9.517  9.290   -9.945  1.00 66.34  ? 165 GLU A C   1 
ATOM   1179 O O   . GLU A 1 143 ? -9.206  8.394   -10.743 1.00 64.41  ? 165 GLU A O   1 
ATOM   1180 C CB  . GLU A 1 143 ? -10.694 11.076  -11.266 1.00 75.26  ? 165 GLU A CB  1 
ATOM   1181 C CG  . GLU A 1 143 ? -11.847 12.072  -11.326 1.00 84.69  ? 165 GLU A CG  1 
ATOM   1182 C CD  . GLU A 1 143 ? -11.953 12.854  -10.028 1.00 91.82  ? 165 GLU A CD  1 
ATOM   1183 O OE1 . GLU A 1 143 ? -10.931 12.786  -9.298  1.00 98.51  ? 165 GLU A OE1 1 
ATOM   1184 O OE2 . GLU A 1 143 ? -12.942 13.486  -9.639  1.00 92.02  ? 165 GLU A OE2 1 
ATOM   1185 N N   . ASN A 1 144 ? -8.697  9.774   -8.999  1.00 60.63  ? 166 ASN A N   1 
ATOM   1186 C CA  . ASN A 1 144 ? -7.402  9.179   -8.765  1.00 57.90  ? 166 ASN A CA  1 
ATOM   1187 C C   . ASN A 1 144 ? -7.383  7.961   -7.853  1.00 52.95  ? 166 ASN A C   1 
ATOM   1188 O O   . ASN A 1 144 ? -6.319  7.527   -7.418  1.00 55.03  ? 166 ASN A O   1 
ATOM   1189 C CB  . ASN A 1 144 ? -6.433  10.256  -8.238  1.00 58.34  ? 166 ASN A CB  1 
ATOM   1190 C CG  . ASN A 1 144 ? -6.154  11.249  -9.346  1.00 60.16  ? 166 ASN A CG  1 
ATOM   1191 O OD1 . ASN A 1 144 ? -5.044  11.766  -9.491  1.00 60.11  ? 166 ASN A OD1 1 
ATOM   1192 N ND2 . ASN A 1 144 ? -7.230  11.475  -10.099 1.00 63.25  ? 166 ASN A ND2 1 
ATOM   1193 N N   . ILE A 1 145 ? -8.502  7.527   -7.348  1.00 49.45  ? 167 ILE A N   1 
ATOM   1194 C CA  . ILE A 1 145 ? -8.673  6.376   -6.480  1.00 49.59  ? 167 ILE A CA  1 
ATOM   1195 C C   . ILE A 1 145 ? -8.983  5.157   -7.356  1.00 56.73  ? 167 ILE A C   1 
ATOM   1196 O O   . ILE A 1 145 ? -9.939  5.186   -8.135  1.00 57.02  ? 167 ILE A O   1 
ATOM   1197 C CB  . ILE A 1 145 ? -9.850  6.631   -5.565  1.00 44.55  ? 167 ILE A CB  1 
ATOM   1198 C CG1 . ILE A 1 145 ? -9.605  7.911   -4.711  1.00 49.68  ? 167 ILE A CG1 1 
ATOM   1199 C CG2 . ILE A 1 145 ? -10.122 5.425   -4.673  1.00 53.50  ? 167 ILE A CG2 1 
ATOM   1200 C CD1 . ILE A 1 145 ? -10.565 7.931   -3.515  1.00 43.87  ? 167 ILE A CD1 1 
ATOM   1201 N N   . ILE A 1 146 ? -8.148  4.124   -7.337  1.00 56.82  ? 168 ILE A N   1 
ATOM   1202 C CA  . ILE A 1 146 ? -8.325  2.980   -8.227  1.00 51.39  ? 168 ILE A CA  1 
ATOM   1203 C C   . ILE A 1 146 ? -8.738  1.796   -7.385  1.00 49.50  ? 168 ILE A C   1 
ATOM   1204 O O   . ILE A 1 146 ? -8.053  1.572   -6.376  1.00 49.03  ? 168 ILE A O   1 
ATOM   1205 C CB  . ILE A 1 146 ? -7.075  2.640   -9.021  1.00 50.84  ? 168 ILE A CB  1 
ATOM   1206 C CG1 . ILE A 1 146 ? -6.663  3.782   -9.936  1.00 49.61  ? 168 ILE A CG1 1 
ATOM   1207 C CG2 . ILE A 1 146 ? -7.329  1.374   -9.829  1.00 59.39  ? 168 ILE A CG2 1 
ATOM   1208 C CD1 . ILE A 1 146 ? -5.399  3.438   -10.703 1.00 46.28  ? 168 ILE A CD1 1 
ATOM   1209 N N   . ASP A 1 147 ? -9.912  1.245   -7.664  1.00 45.34  ? 169 ASP A N   1 
ATOM   1210 C CA  . ASP A 1 147 ? -10.420 0.123   -6.888  1.00 48.91  ? 169 ASP A CA  1 
ATOM   1211 C C   . ASP A 1 147 ? -9.868  -1.168  -7.510  1.00 52.33  ? 169 ASP A C   1 
ATOM   1212 O O   . ASP A 1 147 ? -10.158 -1.534  -8.649  1.00 53.49  ? 169 ASP A O   1 
ATOM   1213 C CB  . ASP A 1 147 ? -11.927 0.135   -6.751  1.00 49.65  ? 169 ASP A CB  1 
ATOM   1214 C CG  . ASP A 1 147 ? -12.403 -1.152  -6.115  1.00 56.40  ? 169 ASP A CG  1 
ATOM   1215 O OD1 . ASP A 1 147 ? -11.592 -2.110  -6.194  1.00 60.33  ? 169 ASP A OD1 1 
ATOM   1216 O OD2 . ASP A 1 147 ? -13.513 -1.178  -5.546  1.00 54.82  ? 169 ASP A OD2 1 
ATOM   1217 N N   . LEU A 1 148 ? -8.962  -1.777  -6.734  1.00 51.76  ? 170 LEU A N   1 
ATOM   1218 C CA  . LEU A 1 148 ? -8.158  -2.911  -7.178  1.00 45.87  ? 170 LEU A CA  1 
ATOM   1219 C C   . LEU A 1 148 ? -8.912  -4.221  -7.216  1.00 40.49  ? 170 LEU A C   1 
ATOM   1220 O O   . LEU A 1 148 ? -8.480  -5.237  -7.789  1.00 40.98  ? 170 LEU A O   1 
ATOM   1221 C CB  . LEU A 1 148 ? -6.919  -2.945  -6.304  1.00 50.15  ? 170 LEU A CB  1 
ATOM   1222 C CG  . LEU A 1 148 ? -5.572  -2.418  -6.747  1.00 48.79  ? 170 LEU A CG  1 
ATOM   1223 C CD1 . LEU A 1 148 ? -5.536  -1.241  -7.665  1.00 46.46  ? 170 LEU A CD1 1 
ATOM   1224 C CD2 . LEU A 1 148 ? -4.639  -2.176  -5.543  1.00 40.84  ? 170 LEU A CD2 1 
ATOM   1225 N N   . THR A 1 149 ? -9.979  -4.361  -6.456  1.00 36.55  ? 171 THR A N   1 
ATOM   1226 C CA  . THR A 1 149 ? -10.717 -5.626  -6.482  1.00 44.26  ? 171 THR A CA  1 
ATOM   1227 C C   . THR A 1 149 ? -11.416 -5.851  -7.837  1.00 47.55  ? 171 THR A C   1 
ATOM   1228 O O   . THR A 1 149 ? -12.080 -6.863  -8.023  1.00 48.94  ? 171 THR A O   1 
ATOM   1229 C CB  . THR A 1 149 ? -11.796 -5.553  -5.400  1.00 48.67  ? 171 THR A CB  1 
ATOM   1230 O OG1 . THR A 1 149 ? -12.669 -4.499  -5.861  1.00 50.76  ? 171 THR A OG1 1 
ATOM   1231 C CG2 . THR A 1 149 ? -11.192 -5.133  -4.042  1.00 52.80  ? 171 THR A CG2 1 
ATOM   1232 N N   . LYS A 1 150 ? -11.295 -4.961  -8.801  1.00 47.27  ? 172 LYS A N   1 
ATOM   1233 C CA  . LYS A 1 150 ? -12.045 -5.009  -10.040 1.00 57.32  ? 172 LYS A CA  1 
ATOM   1234 C C   . LYS A 1 150 ? -11.114 -5.285  -11.201 1.00 55.87  ? 172 LYS A C   1 
ATOM   1235 O O   . LYS A 1 150 ? -11.525 -5.208  -12.336 1.00 57.76  ? 172 LYS A O   1 
ATOM   1236 C CB  . LYS A 1 150 ? -12.797 -3.669  -10.279 1.00 62.90  ? 172 LYS A CB  1 
ATOM   1237 C CG  . LYS A 1 150 ? -14.039 -3.671  -9.398  1.00 68.24  ? 172 LYS A CG  1 
ATOM   1238 C CD  . LYS A 1 150 ? -14.597 -2.273  -9.198  1.00 77.47  ? 172 LYS A CD  1 
ATOM   1239 C CE  . LYS A 1 150 ? -15.723 -2.346  -8.156  1.00 80.55  ? 172 LYS A CE  1 
ATOM   1240 N NZ  . LYS A 1 150 ? -16.405 -3.684  -8.217  1.00 77.69  ? 172 LYS A NZ  1 
ATOM   1241 N N   . ILE A 1 151 ? -9.851  -5.503  -10.809 1.00 50.22  ? 173 ILE A N   1 
ATOM   1242 C CA  . ILE A 1 151 ? -8.870  -5.842  -11.807 1.00 44.09  ? 173 ILE A CA  1 
ATOM   1243 C C   . ILE A 1 151 ? -8.197  -7.162  -11.437 1.00 43.08  ? 173 ILE A C   1 
ATOM   1244 O O   . ILE A 1 151 ? -8.271  -7.707  -10.338 1.00 44.98  ? 173 ILE A O   1 
ATOM   1245 C CB  . ILE A 1 151 ? -7.849  -4.719  -12.007 1.00 46.71  ? 173 ILE A CB  1 
ATOM   1246 C CG1 . ILE A 1 151 ? -7.167  -4.437  -10.630 1.00 46.70  ? 173 ILE A CG1 1 
ATOM   1247 C CG2 . ILE A 1 151 ? -8.423  -3.426  -12.559 1.00 42.41  ? 173 ILE A CG2 1 
ATOM   1248 C CD1 . ILE A 1 151 ? -5.802  -3.803  -10.898 1.00 48.95  ? 173 ILE A CD1 1 
ATOM   1249 N N   . ASP A 1 152 ? -7.258  -7.530  -12.292 1.00 43.72  ? 174 ASP A N   1 
ATOM   1250 C CA  . ASP A 1 152 ? -6.384  -8.660  -12.093 1.00 45.14  ? 174 ASP A CA  1 
ATOM   1251 C C   . ASP A 1 152 ? -5.194  -8.319  -11.188 1.00 47.08  ? 174 ASP A C   1 
ATOM   1252 O O   . ASP A 1 152 ? -4.205  -7.622  -11.536 1.00 45.61  ? 174 ASP A O   1 
ATOM   1253 C CB  . ASP A 1 152 ? -5.870  -9.067  -13.497 1.00 45.69  ? 174 ASP A CB  1 
ATOM   1254 C CG  . ASP A 1 152 ? -5.009  -10.325 -13.401 1.00 46.97  ? 174 ASP A CG  1 
ATOM   1255 O OD1 . ASP A 1 152 ? -4.382  -10.798 -14.346 1.00 55.21  ? 174 ASP A OD1 1 
ATOM   1256 O OD2 . ASP A 1 152 ? -4.943  -10.856 -12.205 1.00 43.56  ? 174 ASP A OD2 1 
ATOM   1257 N N   . ARG A 1 153 ? -5.182  -8.987  -10.044 1.00 43.29  ? 175 ARG A N   1 
ATOM   1258 C CA  . ARG A 1 153 ? -4.109  -8.820  -9.069  1.00 43.16  ? 175 ARG A CA  1 
ATOM   1259 C C   . ARG A 1 153 ? -3.107  -9.953  -9.036  1.00 46.13  ? 175 ARG A C   1 
ATOM   1260 O O   . ARG A 1 153 ? -2.560  -10.253 -7.974  1.00 44.40  ? 175 ARG A O   1 
ATOM   1261 C CB  . ARG A 1 153 ? -4.793  -8.699  -7.692  1.00 41.02  ? 175 ARG A CB  1 
ATOM   1262 C CG  . ARG A 1 153 ? -5.548  -7.370  -7.635  1.00 37.02  ? 175 ARG A CG  1 
ATOM   1263 C CD  . ARG A 1 153 ? -6.208  -7.064  -6.338  1.00 38.21  ? 175 ARG A CD  1 
ATOM   1264 N NE  . ARG A 1 153 ? -7.415  -7.721  -6.012  1.00 34.73  ? 175 ARG A NE  1 
ATOM   1265 C CZ  . ARG A 1 153 ? -8.199  -7.980  -5.028  1.00 36.10  ? 175 ARG A CZ  1 
ATOM   1266 N NH1 . ARG A 1 153 ? -7.944  -7.549  -3.812  1.00 34.79  ? 175 ARG A NH1 1 
ATOM   1267 N NH2 . ARG A 1 153 ? -9.315  -8.731  -5.188  1.00 41.77  ? 175 ARG A NH2 1 
ATOM   1268 N N   . CYS A 1 154 ? -3.050  -10.731 -10.135 1.00 47.83  ? 176 CYS A N   1 
ATOM   1269 C CA  . CYS A 1 154 ? -2.118  -11.823 -10.279 1.00 41.54  ? 176 CYS A CA  1 
ATOM   1270 C C   . CYS A 1 154 ? -2.225  -12.861 -9.170  1.00 41.48  ? 176 CYS A C   1 
ATOM   1271 O O   . CYS A 1 154 ? -1.160  -13.313 -8.709  1.00 39.89  ? 176 CYS A O   1 
ATOM   1272 C CB  . CYS A 1 154 ? -0.680  -11.259 -10.250 1.00 42.85  ? 176 CYS A CB  1 
ATOM   1273 S SG  . CYS A 1 154 ? -0.361  -10.110 -11.624 1.00 45.00  ? 176 CYS A SG  1 
ATOM   1274 N N   . PHE A 1 155 ? -3.433  -13.223 -8.763  1.00 40.88  ? 177 PHE A N   1 
ATOM   1275 C CA  . PHE A 1 155 ? -3.562  -14.212 -7.696  1.00 43.96  ? 177 PHE A CA  1 
ATOM   1276 C C   . PHE A 1 155 ? -2.895  -15.539 -8.010  1.00 46.49  ? 177 PHE A C   1 
ATOM   1277 O O   . PHE A 1 155 ? -2.528  -16.242 -7.072  1.00 47.02  ? 177 PHE A O   1 
ATOM   1278 C CB  . PHE A 1 155 ? -5.019  -14.424 -7.300  1.00 45.52  ? 177 PHE A CB  1 
ATOM   1279 C CG  . PHE A 1 155 ? -5.660  -13.320 -6.513  1.00 48.39  ? 177 PHE A CG  1 
ATOM   1280 C CD1 . PHE A 1 155 ? -6.941  -13.509 -6.018  1.00 51.67  ? 177 PHE A CD1 1 
ATOM   1281 C CD2 . PHE A 1 155 ? -4.997  -12.130 -6.220  1.00 39.77  ? 177 PHE A CD2 1 
ATOM   1282 C CE1 . PHE A 1 155 ? -7.544  -12.516 -5.244  1.00 50.23  ? 177 PHE A CE1 1 
ATOM   1283 C CE2 . PHE A 1 155 ? -5.620  -11.160 -5.469  1.00 43.86  ? 177 PHE A CE2 1 
ATOM   1284 C CZ  . PHE A 1 155 ? -6.898  -11.345 -4.971  1.00 39.53  ? 177 PHE A CZ  1 
ATOM   1285 N N   . GLN A 1 156 ? -2.681  -15.891 -9.259  1.00 47.00  ? 178 GLN A N   1 
ATOM   1286 C CA  . GLN A 1 156 ? -2.114  -17.165 -9.669  1.00 47.98  ? 178 GLN A CA  1 
ATOM   1287 C C   . GLN A 1 156 ? -0.754  -17.297 -9.002  1.00 48.35  ? 178 GLN A C   1 
ATOM   1288 O O   . GLN A 1 156 ? -0.354  -18.440 -8.742  1.00 45.80  ? 178 GLN A O   1 
ATOM   1289 C CB  . GLN A 1 156 ? -1.828  -17.190 -11.199 1.00 53.28  ? 178 GLN A CB  1 
ATOM   1290 C CG  . GLN A 1 156 ? -2.329  -15.830 -11.791 1.00 64.85  ? 178 GLN A CG  1 
ATOM   1291 C CD  . GLN A 1 156 ? -1.310  -15.275 -12.733 1.00 69.61  ? 178 GLN A CD  1 
ATOM   1292 O OE1 . GLN A 1 156 ? -0.134  -15.292 -12.337 1.00 84.59  ? 178 GLN A OE1 1 
ATOM   1293 N NE2 . GLN A 1 156 ? -1.599  -14.784 -13.921 1.00 66.81  ? 178 GLN A NE2 1 
ATOM   1294 N N   . LEU A 1 157 ? -0.066  -16.140 -8.865  1.00 44.00  ? 179 LEU A N   1 
ATOM   1295 C CA  . LEU A 1 157 ? 1.255   -16.222 -8.249  1.00 43.94  ? 179 LEU A CA  1 
ATOM   1296 C C   . LEU A 1 157 ? 1.271   -16.189 -6.721  1.00 47.70  ? 179 LEU A C   1 
ATOM   1297 O O   . LEU A 1 157 ? 2.405   -16.262 -6.214  1.00 48.62  ? 179 LEU A O   1 
ATOM   1298 C CB  . LEU A 1 157 ? 2.142   -15.072 -8.675  1.00 46.41  ? 179 LEU A CB  1 
ATOM   1299 C CG  . LEU A 1 157 ? 2.576   -15.002 -10.138 1.00 53.90  ? 179 LEU A CG  1 
ATOM   1300 C CD1 . LEU A 1 157 ? 3.436   -13.746 -10.302 1.00 48.88  ? 179 LEU A CD1 1 
ATOM   1301 C CD2 . LEU A 1 157 ? 3.312   -16.289 -10.444 1.00 54.58  ? 179 LEU A CD2 1 
ATOM   1302 N N   . ARG A 1 158 ? 0.185   -15.995 -5.994  1.00 47.32  ? 180 ARG A N   1 
ATOM   1303 C CA  . ARG A 1 158 ? 0.339   -15.869 -4.536  1.00 56.61  ? 180 ARG A CA  1 
ATOM   1304 C C   . ARG A 1 158 ? 0.755   -17.202 -3.906  1.00 67.06  ? 180 ARG A C   1 
ATOM   1305 O O   . ARG A 1 158 ? 0.126   -18.221 -4.232  1.00 68.87  ? 180 ARG A O   1 
ATOM   1306 C CB  . ARG A 1 158 ? -0.992  -15.436 -3.937  1.00 52.75  ? 180 ARG A CB  1 
ATOM   1307 C CG  . ARG A 1 158 ? -1.407  -14.002 -4.335  1.00 41.29  ? 180 ARG A CG  1 
ATOM   1308 C CD  . ARG A 1 158 ? -2.756  -13.834 -3.718  1.00 42.07  ? 180 ARG A CD  1 
ATOM   1309 N NE  . ARG A 1 158 ? -2.726  -13.675 -2.262  1.00 43.96  ? 180 ARG A NE  1 
ATOM   1310 C CZ  . ARG A 1 158 ? -2.390  -12.552 -1.620  1.00 42.81  ? 180 ARG A CZ  1 
ATOM   1311 N NH1 . ARG A 1 158 ? -2.021  -11.421 -2.234  1.00 39.97  ? 180 ARG A NH1 1 
ATOM   1312 N NH2 . ARG A 1 158 ? -2.459  -12.604 -0.308  1.00 46.07  ? 180 ARG A NH2 1 
ATOM   1313 N N   . GLY A 1 159 ? 1.670   -17.139 -2.934  1.00 68.59  ? 181 GLY A N   1 
ATOM   1314 C CA  . GLY A 1 159 ? 2.157   -18.328 -2.269  1.00 69.88  ? 181 GLY A CA  1 
ATOM   1315 C C   . GLY A 1 159 ? 3.613   -18.678 -2.591  1.00 72.44  ? 181 GLY A C   1 
ATOM   1316 O O   . GLY A 1 159 ? 4.123   -19.580 -1.861  1.00 74.67  ? 181 GLY A O   1 
ATOM   1317 O OXT . GLY A 1 159 ? 4.274   -18.187 -3.548  1.00 67.07  ? 181 GLY A OXT 1 
HETATM 1318 O O   . HOH B 2 .   ? 14.021  -0.233  1.058   1.00 41.98  ? 182 HOH A O   1 
HETATM 1319 O O   . HOH B 2 .   ? -0.696  -1.926  -3.162  1.00 39.70  ? 183 HOH A O   1 
HETATM 1320 O O   . HOH B 2 .   ? 9.511   -2.846  12.585  1.00 50.76  ? 184 HOH A O   1 
HETATM 1321 O O   . HOH B 2 .   ? -1.870  -10.262 -5.245  1.00 41.26  ? 185 HOH A O   1 
HETATM 1322 O O   . HOH B 2 .   ? -1.126  5.806   7.869   1.00 53.39  ? 186 HOH A O   1 
HETATM 1323 O O   . HOH B 2 .   ? 4.857   0.357   -2.025  1.00 65.72  ? 187 HOH A O   1 
HETATM 1324 O O   . HOH B 2 .   ? -3.948  -8.751  11.233  1.00 55.87  ? 188 HOH A O   1 
HETATM 1325 O O   . HOH B 2 .   ? -2.854  -8.125  -3.392  1.00 36.43  ? 189 HOH A O   1 
HETATM 1326 O O   . HOH B 2 .   ? 13.360  -2.604  -0.977  1.00 50.86  ? 190 HOH A O   1 
HETATM 1327 O O   . HOH B 2 .   ? 4.307   -2.214  17.129  1.00 67.38  ? 191 HOH A O   1 
HETATM 1328 O O   . HOH B 2 .   ? -2.306  -3.953  -13.488 1.00 48.27  ? 192 HOH A O   1 
HETATM 1329 O O   . HOH B 2 .   ? 8.499   10.783  -9.794  1.00 52.51  ? 193 HOH A O   1 
HETATM 1330 O O   . HOH B 2 .   ? -15.605 -2.150  -4.895  1.00 75.35  ? 194 HOH A O   1 
HETATM 1331 O O   . HOH B 2 .   ? 12.907  9.886   -4.534  1.00 59.37  ? 195 HOH A O   1 
HETATM 1332 O O   . HOH B 2 .   ? -5.022  -13.016 4.745   1.00 51.04  ? 196 HOH A O   1 
HETATM 1333 O O   . HOH B 2 .   ? 1.918   4.423   -16.343 1.00 75.40  ? 197 HOH A O   1 
HETATM 1334 O O   . HOH B 2 .   ? -14.560 -9.321  2.921   1.00 44.89  ? 198 HOH A O   1 
HETATM 1335 O O   . HOH B 2 .   ? 16.548  0.700   2.274   1.00 49.57  ? 199 HOH A O   1 
HETATM 1336 O O   . HOH B 2 .   ? 11.269  18.840  -4.457  1.00 84.42  ? 200 HOH A O   1 
HETATM 1337 O O   . HOH B 2 .   ? 4.032   7.494   15.661  1.00 70.86  ? 201 HOH A O   1 
HETATM 1338 O O   . HOH B 2 .   ? -6.016  17.816  5.082   1.00 68.97  ? 202 HOH A O   1 
HETATM 1339 O O   . HOH B 2 .   ? -5.178  14.588  -7.112  1.00 69.85  ? 203 HOH A O   1 
HETATM 1340 O O   . HOH B 2 .   ? 20.178  -11.814 11.744  1.00 79.01  ? 204 HOH A O   1 
HETATM 1341 O O   . HOH B 2 .   ? 14.870  -1.407  10.282  1.00 59.14  ? 205 HOH A O   1 
HETATM 1342 O O   . HOH B 2 .   ? 14.914  4.318   7.975   1.00 57.46  ? 206 HOH A O   1 
HETATM 1343 O O   . HOH B 2 .   ? -9.985  -8.123  5.994   1.00 55.15  ? 207 HOH A O   1 
HETATM 1344 O O   . HOH B 2 .   ? -5.084  -3.967  -14.903 1.00 68.70  ? 208 HOH A O   1 
HETATM 1345 O O   . HOH B 2 .   ? 0.594   4.662   12.532  1.00 51.25  ? 209 HOH A O   1 
HETATM 1346 O O   . HOH B 2 .   ? -2.254  -4.032  14.480  1.00 68.29  ? 210 HOH A O   1 
HETATM 1347 O O   . HOH B 2 .   ? 0.468   -3.826  -12.401 1.00 49.79  ? 211 HOH A O   1 
HETATM 1348 O O   . HOH B 2 .   ? 5.942   4.837   -13.012 1.00 61.75  ? 212 HOH A O   1 
HETATM 1349 O O   . HOH B 2 .   ? 14.510  10.648  13.544  1.00 60.13  ? 213 HOH A O   1 
HETATM 1350 O O   . HOH B 2 .   ? -7.093  -6.513  -15.317 1.00 53.74  ? 214 HOH A O   1 
HETATM 1351 O O   . HOH B 2 .   ? -3.609  -15.999 -0.927  1.00 51.42  ? 215 HOH A O   1 
HETATM 1352 O O   . HOH B 2 .   ? -10.253 -0.136  -11.171 1.00 58.67  ? 216 HOH A O   1 
HETATM 1353 O O   . HOH B 2 .   ? 11.068  16.489  -3.416  1.00 48.81  ? 217 HOH A O   1 
HETATM 1354 O O   . HOH B 2 .   ? 16.363  6.746   5.394   1.00 60.70  ? 218 HOH A O   1 
HETATM 1355 O O   . HOH B 2 .   ? 15.136  -6.459  10.440  1.00 62.87  ? 219 HOH A O   1 
HETATM 1356 O O   . HOH B 2 .   ? -3.853  -6.056  -13.537 1.00 51.00  ? 220 HOH A O   1 
HETATM 1357 O O   . HOH B 2 .   ? -15.186 1.048   -5.233  1.00 69.80  ? 221 HOH A O   1 
HETATM 1358 O O   . HOH B 2 .   ? 0.185   -13.172 -16.182 1.00 58.99  ? 222 HOH A O   1 
HETATM 1359 O O   . HOH B 2 .   ? -3.184  -1.373  -1.957  1.00 53.71  ? 223 HOH A O   1 
HETATM 1360 O O   . HOH B 2 .   ? -17.288 13.772  -2.823  1.00 77.88  ? 224 HOH A O   1 
HETATM 1361 O O   . HOH B 2 .   ? 4.581   0.047   0.336   1.00 70.41  ? 225 HOH A O   1 
HETATM 1362 O O   . HOH B 2 .   ? 10.079  -15.389 -2.200  1.00 78.57  ? 226 HOH A O   1 
HETATM 1363 O O   . HOH B 2 .   ? -10.730 -9.730  8.076   1.00 66.19  ? 227 HOH A O   1 
HETATM 1364 O O   . HOH B 2 .   ? -8.600  -9.158  -8.289  1.00 55.46  ? 228 HOH A O   1 
HETATM 1365 O O   . HOH B 2 .   ? -8.430  -14.137 3.769   1.00 55.94  ? 229 HOH A O   1 
HETATM 1366 O O   . HOH B 2 .   ? -4.297  16.904  -4.830  1.00 74.65  ? 230 HOH A O   1 
HETATM 1367 O O   . HOH B 2 .   ? 8.839   19.998  -7.006  1.00 63.30  ? 231 HOH A O   1 
HETATM 1368 O O   . HOH B 2 .   ? 13.116  6.727   18.955  1.00 63.04  ? 232 HOH A O   1 
HETATM 1369 O O   . HOH B 2 .   ? 0.556   -1.436  -18.402 1.00 79.82  ? 233 HOH A O   1 
HETATM 1370 O O   . HOH B 2 .   ? 11.584  -3.181  -4.042  1.00 66.80  ? 234 HOH A O   1 
HETATM 1371 O O   . HOH B 2 .   ? 11.894  -12.671 -2.621  1.00 72.96  ? 235 HOH A O   1 
HETATM 1372 O O   . HOH B 2 .   ? 9.813   8.660   -8.491  1.00 58.45  ? 236 HOH A O   1 
HETATM 1373 O O   . HOH B 2 .   ? 4.185   -1.812  -12.491 1.00 67.05  ? 237 HOH A O   1 
HETATM 1374 O O   . HOH B 2 .   ? -18.411 7.294   1.417   1.00 86.96  ? 238 HOH A O   1 
HETATM 1375 O O   . HOH B 2 .   ? 1.059   -8.282  20.649  1.00 75.92  ? 239 HOH A O   1 
HETATM 1376 O O   . HOH B 2 .   ? -2.833  13.021  -11.655 1.00 80.27  ? 240 HOH A O   1 
HETATM 1377 O O   . HOH B 2 .   ? 9.837   -12.530 -4.559  1.00 67.77  ? 241 HOH A O   1 
HETATM 1378 O O   . HOH B 2 .   ? -18.709 2.151   -0.382  1.00 84.71  ? 242 HOH A O   1 
HETATM 1379 O O   . HOH B 2 .   ? 13.495  9.581   -7.385  1.00 70.18  ? 243 HOH A O   1 
HETATM 1380 O O   . HOH B 2 .   ? 0.733   -4.193  -18.192 1.00 68.63  ? 244 HOH A O   1 
HETATM 1381 O O   . HOH B 2 .   ? 3.595   0.495   14.085  1.00 66.50  ? 245 HOH A O   1 
HETATM 1382 O O   . HOH B 2 .   ? 15.043  6.385   17.527  1.00 77.96  ? 246 HOH A O   1 
HETATM 1383 O O   . HOH B 2 .   ? 16.804  5.001   -3.681  1.00 75.85  ? 247 HOH A O   1 
HETATM 1384 O O   . HOH B 2 .   ? -12.595 -8.588  -6.201  1.00 69.75  ? 248 HOH A O   1 
HETATM 1385 O O   . HOH B 2 .   ? 16.223  6.291   10.221  1.00 72.79  ? 249 HOH A O   1 
HETATM 1386 O O   . HOH B 2 .   ? -4.244  -14.831 -15.160 1.00 69.45  ? 250 HOH A O   1 
HETATM 1387 O O   . HOH B 2 .   ? -0.178  11.547  -13.891 1.00 74.71  ? 251 HOH A O   1 
HETATM 1388 O O   . HOH B 2 .   ? -6.690  -11.325 -9.182  1.00 60.96  ? 252 HOH A O   1 
HETATM 1389 O O   . HOH B 2 .   ? 11.424  -11.970 -6.604  1.00 70.64  ? 253 HOH A O   1 
HETATM 1390 O O   . HOH B 2 .   ? -2.496  17.562  -6.811  1.00 80.64  ? 254 HOH A O   1 
HETATM 1391 O O   . HOH B 2 .   ? -4.543  11.709  5.720   1.00 73.73  ? 255 HOH A O   1 
HETATM 1392 O O   . HOH B 2 .   ? -4.388  15.189  5.926   1.00 64.35  ? 256 HOH A O   1 
HETATM 1393 O O   . HOH B 2 .   ? -2.610  -11.089 13.314  1.00 69.37  ? 257 HOH A O   1 
HETATM 1394 O O   . HOH B 2 .   ? -2.160  -12.846 -15.476 1.00 69.72  ? 258 HOH A O   1 
HETATM 1395 O O   . HOH B 2 .   ? -6.400  2.200   -13.767 1.00 70.13  ? 259 HOH A O   1 
HETATM 1396 O O   . HOH B 2 .   ? 6.781   -13.879 -14.367 1.00 81.36  ? 260 HOH A O   1 
# 
